data_8FDQ
# 
_entry.id   8FDQ 
# 
_audit_conform.dict_name       mmcif_pdbx.dic 
_audit_conform.dict_version    5.378 
_audit_conform.dict_location   http://mmcif.pdb.org/dictionaries/ascii/mmcif_pdbx.dic 
# 
loop_
_database_2.database_id 
_database_2.database_code 
_database_2.pdbx_database_accession 
_database_2.pdbx_DOI 
PDB   8FDQ         pdb_00008fdq 10.2210/pdb8fdq/pdb 
WWPDB D_1000270472 ?            ?                   
# 
_pdbx_database_status.status_code                     REL 
_pdbx_database_status.status_code_sf                  REL 
_pdbx_database_status.status_code_mr                  ? 
_pdbx_database_status.entry_id                        8FDQ 
_pdbx_database_status.recvd_initial_deposition_date   2022-12-04 
_pdbx_database_status.SG_entry                        N 
_pdbx_database_status.deposit_site                    RCSB 
_pdbx_database_status.process_site                    RCSB 
_pdbx_database_status.status_code_cs                  ? 
_pdbx_database_status.status_code_nmr_data            ? 
_pdbx_database_status.methods_development_category    ? 
_pdbx_database_status.pdb_format_compatible           Y 
# 
loop_
_audit_author.name 
_audit_author.pdbx_ordinal 
_audit_author.identifier_ORCID 
'Ogboona, E.N.' 1 0000-0002-0762-0603 
'Wilson, W.D.'  2 0000-0001-5225-5089 
# 
loop_
_citation.abstract 
_citation.abstract_id_CAS 
_citation.book_id_ISBN 
_citation.book_publisher 
_citation.book_publisher_city 
_citation.book_title 
_citation.coordinate_linkage 
_citation.country 
_citation.database_id_Medline 
_citation.details 
_citation.id 
_citation.journal_abbrev 
_citation.journal_id_ASTM 
_citation.journal_id_CSD 
_citation.journal_id_ISSN 
_citation.journal_full 
_citation.journal_issue 
_citation.journal_volume 
_citation.language 
_citation.page_first 
_citation.page_last 
_citation.title 
_citation.year 
_citation.database_id_CSD 
_citation.pdbx_database_id_DOI 
_citation.pdbx_database_id_PubMed 
_citation.pdbx_database_id_patent 
_citation.unpublished_flag 
? ? ? ? ? ? ? US ? ? primary 'Acs Bio Med Chem Au' ?      ?    2694-2437 ? ? 3   ? 335  348  
'X-ray Structure Characterization of the Selective Recognition of AT Base Pair Sequences.' 2023 ? 10.1021/acsbiomedchemau.3c00002 
37599788 ? ? 
? ? ? ? ? ? ? UK ? ? 1       'J Mol Biol'          JMOBAK 0070 0022-2836 ? ? 226 ? 1161 1173 
;Molecular structure of the B-DNA dodecamer d(CGCAAATTTGCG)2. An examination of propeller twist and minor-groove water structure at 2.2 A resolution.
;
1992 ? '10.1016/0022-2836(92)91059-x'  1518049  ? ? 
# 
loop_
_citation_author.citation_id 
_citation_author.name 
_citation_author.ordinal 
_citation_author.identifier_ORCID 
primary 'Ogbonna, E.N.' 1  ?                   
primary 'Paul, A.'      2  0000-0003-4592-3442 
primary 'Farahat, A.A.' 3  ?                   
primary 'Terrell, J.R.' 4  ?                   
primary 'Mineva, E.'    5  ?                   
primary 'Ogbonna, V.'   6  ?                   
primary 'Boykin, D.W.'  7  ?                   
primary 'Wilson, W.D.'  8  0000-0001-5225-5089 
1       'Edwards, K.J.' 9  ?                   
1       'Brown, D.G.'   10 ?                   
1       'Spink, N.'     11 ?                   
1       'Skelly, J.V.'  12 ?                   
1       'Neidle, S.'    13 ?                   
# 
_cell.angle_alpha                  90.000 
_cell.angle_alpha_esd              ? 
_cell.angle_beta                   90.000 
_cell.angle_beta_esd               ? 
_cell.angle_gamma                  90.000 
_cell.angle_gamma_esd              ? 
_cell.entry_id                     8FDQ 
_cell.details                      ? 
_cell.formula_units_Z              ? 
_cell.length_a                     24.380 
_cell.length_a_esd                 ? 
_cell.length_b                     38.980 
_cell.length_b_esd                 ? 
_cell.length_c                     60.800 
_cell.length_c_esd                 ? 
_cell.volume                       ? 
_cell.volume_esd                   ? 
_cell.Z_PDB                        8 
_cell.reciprocal_angle_alpha       ? 
_cell.reciprocal_angle_beta        ? 
_cell.reciprocal_angle_gamma       ? 
_cell.reciprocal_angle_alpha_esd   ? 
_cell.reciprocal_angle_beta_esd    ? 
_cell.reciprocal_angle_gamma_esd   ? 
_cell.reciprocal_length_a          ? 
_cell.reciprocal_length_b          ? 
_cell.reciprocal_length_c          ? 
_cell.reciprocal_length_a_esd      ? 
_cell.reciprocal_length_b_esd      ? 
_cell.reciprocal_length_c_esd      ? 
_cell.pdbx_unique_axis             ? 
_cell.pdbx_esd_method              ? 
# 
_symmetry.entry_id                         8FDQ 
_symmetry.cell_setting                     ? 
_symmetry.Int_Tables_number                19 
_symmetry.space_group_name_Hall            ? 
_symmetry.space_group_name_H-M             'P 21 21 21' 
_symmetry.pdbx_full_space_group_name_H-M   ? 
# 
loop_
_entity.id 
_entity.type 
_entity.src_method 
_entity.pdbx_description 
_entity.formula_weight 
_entity.pdbx_number_of_molecules 
_entity.pdbx_ec 
_entity.pdbx_mutation 
_entity.pdbx_fragment 
_entity.details 
1 polymer     syn 
;DNA (5'-D(*CP*GP*CP*AP*AP*AP*TP*TP*TP*GP*CP*G)-3')
;
3662.404 2  ? ? ? 
;A self-comlementary DNA (5'-CGCAAATTTCGC) bound by a ligand (DB1476)
;
2 non-polymer syn "4,4'-(1H-benzimidazole-2,6-diyl)di(benzene-1-carboximidamide)" 354.408  1  ? ? ? ? 
3 non-polymer syn 'MAGNESIUM ION'                                                 24.305   1  ? ? ? ? 
4 water       nat water                                                           18.015   72 ? ? ? ? 
# 
_entity_poly.entity_id                      1 
_entity_poly.type                           polydeoxyribonucleotide 
_entity_poly.nstd_linkage                   no 
_entity_poly.nstd_monomer                   no 
_entity_poly.pdbx_seq_one_letter_code       '(DC)(DG)(DC)(DA)(DA)(DA)(DT)(DT)(DT)(DG)(DC)(DG)' 
_entity_poly.pdbx_seq_one_letter_code_can   CGCAAATTTGCG 
_entity_poly.pdbx_strand_id                 B,C 
_entity_poly.pdbx_target_identifier         ? 
# 
loop_
_entity_poly_seq.entity_id 
_entity_poly_seq.num 
_entity_poly_seq.mon_id 
_entity_poly_seq.hetero 
1 1  DC n 
1 2  DG n 
1 3  DC n 
1 4  DA n 
1 5  DA n 
1 6  DA n 
1 7  DT n 
1 8  DT n 
1 9  DT n 
1 10 DG n 
1 11 DC n 
1 12 DG n 
# 
_pdbx_entity_src_syn.entity_id              1 
_pdbx_entity_src_syn.pdbx_src_id            1 
_pdbx_entity_src_syn.pdbx_alt_source_flag   sample 
_pdbx_entity_src_syn.pdbx_beg_seq_num       1 
_pdbx_entity_src_syn.pdbx_end_seq_num       12 
_pdbx_entity_src_syn.organism_scientific    'Homo sapiens' 
_pdbx_entity_src_syn.organism_common_name   ? 
_pdbx_entity_src_syn.ncbi_taxonomy_id       9606 
_pdbx_entity_src_syn.details                ? 
# 
_struct_ref.id                         1 
_struct_ref.db_name                    PDB 
_struct_ref.db_code                    8FDQ 
_struct_ref.pdbx_db_accession          8FDQ 
_struct_ref.pdbx_db_isoform            ? 
_struct_ref.entity_id                  1 
_struct_ref.pdbx_seq_one_letter_code   ? 
_struct_ref.pdbx_align_begin           1 
# 
loop_
_struct_ref_seq.align_id 
_struct_ref_seq.ref_id 
_struct_ref_seq.pdbx_PDB_id_code 
_struct_ref_seq.pdbx_strand_id 
_struct_ref_seq.seq_align_beg 
_struct_ref_seq.pdbx_seq_align_beg_ins_code 
_struct_ref_seq.seq_align_end 
_struct_ref_seq.pdbx_seq_align_end_ins_code 
_struct_ref_seq.pdbx_db_accession 
_struct_ref_seq.db_align_beg 
_struct_ref_seq.pdbx_db_align_beg_ins_code 
_struct_ref_seq.db_align_end 
_struct_ref_seq.pdbx_db_align_end_ins_code 
_struct_ref_seq.pdbx_auth_seq_align_beg 
_struct_ref_seq.pdbx_auth_seq_align_end 
1 1 8FDQ B 1 ? 12 ? 8FDQ 1  ? 12 ? 1  12 
2 1 8FDQ C 1 ? 12 ? 8FDQ 13 ? 24 ? 13 24 
# 
loop_
_chem_comp.id 
_chem_comp.type 
_chem_comp.mon_nstd_flag 
_chem_comp.name 
_chem_comp.pdbx_synonyms 
_chem_comp.formula 
_chem_comp.formula_weight 
DA  'DNA linking' y "2'-DEOXYADENOSINE-5'-MONOPHOSPHATE"                            ? 'C10 H14 N5 O6 P' 331.222 
DC  'DNA linking' y "2'-DEOXYCYTIDINE-5'-MONOPHOSPHATE"                             ? 'C9 H14 N3 O7 P'  307.197 
DG  'DNA linking' y "2'-DEOXYGUANOSINE-5'-MONOPHOSPHATE"                            ? 'C10 H14 N5 O7 P' 347.221 
DT  'DNA linking' y "THYMIDINE-5'-MONOPHOSPHATE"                                    ? 'C10 H15 N2 O8 P' 322.208 
HOH non-polymer   . WATER                                                           ? 'H2 O'            18.015  
MG  non-polymer   . 'MAGNESIUM ION'                                                 ? 'Mg 2'            24.305  
WFB non-polymer   . "4,4'-(1H-benzimidazole-2,6-diyl)di(benzene-1-carboximidamide)" ? 'C21 H18 N6'      354.408 
# 
_exptl.absorpt_coefficient_mu     ? 
_exptl.absorpt_correction_T_max   ? 
_exptl.absorpt_correction_T_min   ? 
_exptl.absorpt_correction_type    ? 
_exptl.absorpt_process_details    ? 
_exptl.entry_id                   8FDQ 
_exptl.crystals_number            1 
_exptl.details                    ? 
_exptl.method                     'X-RAY DIFFRACTION' 
_exptl.method_details             ? 
# 
_exptl_crystal.colour                       ? 
_exptl_crystal.density_diffrn               ? 
_exptl_crystal.density_Matthews             1.97 
_exptl_crystal.density_method               ? 
_exptl_crystal.density_percent_sol          37.63 
_exptl_crystal.description                  ? 
_exptl_crystal.F_000                        ? 
_exptl_crystal.id                           1 
_exptl_crystal.preparation                  ? 
_exptl_crystal.size_max                     ? 
_exptl_crystal.size_mid                     ? 
_exptl_crystal.size_min                     ? 
_exptl_crystal.size_rad                     ? 
_exptl_crystal.colour_lustre                ? 
_exptl_crystal.colour_modifier              ? 
_exptl_crystal.colour_primary               ? 
_exptl_crystal.density_meas                 ? 
_exptl_crystal.density_meas_esd             ? 
_exptl_crystal.density_meas_gt              ? 
_exptl_crystal.density_meas_lt              ? 
_exptl_crystal.density_meas_temp            ? 
_exptl_crystal.density_meas_temp_esd        ? 
_exptl_crystal.density_meas_temp_gt         ? 
_exptl_crystal.density_meas_temp_lt         ? 
_exptl_crystal.pdbx_crystal_image_url       ? 
_exptl_crystal.pdbx_crystal_image_format    ? 
_exptl_crystal.pdbx_mosaicity               ? 
_exptl_crystal.pdbx_mosaicity_esd           ? 
_exptl_crystal.pdbx_mosaic_method           ? 
_exptl_crystal.pdbx_mosaic_block_size       ? 
_exptl_crystal.pdbx_mosaic_block_size_esd   ? 
# 
_exptl_crystal_grow.apparatus       ? 
_exptl_crystal_grow.atmosphere      ? 
_exptl_crystal_grow.crystal_id      1 
_exptl_crystal_grow.details         ? 
_exptl_crystal_grow.method          'VAPOR DIFFUSION, HANGING DROP' 
_exptl_crystal_grow.method_ref      ? 
_exptl_crystal_grow.pH              ? 
_exptl_crystal_grow.pressure        ? 
_exptl_crystal_grow.pressure_esd    ? 
_exptl_crystal_grow.seeding         ? 
_exptl_crystal_grow.seeding_ref     ? 
_exptl_crystal_grow.temp_details    ? 
_exptl_crystal_grow.temp_esd        ? 
_exptl_crystal_grow.time            ? 
_exptl_crystal_grow.pdbx_details    
'MPD, SODIUM CACODYLATE TRIHYDRATE, SPERMINE TETRACHLORIDE, SODIUM CHLORIDE, MAGNESIUM HEXAHYDRATE' 
_exptl_crystal_grow.pdbx_pH_range   ? 
_exptl_crystal_grow.temp            298 
# 
_diffrn.ambient_environment              ? 
_diffrn.ambient_temp                     100 
_diffrn.ambient_temp_details             ? 
_diffrn.ambient_temp_esd                 ? 
_diffrn.crystal_id                       1 
_diffrn.crystal_support                  ? 
_diffrn.crystal_treatment                ? 
_diffrn.details                          ? 
_diffrn.id                               1 
_diffrn.ambient_pressure                 ? 
_diffrn.ambient_pressure_esd             ? 
_diffrn.ambient_pressure_gt              ? 
_diffrn.ambient_pressure_lt              ? 
_diffrn.ambient_temp_gt                  ? 
_diffrn.ambient_temp_lt                  ? 
_diffrn.pdbx_serial_crystal_experiment   N 
# 
_diffrn_detector.details                      ? 
_diffrn_detector.detector                     PIXEL 
_diffrn_detector.diffrn_id                    1 
_diffrn_detector.type                         'DECTRIS EIGER X 9M' 
_diffrn_detector.area_resol_mean              ? 
_diffrn_detector.dtime                        ? 
_diffrn_detector.pdbx_frames_total            ? 
_diffrn_detector.pdbx_collection_time_total   ? 
_diffrn_detector.pdbx_collection_date         2022-06-07 
_diffrn_detector.pdbx_frequency               ? 
_diffrn_detector.id                           ? 
_diffrn_detector.number_of_axes               ? 
# 
_diffrn_radiation.collimation                      ? 
_diffrn_radiation.diffrn_id                        1 
_diffrn_radiation.filter_edge                      ? 
_diffrn_radiation.inhomogeneity                    ? 
_diffrn_radiation.monochromator                    ? 
_diffrn_radiation.polarisn_norm                    ? 
_diffrn_radiation.polarisn_ratio                   ? 
_diffrn_radiation.probe                            ? 
_diffrn_radiation.type                             ? 
_diffrn_radiation.xray_symbol                      ? 
_diffrn_radiation.wavelength_id                    1 
_diffrn_radiation.pdbx_monochromatic_or_laue_m_l   M 
_diffrn_radiation.pdbx_wavelength_list             ? 
_diffrn_radiation.pdbx_wavelength                  ? 
_diffrn_radiation.pdbx_diffrn_protocol             'SINGLE WAVELENGTH' 
_diffrn_radiation.pdbx_analyzer                    ? 
_diffrn_radiation.pdbx_scattering_type             x-ray 
# 
_diffrn_radiation_wavelength.id           1 
_diffrn_radiation_wavelength.wavelength   1 
_diffrn_radiation_wavelength.wt           1.0 
# 
_diffrn_source.current                     ? 
_diffrn_source.details                     ? 
_diffrn_source.diffrn_id                   1 
_diffrn_source.power                       ? 
_diffrn_source.size                        ? 
_diffrn_source.source                      SYNCHROTRON 
_diffrn_source.target                      ? 
_diffrn_source.type                        'NSLS-II BEAMLINE 17-ID-1' 
_diffrn_source.voltage                     ? 
_diffrn_source.take-off_angle              ? 
_diffrn_source.pdbx_wavelength_list        1 
_diffrn_source.pdbx_wavelength             ? 
_diffrn_source.pdbx_synchrotron_beamline   17-ID-1 
_diffrn_source.pdbx_synchrotron_site       NSLS-II 
# 
_reflns.B_iso_Wilson_estimate                          ? 
_reflns.entry_id                                       8FDQ 
_reflns.data_reduction_details                         ? 
_reflns.data_reduction_method                          ? 
_reflns.d_resolution_high                              1.54 
_reflns.d_resolution_low                               23.97 
_reflns.details                                        ? 
_reflns.limit_h_max                                    ? 
_reflns.limit_h_min                                    ? 
_reflns.limit_k_max                                    ? 
_reflns.limit_k_min                                    ? 
_reflns.limit_l_max                                    ? 
_reflns.limit_l_min                                    ? 
_reflns.number_all                                     ? 
_reflns.number_obs                                     8995 
_reflns.observed_criterion                             ? 
_reflns.observed_criterion_F_max                       ? 
_reflns.observed_criterion_F_min                       ? 
_reflns.observed_criterion_I_max                       ? 
_reflns.observed_criterion_I_min                       ? 
_reflns.observed_criterion_sigma_F                     ? 
_reflns.observed_criterion_sigma_I                     ? 
_reflns.percent_possible_obs                           99.3 
_reflns.R_free_details                                 ? 
_reflns.Rmerge_F_all                                   ? 
_reflns.Rmerge_F_obs                                   ? 
_reflns.Friedel_coverage                               ? 
_reflns.number_gt                                      ? 
_reflns.threshold_expression                           ? 
_reflns.pdbx_redundancy                                2 
_reflns.pdbx_netI_over_av_sigmaI                       ? 
_reflns.pdbx_netI_over_sigmaI                          14.06 
_reflns.pdbx_res_netI_over_av_sigmaI_2                 ? 
_reflns.pdbx_res_netI_over_sigmaI_2                    ? 
_reflns.pdbx_chi_squared                               ? 
_reflns.pdbx_scaling_rejects                           ? 
_reflns.pdbx_d_res_high_opt                            ? 
_reflns.pdbx_d_res_low_opt                             ? 
_reflns.pdbx_d_res_opt_method                          ? 
_reflns.phase_calculation_details                      ? 
_reflns.pdbx_Rrim_I_all                                ? 
_reflns.pdbx_Rpim_I_all                                ? 
_reflns.pdbx_d_opt                                     ? 
_reflns.pdbx_number_measured_all                       ? 
_reflns.pdbx_diffrn_id                                 1 
_reflns.pdbx_ordinal                                   1 
_reflns.pdbx_CC_half                                   0.999 
_reflns.pdbx_CC_star                                   ? 
_reflns.pdbx_R_split                                   ? 
_reflns.pdbx_Rmerge_I_obs                              0.01743 
_reflns.pdbx_Rmerge_I_all                              ? 
_reflns.pdbx_Rsym_value                                ? 
_reflns.pdbx_CC_split_method                           ? 
_reflns.pdbx_aniso_diffraction_limit_axis_1_ortho[1]   ? 
_reflns.pdbx_aniso_diffraction_limit_axis_1_ortho[2]   ? 
_reflns.pdbx_aniso_diffraction_limit_axis_1_ortho[3]   ? 
_reflns.pdbx_aniso_diffraction_limit_axis_2_ortho[1]   ? 
_reflns.pdbx_aniso_diffraction_limit_axis_2_ortho[2]   ? 
_reflns.pdbx_aniso_diffraction_limit_axis_2_ortho[3]   ? 
_reflns.pdbx_aniso_diffraction_limit_axis_3_ortho[1]   ? 
_reflns.pdbx_aniso_diffraction_limit_axis_3_ortho[2]   ? 
_reflns.pdbx_aniso_diffraction_limit_axis_3_ortho[3]   ? 
_reflns.pdbx_aniso_diffraction_limit_1                 ? 
_reflns.pdbx_aniso_diffraction_limit_2                 ? 
_reflns.pdbx_aniso_diffraction_limit_3                 ? 
_reflns.pdbx_aniso_B_tensor_eigenvector_1_ortho[1]     ? 
_reflns.pdbx_aniso_B_tensor_eigenvector_1_ortho[2]     ? 
_reflns.pdbx_aniso_B_tensor_eigenvector_1_ortho[3]     ? 
_reflns.pdbx_aniso_B_tensor_eigenvector_2_ortho[1]     ? 
_reflns.pdbx_aniso_B_tensor_eigenvector_2_ortho[2]     ? 
_reflns.pdbx_aniso_B_tensor_eigenvector_2_ortho[3]     ? 
_reflns.pdbx_aniso_B_tensor_eigenvector_3_ortho[1]     ? 
_reflns.pdbx_aniso_B_tensor_eigenvector_3_ortho[2]     ? 
_reflns.pdbx_aniso_B_tensor_eigenvector_3_ortho[3]     ? 
_reflns.pdbx_aniso_B_tensor_eigenvalue_1               ? 
_reflns.pdbx_aniso_B_tensor_eigenvalue_2               ? 
_reflns.pdbx_aniso_B_tensor_eigenvalue_3               ? 
_reflns.pdbx_orthogonalization_convention              ? 
_reflns.pdbx_percent_possible_ellipsoidal              ? 
_reflns.pdbx_percent_possible_spherical                ? 
_reflns.pdbx_percent_possible_ellipsoidal_anomalous    ? 
_reflns.pdbx_percent_possible_spherical_anomalous      ? 
_reflns.pdbx_redundancy_anomalous                      ? 
_reflns.pdbx_CC_half_anomalous                         ? 
_reflns.pdbx_absDiff_over_sigma_anomalous              ? 
_reflns.pdbx_percent_possible_anomalous                ? 
_reflns.pdbx_observed_signal_threshold                 ? 
_reflns.pdbx_signal_type                               ? 
_reflns.pdbx_signal_details                            ? 
_reflns.pdbx_signal_software_id                        ? 
# 
_reflns_shell.d_res_high                                    1.54 
_reflns_shell.d_res_low                                     1.595 
_reflns_shell.meanI_over_sigI_all                           ? 
_reflns_shell.meanI_over_sigI_obs                           ? 
_reflns_shell.number_measured_all                           ? 
_reflns_shell.number_measured_obs                           ? 
_reflns_shell.number_possible                               ? 
_reflns_shell.number_unique_all                             ? 
_reflns_shell.number_unique_obs                             879 
_reflns_shell.percent_possible_obs                          ? 
_reflns_shell.Rmerge_F_all                                  ? 
_reflns_shell.Rmerge_F_obs                                  ? 
_reflns_shell.meanI_over_sigI_gt                            ? 
_reflns_shell.meanI_over_uI_all                             ? 
_reflns_shell.meanI_over_uI_gt                              ? 
_reflns_shell.number_measured_gt                            ? 
_reflns_shell.number_unique_gt                              ? 
_reflns_shell.percent_possible_gt                           ? 
_reflns_shell.Rmerge_F_gt                                   ? 
_reflns_shell.Rmerge_I_gt                                   ? 
_reflns_shell.pdbx_redundancy                               ? 
_reflns_shell.pdbx_chi_squared                              ? 
_reflns_shell.pdbx_netI_over_sigmaI_all                     ? 
_reflns_shell.pdbx_netI_over_sigmaI_obs                     ? 
_reflns_shell.pdbx_Rrim_I_all                               ? 
_reflns_shell.pdbx_Rpim_I_all                               ? 
_reflns_shell.pdbx_rejects                                  ? 
_reflns_shell.pdbx_ordinal                                  1 
_reflns_shell.pdbx_diffrn_id                                1 
_reflns_shell.pdbx_CC_half                                  0.931 
_reflns_shell.pdbx_CC_star                                  ? 
_reflns_shell.pdbx_R_split                                  ? 
_reflns_shell.percent_possible_all                          ? 
_reflns_shell.Rmerge_I_all                                  ? 
_reflns_shell.Rmerge_I_obs                                  ? 
_reflns_shell.pdbx_Rsym_value                               ? 
_reflns_shell.pdbx_percent_possible_ellipsoidal             ? 
_reflns_shell.pdbx_percent_possible_spherical               ? 
_reflns_shell.pdbx_percent_possible_ellipsoidal_anomalous   ? 
_reflns_shell.pdbx_percent_possible_spherical_anomalous     ? 
_reflns_shell.pdbx_redundancy_anomalous                     ? 
_reflns_shell.pdbx_CC_half_anomalous                        ? 
_reflns_shell.pdbx_absDiff_over_sigma_anomalous             ? 
_reflns_shell.pdbx_percent_possible_anomalous               ? 
# 
_refine.aniso_B[1][1]                            ? 
_refine.aniso_B[1][2]                            ? 
_refine.aniso_B[1][3]                            ? 
_refine.aniso_B[2][2]                            ? 
_refine.aniso_B[2][3]                            ? 
_refine.aniso_B[3][3]                            ? 
_refine.B_iso_max                                74.530 
_refine.B_iso_mean                               26.8375 
_refine.B_iso_min                                13.290 
_refine.correlation_coeff_Fo_to_Fc               ? 
_refine.correlation_coeff_Fo_to_Fc_free          ? 
_refine.details                                  ? 
_refine.diff_density_max                         ? 
_refine.diff_density_max_esd                     ? 
_refine.diff_density_min                         ? 
_refine.diff_density_min_esd                     ? 
_refine.diff_density_rms                         ? 
_refine.diff_density_rms_esd                     ? 
_refine.entry_id                                 8FDQ 
_refine.pdbx_refine_id                           'X-RAY DIFFRACTION' 
_refine.ls_abs_structure_details                 ? 
_refine.ls_abs_structure_Flack                   ? 
_refine.ls_abs_structure_Flack_esd               ? 
_refine.ls_abs_structure_Rogers                  ? 
_refine.ls_abs_structure_Rogers_esd              ? 
_refine.ls_d_res_high                            1.5400 
_refine.ls_d_res_low                             23.9700 
_refine.ls_extinction_coef                       ? 
_refine.ls_extinction_coef_esd                   ? 
_refine.ls_extinction_expression                 ? 
_refine.ls_extinction_method                     ? 
_refine.ls_goodness_of_fit_all                   ? 
_refine.ls_goodness_of_fit_all_esd               ? 
_refine.ls_goodness_of_fit_obs                   ? 
_refine.ls_goodness_of_fit_obs_esd               ? 
_refine.ls_hydrogen_treatment                    ? 
_refine.ls_matrix_type                           ? 
_refine.ls_number_constraints                    ? 
_refine.ls_number_parameters                     ? 
_refine.ls_number_reflns_all                     ? 
_refine.ls_number_reflns_obs                     8995 
_refine.ls_number_reflns_R_free                  902 
_refine.ls_number_reflns_R_work                  8093 
_refine.ls_number_restraints                     ? 
_refine.ls_percent_reflns_obs                    99.3300 
_refine.ls_percent_reflns_R_free                 10.0300 
_refine.ls_R_factor_all                          ? 
_refine.ls_R_factor_obs                          0.2082 
_refine.ls_R_factor_R_free                       0.2422 
_refine.ls_R_factor_R_free_error                 ? 
_refine.ls_R_factor_R_free_error_details         ? 
_refine.ls_R_factor_R_work                       0.2044 
_refine.ls_R_Fsqd_factor_obs                     ? 
_refine.ls_R_I_factor_obs                        ? 
_refine.ls_redundancy_reflns_all                 ? 
_refine.ls_redundancy_reflns_obs                 ? 
_refine.ls_restrained_S_all                      ? 
_refine.ls_restrained_S_obs                      ? 
_refine.ls_shift_over_esd_max                    ? 
_refine.ls_shift_over_esd_mean                   ? 
_refine.ls_structure_factor_coef                 ? 
_refine.ls_weighting_details                     ? 
_refine.ls_weighting_scheme                      ? 
_refine.ls_wR_factor_all                         ? 
_refine.ls_wR_factor_obs                         ? 
_refine.ls_wR_factor_R_free                      ? 
_refine.ls_wR_factor_R_work                      ? 
_refine.occupancy_max                            ? 
_refine.occupancy_min                            ? 
_refine.solvent_model_details                    'FLAT BULK SOLVENT MODEL' 
_refine.solvent_model_param_bsol                 ? 
_refine.solvent_model_param_ksol                 ? 
_refine.pdbx_R_complete                          ? 
_refine.ls_R_factor_gt                           ? 
_refine.ls_goodness_of_fit_gt                    ? 
_refine.ls_goodness_of_fit_ref                   ? 
_refine.ls_shift_over_su_max                     ? 
_refine.ls_shift_over_su_max_lt                  ? 
_refine.ls_shift_over_su_mean                    ? 
_refine.ls_shift_over_su_mean_lt                 ? 
_refine.pdbx_ls_sigma_I                          ? 
_refine.pdbx_ls_sigma_F                          1.340 
_refine.pdbx_ls_sigma_Fsqd                       ? 
_refine.pdbx_data_cutoff_high_absF               ? 
_refine.pdbx_data_cutoff_high_rms_absF           ? 
_refine.pdbx_data_cutoff_low_absF                ? 
_refine.pdbx_isotropic_thermal_model             ? 
_refine.pdbx_ls_cross_valid_method               THROUGHOUT 
_refine.pdbx_method_to_determine_struct          'MOLECULAR REPLACEMENT' 
_refine.pdbx_starting_model                      ? 
_refine.pdbx_stereochemistry_target_values       ML 
_refine.pdbx_R_Free_selection_details            ? 
_refine.pdbx_stereochem_target_val_spec_case     ? 
_refine.pdbx_overall_ESU_R                       ? 
_refine.pdbx_overall_ESU_R_Free                  ? 
_refine.pdbx_solvent_vdw_probe_radii             1.1100 
_refine.pdbx_solvent_ion_probe_radii             ? 
_refine.pdbx_solvent_shrinkage_radii             0.9000 
_refine.pdbx_real_space_R                        ? 
_refine.pdbx_density_correlation                 ? 
_refine.pdbx_pd_number_of_powder_patterns        ? 
_refine.pdbx_pd_number_of_points                 ? 
_refine.pdbx_pd_meas_number_of_points            ? 
_refine.pdbx_pd_proc_ls_prof_R_factor            ? 
_refine.pdbx_pd_proc_ls_prof_wR_factor           ? 
_refine.pdbx_pd_Marquardt_correlation_coeff      ? 
_refine.pdbx_pd_Fsqrd_R_factor                   ? 
_refine.pdbx_pd_ls_matrix_band_width             ? 
_refine.pdbx_overall_phase_error                 27.5800 
_refine.pdbx_overall_SU_R_free_Cruickshank_DPI   ? 
_refine.pdbx_overall_SU_R_free_Blow_DPI          ? 
_refine.pdbx_overall_SU_R_Blow_DPI               ? 
_refine.pdbx_TLS_residual_ADP_flag               ? 
_refine.pdbx_diffrn_id                           1 
_refine.overall_SU_B                             ? 
_refine.overall_SU_ML                            0.1900 
_refine.overall_SU_R_Cruickshank_DPI             ? 
_refine.overall_SU_R_free                        ? 
_refine.overall_FOM_free_R_set                   ? 
_refine.overall_FOM_work_R_set                   ? 
_refine.pdbx_average_fsc_overall                 ? 
_refine.pdbx_average_fsc_work                    ? 
_refine.pdbx_average_fsc_free                    ? 
# 
_refine_hist.pdbx_refine_id                   'X-RAY DIFFRACTION' 
_refine_hist.cycle_id                         final 
_refine_hist.details                          ? 
_refine_hist.d_res_high                       1.5400 
_refine_hist.d_res_low                        23.9700 
_refine_hist.number_atoms_solvent             72 
_refine_hist.number_atoms_total               606 
_refine_hist.number_reflns_all                ? 
_refine_hist.number_reflns_obs                ? 
_refine_hist.number_reflns_R_free             ? 
_refine_hist.number_reflns_R_work             ? 
_refine_hist.R_factor_all                     ? 
_refine_hist.R_factor_obs                     ? 
_refine_hist.R_factor_R_free                  ? 
_refine_hist.R_factor_R_work                  ? 
_refine_hist.pdbx_number_residues_total       24 
_refine_hist.pdbx_B_iso_mean_ligand           32.98 
_refine_hist.pdbx_B_iso_mean_solvent          35.83 
_refine_hist.pdbx_number_atoms_protein        0 
_refine_hist.pdbx_number_atoms_nucleic_acid   486 
_refine_hist.pdbx_number_atoms_ligand         48 
_refine_hist.pdbx_number_atoms_lipid          ? 
_refine_hist.pdbx_number_atoms_carb           ? 
_refine_hist.pdbx_pseudo_atom_details         ? 
# 
loop_
_refine_ls_restr_ncs.pdbx_refine_id 
_refine_ls_restr_ncs.dom_id 
_refine_ls_restr_ncs.ncs_model_details 
_refine_ls_restr_ncs.rms_dev_B_iso 
_refine_ls_restr_ncs.rms_dev_position 
_refine_ls_restr_ncs.weight_B_iso 
_refine_ls_restr_ncs.weight_position 
_refine_ls_restr_ncs.pdbx_ordinal 
_refine_ls_restr_ncs.pdbx_type 
_refine_ls_restr_ncs.pdbx_asym_id 
_refine_ls_restr_ncs.pdbx_auth_asym_id 
_refine_ls_restr_ncs.pdbx_number 
_refine_ls_restr_ncs.pdbx_rms 
_refine_ls_restr_ncs.pdbx_weight 
_refine_ls_restr_ncs.pdbx_ens_id 
'X-RAY DIFFRACTION' 1 ? ? ? ? ? 1 TORSIONAL ? B 232 8.113 ? 1 
'X-RAY DIFFRACTION' 2 ? ? ? ? ? 2 TORSIONAL ? C 232 8.113 ? 1 
# 
loop_
_refine_ls_shell.pdbx_refine_id 
_refine_ls_shell.d_res_high 
_refine_ls_shell.d_res_low 
_refine_ls_shell.number_reflns_all 
_refine_ls_shell.number_reflns_obs 
_refine_ls_shell.number_reflns_R_free 
_refine_ls_shell.number_reflns_R_work 
_refine_ls_shell.percent_reflns_obs 
_refine_ls_shell.percent_reflns_R_free 
_refine_ls_shell.R_factor_all 
_refine_ls_shell.R_factor_obs 
_refine_ls_shell.R_factor_R_free_error 
_refine_ls_shell.R_factor_R_work 
_refine_ls_shell.redundancy_reflns_all 
_refine_ls_shell.redundancy_reflns_obs 
_refine_ls_shell.wR_factor_all 
_refine_ls_shell.wR_factor_obs 
_refine_ls_shell.wR_factor_R_free 
_refine_ls_shell.wR_factor_R_work 
_refine_ls_shell.pdbx_R_complete 
_refine_ls_shell.pdbx_total_number_of_bins_used 
_refine_ls_shell.pdbx_phase_error 
_refine_ls_shell.pdbx_fsc_work 
_refine_ls_shell.pdbx_fsc_free 
_refine_ls_shell.R_factor_R_free 
'X-RAY DIFFRACTION' 1.5400 1.6400  1460 . 147 1313 99.0000  . . . 0.0000 0.2589 . . . . . . . 6 . . . 0.3120 
'X-RAY DIFFRACTION' 1.6400 1.7600  1463 . 146 1317 99.0000  . . . 0.0000 0.2447 . . . . . . . 6 . . . 0.3390 
'X-RAY DIFFRACTION' 1.7600 1.9400  1468 . 147 1321 99.0000  . . . 0.0000 0.2255 . . . . . . . 6 . . . 0.2675 
'X-RAY DIFFRACTION' 1.9400 2.2200  1496 . 150 1346 100.0000 . . . 0.0000 0.2387 . . . . . . . 6 . . . 0.3062 
'X-RAY DIFFRACTION' 2.2200 2.8000  1510 . 151 1359 100.0000 . . . 0.0000 0.2464 . . . . . . . 6 . . . 0.2744 
'X-RAY DIFFRACTION' 2.8000 23.9700 1598 . 161 1437 99.0000  . . . 0.0000 0.1697 . . . . . . . 6 . . . 0.1976 
# 
loop_
_struct_ncs_dom.pdbx_ens_id 
_struct_ncs_dom.id 
_struct_ncs_dom.details 
1 1 'chain B'                           
1 2 '(chain C and resid 13 through 24)' 
# 
loop_
_struct_ncs_dom_lim.pdbx_ens_id 
_struct_ncs_dom_lim.dom_id 
_struct_ncs_dom_lim.pdbx_component_id 
_struct_ncs_dom_lim.beg_label_asym_id 
_struct_ncs_dom_lim.beg_label_comp_id 
_struct_ncs_dom_lim.beg_label_seq_id 
_struct_ncs_dom_lim.beg_label_alt_id 
_struct_ncs_dom_lim.end_label_asym_id 
_struct_ncs_dom_lim.end_label_comp_id 
_struct_ncs_dom_lim.end_label_seq_id 
_struct_ncs_dom_lim.end_label_alt_id 
_struct_ncs_dom_lim.beg_auth_asym_id 
_struct_ncs_dom_lim.beg_auth_comp_id 
_struct_ncs_dom_lim.beg_auth_seq_id 
_struct_ncs_dom_lim.end_auth_asym_id 
_struct_ncs_dom_lim.end_auth_comp_id 
_struct_ncs_dom_lim.end_auth_seq_id 
_struct_ncs_dom_lim.pdbx_refine_code 
_struct_ncs_dom_lim.selection_details 
1 1 1 A DC 1 . A DG 12 . B DC 1  B DG 12 ? 'chain B'                           
1 2 1 B DC 1 . B DG 12 . C DC 13 C DG 24 ? '(chain C and resid 13 through 24)' 
# 
_struct_ncs_ens.id        1 
_struct_ncs_ens.details   ? 
# 
_struct.entry_id                     8FDQ 
_struct.title                        
;An AT-specific DNA 5-CGCAAATTTCGC-3' with benzimidazole (DB1476) complex
;
_struct.pdbx_model_details           ? 
_struct.pdbx_formula_weight          ? 
_struct.pdbx_formula_weight_method   ? 
_struct.pdbx_model_type_details      ? 
_struct.pdbx_CASP_flag               N 
# 
_struct_keywords.entry_id        8FDQ 
_struct_keywords.text            'DNA, AT sequence, Minor groove' 
_struct_keywords.pdbx_keywords   DNA 
# 
loop_
_struct_asym.id 
_struct_asym.pdbx_blank_PDB_chainid_flag 
_struct_asym.pdbx_modified 
_struct_asym.entity_id 
_struct_asym.details 
A N N 1 ? 
B N N 1 ? 
C N N 2 ? 
D N N 3 ? 
E N N 4 ? 
F N N 4 ? 
# 
loop_
_struct_conn.id 
_struct_conn.conn_type_id 
_struct_conn.pdbx_leaving_atom_flag 
_struct_conn.pdbx_PDB_id 
_struct_conn.ptnr1_label_asym_id 
_struct_conn.ptnr1_label_comp_id 
_struct_conn.ptnr1_label_seq_id 
_struct_conn.ptnr1_label_atom_id 
_struct_conn.pdbx_ptnr1_label_alt_id 
_struct_conn.pdbx_ptnr1_PDB_ins_code 
_struct_conn.pdbx_ptnr1_standard_comp_id 
_struct_conn.ptnr1_symmetry 
_struct_conn.ptnr2_label_asym_id 
_struct_conn.ptnr2_label_comp_id 
_struct_conn.ptnr2_label_seq_id 
_struct_conn.ptnr2_label_atom_id 
_struct_conn.pdbx_ptnr2_label_alt_id 
_struct_conn.pdbx_ptnr2_PDB_ins_code 
_struct_conn.ptnr1_auth_asym_id 
_struct_conn.ptnr1_auth_comp_id 
_struct_conn.ptnr1_auth_seq_id 
_struct_conn.ptnr2_auth_asym_id 
_struct_conn.ptnr2_auth_comp_id 
_struct_conn.ptnr2_auth_seq_id 
_struct_conn.ptnr2_symmetry 
_struct_conn.pdbx_ptnr3_label_atom_id 
_struct_conn.pdbx_ptnr3_label_seq_id 
_struct_conn.pdbx_ptnr3_label_comp_id 
_struct_conn.pdbx_ptnr3_label_asym_id 
_struct_conn.pdbx_ptnr3_label_alt_id 
_struct_conn.pdbx_ptnr3_PDB_ins_code 
_struct_conn.details 
_struct_conn.pdbx_dist_value 
_struct_conn.pdbx_value_order 
_struct_conn.pdbx_role 
metalc1  metalc ? ? E HOH .  O  ? ? ? 1_555 D MG  .  MG ? ? B HOH 206 C MG  101 1_555 ? ? ? ? ? ? ?            2.005 ? ? 
metalc2  metalc ? ? D MG  .  MG ? ? ? 1_555 F HOH .  O  ? ? C MG  101 C HOH 206 1_555 ? ? ? ? ? ? ?            2.015 ? ? 
metalc3  metalc ? ? D MG  .  MG ? ? ? 1_555 F HOH .  O  ? ? C MG  101 C HOH 209 1_555 ? ? ? ? ? ? ?            2.230 ? ? 
metalc4  metalc ? ? D MG  .  MG ? ? ? 1_555 F HOH .  O  ? ? C MG  101 C HOH 211 3_545 ? ? ? ? ? ? ?            2.228 ? ? 
metalc5  metalc ? ? D MG  .  MG ? ? ? 1_555 F HOH .  O  ? ? C MG  101 C HOH 212 3_545 ? ? ? ? ? ? ?            2.125 ? ? 
metalc6  metalc ? ? D MG  .  MG ? ? ? 1_555 F HOH .  O  ? ? C MG  101 C HOH 220 3_545 ? ? ? ? ? ? ?            1.998 ? ? 
hydrog1  hydrog ? ? A DC  1  N3 ? ? ? 1_555 B DG  12 N1 ? ? B DC  1   C DG  24  1_555 ? ? ? ? ? ? WATSON-CRICK ?     ? ? 
hydrog2  hydrog ? ? A DC  1  N4 ? ? ? 1_555 B DG  12 O6 ? ? B DC  1   C DG  24  1_555 ? ? ? ? ? ? WATSON-CRICK ?     ? ? 
hydrog3  hydrog ? ? A DC  1  O2 ? ? ? 1_555 B DG  12 N2 ? ? B DC  1   C DG  24  1_555 ? ? ? ? ? ? WATSON-CRICK ?     ? ? 
hydrog4  hydrog ? ? A DG  2  N1 ? ? ? 1_555 B DC  11 N3 ? ? B DG  2   C DC  23  1_555 ? ? ? ? ? ? WATSON-CRICK ?     ? ? 
hydrog5  hydrog ? ? A DG  2  N2 ? ? ? 1_555 B DC  11 O2 ? ? B DG  2   C DC  23  1_555 ? ? ? ? ? ? WATSON-CRICK ?     ? ? 
hydrog6  hydrog ? ? A DG  2  O6 ? ? ? 1_555 B DC  11 N4 ? ? B DG  2   C DC  23  1_555 ? ? ? ? ? ? WATSON-CRICK ?     ? ? 
hydrog7  hydrog ? ? A DC  3  N3 ? ? ? 1_555 B DG  10 N1 ? ? B DC  3   C DG  22  1_555 ? ? ? ? ? ? WATSON-CRICK ?     ? ? 
hydrog8  hydrog ? ? A DC  3  N4 ? ? ? 1_555 B DG  10 O6 ? ? B DC  3   C DG  22  1_555 ? ? ? ? ? ? WATSON-CRICK ?     ? ? 
hydrog9  hydrog ? ? A DC  3  O2 ? ? ? 1_555 B DG  10 N2 ? ? B DC  3   C DG  22  1_555 ? ? ? ? ? ? WATSON-CRICK ?     ? ? 
hydrog10 hydrog ? ? A DA  4  N1 ? ? ? 1_555 B DT  9  N3 ? ? B DA  4   C DT  21  1_555 ? ? ? ? ? ? WATSON-CRICK ?     ? ? 
hydrog11 hydrog ? ? A DA  4  N6 ? ? ? 1_555 B DT  9  O4 ? ? B DA  4   C DT  21  1_555 ? ? ? ? ? ? WATSON-CRICK ?     ? ? 
hydrog12 hydrog ? ? A DA  5  N1 ? ? ? 1_555 B DT  8  N3 ? ? B DA  5   C DT  20  1_555 ? ? ? ? ? ? WATSON-CRICK ?     ? ? 
hydrog13 hydrog ? ? A DA  5  N6 ? ? ? 1_555 B DT  8  O4 ? ? B DA  5   C DT  20  1_555 ? ? ? ? ? ? WATSON-CRICK ?     ? ? 
hydrog14 hydrog ? ? A DA  6  N1 ? ? ? 1_555 B DT  7  N3 ? ? B DA  6   C DT  19  1_555 ? ? ? ? ? ? WATSON-CRICK ?     ? ? 
hydrog15 hydrog ? ? A DA  6  N6 ? ? ? 1_555 B DT  7  O4 ? ? B DA  6   C DT  19  1_555 ? ? ? ? ? ? WATSON-CRICK ?     ? ? 
hydrog16 hydrog ? ? A DT  7  N3 ? ? ? 1_555 B DA  6  N1 ? ? B DT  7   C DA  18  1_555 ? ? ? ? ? ? WATSON-CRICK ?     ? ? 
hydrog17 hydrog ? ? A DT  7  O4 ? ? ? 1_555 B DA  6  N6 ? ? B DT  7   C DA  18  1_555 ? ? ? ? ? ? WATSON-CRICK ?     ? ? 
hydrog18 hydrog ? ? A DT  8  N3 ? ? ? 1_555 B DA  5  N1 ? ? B DT  8   C DA  17  1_555 ? ? ? ? ? ? WATSON-CRICK ?     ? ? 
hydrog19 hydrog ? ? A DT  8  O4 ? ? ? 1_555 B DA  5  N6 ? ? B DT  8   C DA  17  1_555 ? ? ? ? ? ? WATSON-CRICK ?     ? ? 
hydrog20 hydrog ? ? A DT  9  N3 ? ? ? 1_555 B DA  4  N1 ? ? B DT  9   C DA  16  1_555 ? ? ? ? ? ? WATSON-CRICK ?     ? ? 
hydrog21 hydrog ? ? A DT  9  O4 ? ? ? 1_555 B DA  4  N6 ? ? B DT  9   C DA  16  1_555 ? ? ? ? ? ? WATSON-CRICK ?     ? ? 
hydrog22 hydrog ? ? A DG  10 N1 ? ? ? 1_555 B DC  3  N3 ? ? B DG  10  C DC  15  1_555 ? ? ? ? ? ? WATSON-CRICK ?     ? ? 
hydrog23 hydrog ? ? A DG  10 N2 ? ? ? 1_555 B DC  3  O2 ? ? B DG  10  C DC  15  1_555 ? ? ? ? ? ? WATSON-CRICK ?     ? ? 
hydrog24 hydrog ? ? A DG  10 O6 ? ? ? 1_555 B DC  3  N4 ? ? B DG  10  C DC  15  1_555 ? ? ? ? ? ? WATSON-CRICK ?     ? ? 
hydrog25 hydrog ? ? A DC  11 N3 ? ? ? 1_555 B DG  2  N1 ? ? B DC  11  C DG  14  1_555 ? ? ? ? ? ? WATSON-CRICK ?     ? ? 
hydrog26 hydrog ? ? A DC  11 N4 ? ? ? 1_555 B DG  2  O6 ? ? B DC  11  C DG  14  1_555 ? ? ? ? ? ? WATSON-CRICK ?     ? ? 
hydrog27 hydrog ? ? A DC  11 O2 ? ? ? 1_555 B DG  2  N2 ? ? B DC  11  C DG  14  1_555 ? ? ? ? ? ? WATSON-CRICK ?     ? ? 
hydrog28 hydrog ? ? A DG  12 N1 ? ? ? 1_555 B DC  1  N3 ? ? B DG  12  C DC  13  1_555 ? ? ? ? ? ? WATSON-CRICK ?     ? ? 
hydrog29 hydrog ? ? A DG  12 N2 ? ? ? 1_555 B DC  1  O2 ? ? B DG  12  C DC  13  1_555 ? ? ? ? ? ? WATSON-CRICK ?     ? ? 
hydrog30 hydrog ? ? A DG  12 O6 ? ? ? 1_555 B DC  1  N4 ? ? B DG  12  C DC  13  1_555 ? ? ? ? ? ? WATSON-CRICK ?     ? ? 
# 
loop_
_struct_conn_type.id 
_struct_conn_type.criteria 
_struct_conn_type.reference 
metalc ? ? 
hydrog ? ? 
# 
_atom_sites.entry_id                    8FDQ 
_atom_sites.Cartn_transf_matrix[1][1]   ? 
_atom_sites.Cartn_transf_matrix[1][2]   ? 
_atom_sites.Cartn_transf_matrix[1][3]   ? 
_atom_sites.Cartn_transf_matrix[2][1]   ? 
_atom_sites.Cartn_transf_matrix[2][2]   ? 
_atom_sites.Cartn_transf_matrix[2][3]   ? 
_atom_sites.Cartn_transf_matrix[3][1]   ? 
_atom_sites.Cartn_transf_matrix[3][2]   ? 
_atom_sites.Cartn_transf_matrix[3][3]   ? 
_atom_sites.Cartn_transf_vector[1]      ? 
_atom_sites.Cartn_transf_vector[2]      ? 
_atom_sites.Cartn_transf_vector[3]      ? 
_atom_sites.fract_transf_matrix[1][1]   0.03493038 
_atom_sites.fract_transf_matrix[1][2]   0.00652118 
_atom_sites.fract_transf_matrix[1][3]   -0.02048748 
_atom_sites.fract_transf_matrix[2][1]   -0.00463038 
_atom_sites.fract_transf_matrix[2][2]   -0.02066890 
_atom_sites.fract_transf_matrix[2][3]   -0.01447356 
_atom_sites.fract_transf_matrix[3][1]   -0.00809398 
_atom_sites.fract_transf_matrix[3][2]   0.00938494 
_atom_sites.fract_transf_matrix[3][3]   -0.01081269 
_atom_sites.fract_transf_vector[1]      -0.057809 
_atom_sites.fract_transf_vector[2]      -0.046612 
_atom_sites.fract_transf_vector[3]      0.112649 
_atom_sites.solution_primary            ? 
_atom_sites.solution_secondary          ? 
_atom_sites.solution_hydrogens          ? 
_atom_sites.special_details             ? 
# 
loop_
_atom_type.symbol 
C  
H  
MG 
N  
O  
P  
# 
loop_
_atom_site.group_PDB 
_atom_site.id 
_atom_site.type_symbol 
_atom_site.label_atom_id 
_atom_site.label_alt_id 
_atom_site.label_comp_id 
_atom_site.label_asym_id 
_atom_site.label_entity_id 
_atom_site.label_seq_id 
_atom_site.pdbx_PDB_ins_code 
_atom_site.Cartn_x 
_atom_site.Cartn_y 
_atom_site.Cartn_z 
_atom_site.occupancy 
_atom_site.B_iso_or_equiv 
_atom_site.pdbx_formal_charge 
_atom_site.auth_seq_id 
_atom_site.auth_comp_id 
_atom_site.auth_asym_id 
_atom_site.auth_atom_id 
_atom_site.pdbx_PDB_model_num 
ATOM   1   O  "O5'"  . DC  A 1 1  ? 11.119  -20.214 0.483   1.00 62.16 ? 1   DC  B "O5'"  1 
ATOM   2   C  "C5'"  . DC  A 1 1  ? 10.681  -18.879 0.703   1.00 41.30 ? 1   DC  B "C5'"  1 
ATOM   3   C  "C4'"  . DC  A 1 1  ? 9.291   -18.857 1.312   1.00 38.45 ? 1   DC  B "C4'"  1 
ATOM   4   O  "O4'"  . DC  A 1 1  ? 9.354   -18.311 2.653   1.00 30.93 ? 1   DC  B "O4'"  1 
ATOM   5   C  "C3'"  . DC  A 1 1  ? 8.266   -18.027 0.565   1.00 30.61 ? 1   DC  B "C3'"  1 
ATOM   6   O  "O3'"  . DC  A 1 1  ? 6.994   -18.725 0.577   1.00 37.05 ? 1   DC  B "O3'"  1 
ATOM   7   C  "C2'"  . DC  A 1 1  ? 8.263   -16.704 1.337   1.00 36.37 ? 1   DC  B "C2'"  1 
ATOM   8   C  "C1'"  . DC  A 1 1  ? 8.536   -17.166 2.752   1.00 31.88 ? 1   DC  B "C1'"  1 
ATOM   9   N  N1     . DC  A 1 1  ? 9.270   -16.208 3.622   1.00 23.27 ? 1   DC  B N1     1 
ATOM   10  C  C2     . DC  A 1 1  ? 8.700   -15.775 4.819   1.00 22.45 ? 1   DC  B C2     1 
ATOM   11  O  O2     . DC  A 1 1  ? 7.535   -16.092 5.083   1.00 27.74 ? 1   DC  B O2     1 
ATOM   12  N  N3     . DC  A 1 1  ? 9.412   -14.969 5.628   1.00 17.47 ? 1   DC  B N3     1 
ATOM   13  C  C4     . DC  A 1 1  ? 10.657  -14.628 5.305   1.00 25.19 ? 1   DC  B C4     1 
ATOM   14  N  N4     . DC  A 1 1  ? 11.328  -13.837 6.153   1.00 24.73 ? 1   DC  B N4     1 
ATOM   15  C  C5     . DC  A 1 1  ? 11.279  -15.103 4.118   1.00 23.65 ? 1   DC  B C5     1 
ATOM   16  C  C6     . DC  A 1 1  ? 10.565  -15.898 3.324   1.00 22.02 ? 1   DC  B C6     1 
ATOM   17  H  "H5'"  . DC  A 1 1  ? 10.666  -18.405 -0.143  1.00 49.50 ? 1   DC  B "H5'"  1 
ATOM   18  H  "H5''" . DC  A 1 1  ? 11.300  -18.434 1.304   1.00 49.50 ? 1   DC  B "H5''" 1 
ATOM   19  H  "H4'"  . DC  A 1 1  ? 8.962   -19.768 1.369   1.00 46.08 ? 1   DC  B "H4'"  1 
ATOM   20  H  "H3'"  . DC  A 1 1  ? 8.539   -17.845 -0.348  1.00 36.67 ? 1   DC  B "H3'"  1 
ATOM   21  H  "H2'"  . DC  A 1 1  ? 8.958   -16.106 1.020   1.00 43.58 ? 1   DC  B "H2'"  1 
ATOM   22  H  "H2''" . DC  A 1 1  ? 7.406   -16.255 1.270   1.00 43.58 ? 1   DC  B "H2''" 1 
ATOM   23  H  "H1'"  . DC  A 1 1  ? 7.676   -17.369 3.153   1.00 38.19 ? 1   DC  B "H1'"  1 
ATOM   24  H  H41    . DC  A 1 1  ? 12.133  -13.599 5.972   1.00 29.61 ? 1   DC  B H41    1 
ATOM   25  H  H42    . DC  A 1 1  ? 10.950  -13.567 6.877   1.00 29.61 ? 1   DC  B H42    1 
ATOM   26  H  H5     . DC  A 1 1  ? 12.154  -14.867 3.904   1.00 28.31 ? 1   DC  B H5     1 
ATOM   27  H  H6     . DC  A 1 1  ? 10.953  -16.247 2.554   1.00 26.36 ? 1   DC  B H6     1 
ATOM   28  H  "HO5'" . DC  A 1 1  ? 11.545  -20.404 -0.218  1.00 74.53 ? 1   DC  B "HO5'" 1 
ATOM   29  P  P      . DG  A 1 2  ? 5.855   -18.396 -0.513  1.00 46.71 ? 2   DG  B P      1 
ATOM   30  O  OP1    . DG  A 1 2  ? 5.245   -19.685 -0.904  1.00 56.53 ? 2   DG  B OP1    1 
ATOM   31  O  OP2    . DG  A 1 2  ? 6.403   -17.482 -1.536  1.00 38.71 ? 2   DG  B OP2    1 
ATOM   32  O  "O5'"  . DG  A 1 2  ? 4.767   -17.558 0.282   1.00 34.20 ? 2   DG  B "O5'"  1 
ATOM   33  C  "C5'"  . DG  A 1 2  ? 4.258   -18.032 1.483   1.00 32.71 ? 2   DG  B "C5'"  1 
ATOM   34  C  "C4'"  . DG  A 1 2  ? 3.652   -16.895 2.247   1.00 28.77 ? 2   DG  B "C4'"  1 
ATOM   35  O  "O4'"  . DG  A 1 2  ? 4.700   -16.092 2.818   1.00 30.59 ? 2   DG  B "O4'"  1 
ATOM   36  C  "C3'"  . DG  A 1 2  ? 2.801   -15.957 1.399   1.00 28.29 ? 2   DG  B "C3'"  1 
ATOM   37  O  "O3'"  . DG  A 1 2  ? 1.467   -16.048 1.830   1.00 41.75 ? 2   DG  B "O3'"  1 
ATOM   38  C  "C2'"  . DG  A 1 2  ? 3.421   -14.576 1.598   1.00 33.62 ? 2   DG  B "C2'"  1 
ATOM   39  C  "C1'"  . DG  A 1 2  ? 4.293   -14.764 2.832   1.00 28.14 ? 2   DG  B "C1'"  1 
ATOM   40  N  N9     . DG  A 1 2  ? 5.498   -13.976 2.874   1.00 23.16 ? 2   DG  B N9     1 
ATOM   41  C  C8     . DG  A 1 2  ? 6.491   -13.902 1.934   1.00 26.78 ? 2   DG  B C8     1 
ATOM   42  N  N7     . DG  A 1 2  ? 7.495   -13.165 2.313   1.00 26.96 ? 2   DG  B N7     1 
ATOM   43  C  C5     . DG  A 1 2  ? 7.149   -12.767 3.591   1.00 22.93 ? 2   DG  B C5     1 
ATOM   44  C  C6     . DG  A 1 2  ? 7.837   -11.952 4.506   1.00 18.62 ? 2   DG  B C6     1 
ATOM   45  O  O6     . DG  A 1 2  ? 8.936   -11.407 4.361   1.00 25.53 ? 2   DG  B O6     1 
ATOM   46  N  N1     . DG  A 1 2  ? 7.133   -11.813 5.702   1.00 16.71 ? 2   DG  B N1     1 
ATOM   47  C  C2     . DG  A 1 2  ? 5.907   -12.380 5.954   1.00 15.87 ? 2   DG  B C2     1 
ATOM   48  N  N2     . DG  A 1 2  ? 5.352   -12.133 7.148   1.00 17.48 ? 2   DG  B N2     1 
ATOM   49  N  N3     . DG  A 1 2  ? 5.257   -13.143 5.092   1.00 17.83 ? 2   DG  B N3     1 
ATOM   50  C  C4     . DG  A 1 2  ? 5.937   -13.285 3.947   1.00 19.67 ? 2   DG  B C4     1 
ATOM   51  H  "H5'"  . DG  A 1 2  ? 4.972   -18.432 2.005   1.00 39.19 ? 2   DG  B "H5'"  1 
ATOM   52  H  "H5''" . DG  A 1 2  ? 3.581   -18.705 1.308   1.00 39.19 ? 2   DG  B "H5''" 1 
ATOM   53  H  "H4'"  . DG  A 1 2  ? 3.109   -17.238 2.974   1.00 34.45 ? 2   DG  B "H4'"  1 
ATOM   54  H  "H3'"  . DG  A 1 2  ? 2.878   -16.175 0.456   1.00 33.88 ? 2   DG  B "H3'"  1 
ATOM   55  H  "H2'"  . DG  A 1 2  ? 3.953   -14.317 0.829   1.00 40.27 ? 2   DG  B "H2'"  1 
ATOM   56  H  "H2''" . DG  A 1 2  ? 2.738   -13.905 1.750   1.00 40.27 ? 2   DG  B "H2''" 1 
ATOM   57  H  "H1'"  . DG  A 1 2  ? 3.748   -14.557 3.607   1.00 33.70 ? 2   DG  B "H1'"  1 
ATOM   58  H  H8     . DG  A 1 2  ? 6.452   -14.334 1.112   1.00 32.07 ? 2   DG  B H8     1 
ATOM   59  H  H1     . DG  A 1 2  ? 7.491   -11.339 6.324   1.00 19.98 ? 2   DG  B H1     1 
ATOM   60  H  H21    . DG  A 1 2  ? 4.585   -12.469 7.342   1.00 20.91 ? 2   DG  B H21    1 
ATOM   61  H  H22    . DG  A 1 2  ? 5.763   -11.638 7.718   1.00 20.91 ? 2   DG  B H22    1 
ATOM   62  P  P      . DC  A 1 3  ? 0.281   -15.254 1.104   1.00 36.47 ? 3   DC  B P      1 
ATOM   63  O  OP1    . DC  A 1 3  ? -0.812  -16.243 0.980   1.00 42.02 ? 3   DC  B OP1    1 
ATOM   64  O  OP2    . DC  A 1 3  ? 0.787   -14.535 -0.088  1.00 39.66 ? 3   DC  B OP2    1 
ATOM   65  O  "O5'"  . DC  A 1 3  ? -0.166  -14.159 2.160   1.00 25.81 ? 3   DC  B "O5'"  1 
ATOM   66  C  "C5'"  . DC  A 1 3  ? -0.415  -14.529 3.503   1.00 21.60 ? 3   DC  B "C5'"  1 
ATOM   67  C  "C4'"  . DC  A 1 3  ? -0.171  -13.347 4.401   1.00 21.02 ? 3   DC  B "C4'"  1 
ATOM   68  O  "O4'"  . DC  A 1 3  ? 1.181   -12.967 4.265   1.00 21.90 ? 3   DC  B "O4'"  1 
ATOM   69  C  "C3'"  . DC  A 1 3  ? -0.963  -12.112 4.049   1.00 21.67 ? 3   DC  B "C3'"  1 
ATOM   70  O  "O3'"  . DC  A 1 3  ? -2.106  -12.067 4.829   1.00 26.71 ? 3   DC  B "O3'"  1 
ATOM   71  C  "C2'"  . DC  A 1 3  ? -0.021  -10.935 4.325   1.00 29.48 ? 3   DC  B "C2'"  1 
ATOM   72  C  "C1'"  . DC  A 1 3  ? 1.335   -11.587 4.541   1.00 20.12 ? 3   DC  B "C1'"  1 
ATOM   73  N  N1     . DC  A 1 3  ? 2.429   -11.149 3.666   1.00 20.05 ? 3   DC  B N1     1 
ATOM   74  C  C2     . DC  A 1 3  ? 3.492   -10.434 4.199   1.00 18.18 ? 3   DC  B C2     1 
ATOM   75  O  O2     . DC  A 1 3  ? 3.456   -10.096 5.385   1.00 20.78 ? 3   DC  B O2     1 
ATOM   76  N  N3     . DC  A 1 3  ? 4.541   -10.131 3.401   1.00 18.55 ? 3   DC  B N3     1 
ATOM   77  C  C4     . DC  A 1 3  ? 4.538   -10.501 2.128   1.00 20.68 ? 3   DC  B C4     1 
ATOM   78  N  N4     . DC  A 1 3  ? 5.589   -10.162 1.377   1.00 26.65 ? 3   DC  B N4     1 
ATOM   79  C  C5     . DC  A 1 3  ? 3.466   -11.240 1.565   1.00 25.22 ? 3   DC  B C5     1 
ATOM   80  C  C6     . DC  A 1 3  ? 2.446   -11.548 2.367   1.00 20.37 ? 3   DC  B C6     1 
ATOM   81  H  "H5'"  . DC  A 1 3  ? 0.175   -15.256 3.756   1.00 25.85 ? 3   DC  B "H5'"  1 
ATOM   82  H  "H5''" . DC  A 1 3  ? -1.335  -14.823 3.596   1.00 25.85 ? 3   DC  B "H5''" 1 
ATOM   83  H  "H4'"  . DC  A 1 3  ? -0.359  -13.588 5.321   1.00 25.16 ? 3   DC  B "H4'"  1 
ATOM   84  H  "H3'"  . DC  A 1 3  ? -1.175  -12.116 3.103   1.00 25.93 ? 3   DC  B "H3'"  1 
ATOM   85  H  "H2'"  . DC  A 1 3  ? 0.004   -10.327 3.569   1.00 35.31 ? 3   DC  B "H2'"  1 
ATOM   86  H  "H2''" . DC  A 1 3  ? -0.299  -10.446 5.115   1.00 35.31 ? 3   DC  B "H2''" 1 
ATOM   87  H  "H1'"  . DC  A 1 3  ? 1.566   -11.414 5.467   1.00 24.08 ? 3   DC  B "H1'"  1 
ATOM   88  H  H41    . DC  A 1 3  ? 5.616   -10.389 0.547   1.00 31.92 ? 3   DC  B H41    1 
ATOM   89  H  H42    . DC  A 1 3  ? 6.239   -9.718  1.722   1.00 31.92 ? 3   DC  B H42    1 
ATOM   90  H  H5     . DC  A 1 3  ? 3.473   -11.498 0.672   1.00 30.20 ? 3   DC  B H5     1 
ATOM   91  H  H6     . DC  A 1 3  ? 1.735   -12.045 2.032   1.00 24.37 ? 3   DC  B H6     1 
ATOM   92  P  P      . DA  A 1 4  ? -3.198  -10.938 4.540   1.00 37.88 ? 4   DA  B P      1 
ATOM   93  O  OP1    . DA  A 1 4  ? -4.440  -11.381 5.208   1.00 49.73 ? 4   DA  B OP1    1 
ATOM   94  O  OP2    . DA  A 1 4  ? -3.159  -10.608 3.097   1.00 38.82 ? 4   DA  B OP2    1 
ATOM   95  O  "O5'"  . DA  A 1 4  ? -2.660  -9.704  5.372   1.00 27.04 ? 4   DA  B "O5'"  1 
ATOM   96  C  "C5'"  . DA  A 1 4  ? -2.576  -9.836  6.747   1.00 21.62 ? 4   DA  B "C5'"  1 
ATOM   97  C  "C4'"  . DA  A 1 4  ? -1.915  -8.640  7.344   1.00 32.81 ? 4   DA  B "C4'"  1 
ATOM   98  O  "O4'"  . DA  A 1 4  ? -0.643  -8.454  6.685   1.00 31.60 ? 4   DA  B "O4'"  1 
ATOM   99  C  "C3'"  . DA  A 1 4  ? -2.706  -7.346  7.184   1.00 38.06 ? 4   DA  B "C3'"  1 
ATOM   100 O  "O3'"  . DA  A 1 4  ? -2.706  -6.663  8.447   1.00 39.98 ? 4   DA  B "O3'"  1 
ATOM   101 C  "C2'"  . DA  A 1 4  ? -1.980  -6.608  6.039   1.00 29.83 ? 4   DA  B "C2'"  1 
ATOM   102 C  "C1'"  . DA  A 1 4  ? -0.557  -7.183  6.098   1.00 29.25 ? 4   DA  B "C1'"  1 
ATOM   103 N  N9     . DA  A 1 4  ? 0.132   -7.338  4.801   1.00 28.39 ? 4   DA  B N9     1 
ATOM   104 C  C8     . DA  A 1 4  ? -0.375  -7.810  3.623   1.00 26.87 ? 4   DA  B C8     1 
ATOM   105 N  N7     . DA  A 1 4  ? 0.512   -7.878  2.642   1.00 26.97 ? 4   DA  B N7     1 
ATOM   106 C  C5     . DA  A 1 4  ? 1.686   -7.415  3.233   1.00 22.72 ? 4   DA  B C5     1 
ATOM   107 C  C6     . DA  A 1 4  ? 3.000   -7.220  2.740   1.00 25.25 ? 4   DA  B C6     1 
ATOM   108 N  N6     . DA  A 1 4  ? 3.363   -7.475  1.491   1.00 25.10 ? 4   DA  B N6     1 
ATOM   109 N  N1     . DA  A 1 4  ? 3.923   -6.733  3.596   1.00 21.58 ? 4   DA  B N1     1 
ATOM   110 C  C2     . DA  A 1 4  ? 3.568   -6.486  4.857   1.00 19.55 ? 4   DA  B C2     1 
ATOM   111 N  N3     . DA  A 1 4  ? 2.372   -6.625  5.437   1.00 25.55 ? 4   DA  B N3     1 
ATOM   112 C  C4     . DA  A 1 4  ? 1.470   -7.099  4.560   1.00 25.63 ? 4   DA  B C4     1 
ATOM   113 P  P      . DA  A 1 5  ? -3.149  -5.139  8.632   1.00 39.24 ? 5   DA  B P      1 
ATOM   114 O  OP1    . DA  A 1 5  ? -3.790  -5.133  9.968   1.00 58.36 ? 5   DA  B OP1    1 
ATOM   115 O  OP2    . DA  A 1 5  ? -3.879  -4.611  7.461   1.00 39.48 ? 5   DA  B OP2    1 
ATOM   116 O  "O5'"  . DA  A 1 5  ? -1.781  -4.367  8.734   1.00 33.19 ? 5   DA  B "O5'"  1 
ATOM   117 C  "C5'"  . DA  A 1 5  ? -0.817  -4.798  9.664   1.00 32.63 ? 5   DA  B "C5'"  1 
ATOM   118 C  "C4'"  . DA  A 1 5  ? 0.377   -3.881  9.653   1.00 29.36 ? 5   DA  B "C4'"  1 
ATOM   119 O  "O4'"  . DA  A 1 5  ? 1.062   -3.998  8.377   1.00 31.07 ? 5   DA  B "O4'"  1 
ATOM   120 C  "C3'"  . DA  A 1 5  ? 0.064   -2.410  9.790   1.00 30.46 ? 5   DA  B "C3'"  1 
ATOM   121 O  "O3'"  . DA  A 1 5  ? 1.145   -1.785  10.415  1.00 33.93 ? 5   DA  B "O3'"  1 
ATOM   122 C  "C2'"  . DA  A 1 5  ? -0.131  -1.973  8.342   1.00 28.55 ? 5   DA  B "C2'"  1 
ATOM   123 C  "C1'"  . DA  A 1 5  ? 0.946   -2.786  7.640   1.00 34.27 ? 5   DA  B "C1'"  1 
ATOM   124 N  N9     . DA  A 1 5  ? 0.662   -3.177  6.272   1.00 22.33 ? 5   DA  B N9     1 
ATOM   125 C  C8     . DA  A 1 5  ? -0.510  -3.667  5.779   1.00 24.29 ? 5   DA  B C8     1 
ATOM   126 N  N7     . DA  A 1 5  ? -0.440  -4.023  4.515   1.00 24.44 ? 5   DA  B N7     1 
ATOM   127 C  C5     . DA  A 1 5  ? 0.872   -3.776  4.179   1.00 18.20 ? 5   DA  B C5     1 
ATOM   128 C  C6     . DA  A 1 5  ? 1.591   -3.948  2.985   1.00 18.81 ? 5   DA  B C6     1 
ATOM   129 N  N6     . DA  A 1 5  ? 1.049   -4.432  1.875   1.00 17.46 ? 5   DA  B N6     1 
ATOM   130 N  N1     . DA  A 1 5  ? 2.892   -3.597  2.980   1.00 20.17 ? 5   DA  B N1     1 
ATOM   131 C  C2     . DA  A 1 5  ? 3.435   -3.110  4.106   1.00 21.39 ? 5   DA  B C2     1 
ATOM   132 N  N3     . DA  A 1 5  ? 2.860   -2.914  5.290   1.00 21.12 ? 5   DA  B N3     1 
ATOM   133 C  C4     . DA  A 1 5  ? 1.569   -3.273  5.258   1.00 19.82 ? 5   DA  B C4     1 
ATOM   134 H  "H5'"  . DA  A 1 5  ? -0.532  -5.697  9.437   1.00 39.09 ? 5   DA  B "H5'"  1 
ATOM   135 H  "H5''" . DA  A 1 5  ? -1.208  -4.805  10.552  1.00 39.09 ? 5   DA  B "H5''" 1 
ATOM   136 H  "H4'"  . DA  A 1 5  ? 0.975   -4.146  10.370  1.00 35.17 ? 5   DA  B "H4'"  1 
ATOM   137 H  "H3'"  . DA  A 1 5  ? -0.758  -2.252  10.281  1.00 36.49 ? 5   DA  B "H3'"  1 
ATOM   138 H  "H2'"  . DA  A 1 5  ? -1.017  -2.197  8.016   1.00 34.19 ? 5   DA  B "H2'"  1 
ATOM   139 H  "H2''" . DA  A 1 5  ? 0.014   -1.020  8.233   1.00 34.19 ? 5   DA  B "H2''" 1 
ATOM   140 H  "H1'"  . DA  A 1 5  ? 1.761   -2.261  7.658   1.00 41.06 ? 5   DA  B "H1'"  1 
ATOM   141 H  H8     . DA  A 1 5  ? -1.285  -3.742  6.287   1.00 29.08 ? 5   DA  B H8     1 
ATOM   142 H  H61    . DA  A 1 5  ? 1.528   -4.518  1.165   1.00 20.88 ? 5   DA  B H61    1 
ATOM   143 H  H62    . DA  A 1 5  ? 0.221   -4.661  1.865   1.00 20.88 ? 5   DA  B H62    1 
ATOM   144 H  H2     . DA  A 1 5  ? 4.335   -2.878  4.052   1.00 25.61 ? 5   DA  B H2     1 
ATOM   145 P  P      . DA  A 1 6  ? 1.127   -0.216  10.712  1.00 32.76 ? 6   DA  B P      1 
ATOM   146 O  OP1    . DA  A 1 6  ? 1.894   -0.027  11.962  1.00 49.88 ? 6   DA  B OP1    1 
ATOM   147 O  OP2    . DA  A 1 6  ? -0.265  0.275   10.547  1.00 32.75 ? 6   DA  B OP2    1 
ATOM   148 O  "O5'"  . DA  A 1 6  ? 1.974   0.403   9.506   1.00 30.06 ? 6   DA  B "O5'"  1 
ATOM   149 C  "C5'"  . DA  A 1 6  ? 3.343   0.115   9.398   1.00 27.15 ? 6   DA  B "C5'"  1 
ATOM   150 C  "C4'"  . DA  A 1 6  ? 3.929   0.800   8.191   1.00 35.77 ? 6   DA  B "C4'"  1 
ATOM   151 O  "O4'"  . DA  A 1 6  ? 3.397   0.183   6.990   1.00 26.97 ? 6   DA  B "O4'"  1 
ATOM   152 C  "C3'"  . DA  A 1 6  ? 3.621   2.293   8.081   1.00 28.86 ? 6   DA  B "C3'"  1 
ATOM   153 O  "O3'"  . DA  A 1 6  ? 4.830   3.027   7.814   1.00 30.18 ? 6   DA  B "O3'"  1 
ATOM   154 C  "C2'"  . DA  A 1 6  ? 2.614   2.376   6.932   1.00 24.43 ? 6   DA  B "C2'"  1 
ATOM   155 C  "C1'"  . DA  A 1 6  ? 2.990   1.183   6.075   1.00 25.26 ? 6   DA  B "C1'"  1 
ATOM   156 N  N9     . DA  A 1 6  ? 1.916   0.624   5.281   1.00 21.00 ? 6   DA  B N9     1 
ATOM   157 C  C8     . DA  A 1 6  ? 0.657   0.322   5.699   1.00 19.77 ? 6   DA  B C8     1 
ATOM   158 N  N7     . DA  A 1 6  ? -0.086  -0.252  4.768   1.00 22.53 ? 6   DA  B N7     1 
ATOM   159 C  C5     . DA  A 1 6  ? 0.771   -0.361  3.687   1.00 16.93 ? 6   DA  B C5     1 
ATOM   160 C  C6     . DA  A 1 6  ? 0.598   -0.900  2.399   1.00 18.57 ? 6   DA  B C6     1 
ATOM   161 N  N6     . DA  A 1 6  ? -0.541  -1.440  1.991   1.00 21.30 ? 6   DA  B N6     1 
ATOM   162 N  N1     . DA  A 1 6  ? 1.646   -0.858  1.558   1.00 17.62 ? 6   DA  B N1     1 
ATOM   163 C  C2     . DA  A 1 6  ? 2.791   -0.315  1.990   1.00 16.45 ? 6   DA  B C2     1 
ATOM   164 N  N3     . DA  A 1 6  ? 3.065   0.217   3.180   1.00 19.04 ? 6   DA  B N3     1 
ATOM   165 C  C4     . DA  A 1 6  ? 2.008   0.148   3.986   1.00 16.79 ? 6   DA  B C4     1 
ATOM   166 H  "H5'"  . DA  A 1 6  ? 3.464   -0.844  9.315   1.00 32.51 ? 6   DA  B "H5'"  1 
ATOM   167 H  "H5''" . DA  A 1 6  ? 3.801   0.423   10.196  1.00 32.51 ? 6   DA  B "H5''" 1 
ATOM   168 H  "H4'"  . DA  A 1 6  ? 4.892   0.690   8.193   1.00 42.86 ? 6   DA  B "H4'"  1 
ATOM   169 H  "H3'"  . DA  A 1 6  ? 3.199   2.610   8.895   1.00 34.56 ? 6   DA  B "H3'"  1 
ATOM   170 H  "H2'"  . DA  A 1 6  ? 1.703   2.304   7.255   1.00 29.25 ? 6   DA  B "H2'"  1 
ATOM   171 H  "H2''" . DA  A 1 6  ? 2.709   3.208   6.440   1.00 29.25 ? 6   DA  B "H2''" 1 
ATOM   172 H  "H1'"  . DA  A 1 6  ? 3.711   1.445   5.481   1.00 30.25 ? 6   DA  B "H1'"  1 
ATOM   173 H  H8     . DA  A 1 6  ? 0.349   0.501   6.558   1.00 23.66 ? 6   DA  B H8     1 
ATOM   174 H  H61    . DA  A 1 6  ? -0.606  -1.758  1.195   1.00 25.50 ? 6   DA  B H61    1 
ATOM   175 H  H62    . DA  A 1 6  ? -1.216  -1.471  2.523   1.00 25.50 ? 6   DA  B H62    1 
ATOM   176 H  H2     . DA  A 1 6  ? 3.490   -0.308  1.376   1.00 19.67 ? 6   DA  B H2     1 
ATOM   177 P  P      . DT  A 1 7  ? 4.798   4.634   7.703   1.00 33.30 ? 7   DT  B P      1 
ATOM   178 O  OP1    . DT  A 1 7  ? 6.123   5.113   8.142   1.00 45.74 ? 7   DT  B OP1    1 
ATOM   179 O  OP2    . DT  A 1 7  ? 3.547   5.123   8.316   1.00 38.42 ? 7   DT  B OP2    1 
ATOM   180 O  "O5'"  . DT  A 1 7  ? 4.691   4.903   6.142   1.00 29.53 ? 7   DT  B "O5'"  1 
ATOM   181 C  "C5'"  . DT  A 1 7  ? 5.601   4.314   5.300   1.00 31.50 ? 7   DT  B "C5'"  1 
ATOM   182 C  "C4'"  . DT  A 1 7  ? 5.149   4.420   3.865   1.00 23.68 ? 7   DT  B "C4'"  1 
ATOM   183 O  "O4'"  . DT  A 1 7  ? 3.978   3.609   3.654   1.00 23.77 ? 7   DT  B "O4'"  1 
ATOM   184 C  "C3'"  . DT  A 1 7  ? 4.759   5.834   3.409   1.00 24.60 ? 7   DT  B "C3'"  1 
ATOM   185 O  "O3'"  . DT  A 1 7  ? 5.768   6.331   2.549   1.00 28.36 ? 7   DT  B "O3'"  1 
ATOM   186 C  "C2'"  . DT  A 1 7  ? 3.399   5.659   2.710   1.00 23.54 ? 7   DT  B "C2'"  1 
ATOM   187 C  "C1'"  . DT  A 1 7  ? 3.310   4.140   2.530   1.00 20.50 ? 7   DT  B "C1'"  1 
ATOM   188 N  N1     . DT  A 1 7  ? 1.947   3.556   2.461   1.00 21.00 ? 7   DT  B N1     1 
ATOM   189 C  C2     . DT  A 1 7  ? 1.574   2.892   1.311   1.00 17.51 ? 7   DT  B C2     1 
ATOM   190 O  O2     . DT  A 1 7  ? 2.301   2.797   0.321   1.00 19.57 ? 7   DT  B O2     1 
ATOM   191 N  N3     . DT  A 1 7  ? 0.321   2.342   1.347   1.00 18.04 ? 7   DT  B N3     1 
ATOM   192 C  C4     . DT  A 1 7  ? -0.588  2.383   2.388   1.00 15.59 ? 7   DT  B C4     1 
ATOM   193 O  O4     . DT  A 1 7  ? -1.706  1.871   2.297   1.00 19.81 ? 7   DT  B O4     1 
ATOM   194 C  C5     . DT  A 1 7  ? -0.138  3.097   3.562   1.00 18.02 ? 7   DT  B C5     1 
ATOM   195 C  C7     . DT  A 1 7  ? -1.033  3.206   4.760   1.00 23.65 ? 7   DT  B C7     1 
ATOM   196 C  C6     . DT  A 1 7  ? 1.095   3.633   3.546   1.00 18.77 ? 7   DT  B C6     1 
ATOM   197 H  "H5'"  . DT  A 1 7  ? 5.697   3.378   5.537   1.00 37.73 ? 7   DT  B "H5'"  1 
ATOM   198 H  "H5''" . DT  A 1 7  ? 6.460   4.754   5.399   1.00 37.73 ? 7   DT  B "H5''" 1 
ATOM   199 H  "H4'"  . DT  A 1 7  ? 5.860   4.089   3.293   1.00 28.35 ? 7   DT  B "H4'"  1 
ATOM   200 H  "H3'"  . DT  A 1 7  ? 4.626   6.416   4.173   1.00 29.46 ? 7   DT  B "H3'"  1 
ATOM   201 H  "H2'"  . DT  A 1 7  ? 2.673   5.991   3.262   1.00 28.19 ? 7   DT  B "H2'"  1 
ATOM   202 H  "H2''" . DT  A 1 7  ? 3.380   6.117   1.855   1.00 28.19 ? 7   DT  B "H2''" 1 
ATOM   203 H  "H1'"  . DT  A 1 7  ? 3.757   3.898   1.703   1.00 24.53 ? 7   DT  B "H1'"  1 
ATOM   204 H  H3     . DT  A 1 7  ? 0.069   1.923   0.640   1.00 21.58 ? 7   DT  B H3     1 
ATOM   205 H  H71    . DT  A 1 7  ? -1.764  2.575   4.666   1.00 28.31 ? 7   DT  B H71    1 
ATOM   206 H  H72    . DT  A 1 7  ? -0.519  3.001   5.557   1.00 28.31 ? 7   DT  B H72    1 
ATOM   207 H  H73    . DT  A 1 7  ? -1.380  4.110   4.814   1.00 28.31 ? 7   DT  B H73    1 
ATOM   208 H  H6     . DT  A 1 7  ? 1.389   4.079   4.307   1.00 22.46 ? 7   DT  B H6     1 
ATOM   209 P  P      . DT  A 1 8  ? 5.692   7.790   1.891   1.00 29.64 ? 8   DT  B P      1 
ATOM   210 O  OP1    . DT  A 1 8  ? 7.091   8.230   1.677   1.00 31.47 ? 8   DT  B OP1    1 
ATOM   211 O  OP2    . DT  A 1 8  ? 4.751   8.625   2.666   1.00 28.43 ? 8   DT  B OP2    1 
ATOM   212 O  "O5'"  . DT  A 1 8  ? 5.040   7.504   0.467   1.00 26.29 ? 8   DT  B "O5'"  1 
ATOM   213 C  "C5'"  . DT  A 1 8  ? 5.666   6.610   -0.390  1.00 24.38 ? 8   DT  B "C5'"  1 
ATOM   214 C  "C4'"  . DT  A 1 8  ? 4.801   6.365   -1.591  1.00 23.78 ? 8   DT  B "C4'"  1 
ATOM   215 O  "O4'"  . DT  A 1 8  ? 3.597   5.707   -1.165  1.00 21.55 ? 8   DT  B "O4'"  1 
ATOM   216 C  "C3'"  . DT  A 1 8  ? 4.347   7.632   -2.311  1.00 21.78 ? 8   DT  B "C3'"  1 
ATOM   217 O  "O3'"  . DT  A 1 8  ? 4.846   7.602   -3.595  1.00 24.45 ? 8   DT  B "O3'"  1 
ATOM   218 C  "C2'"  . DT  A 1 8  ? 2.822   7.606   -2.250  1.00 20.85 ? 8   DT  B "C2'"  1 
ATOM   219 C  "C1'"  . DT  A 1 8  ? 2.529   6.151   -1.951  1.00 22.67 ? 8   DT  B "C1'"  1 
ATOM   220 N  N1     . DT  A 1 8  ? 1.274   5.880   -1.202  1.00 18.20 ? 8   DT  B N1     1 
ATOM   221 C  C2     . DT  A 1 8  ? 0.329   5.049   -1.773  1.00 17.51 ? 8   DT  B C2     1 
ATOM   222 O  O2     . DT  A 1 8  ? 0.435   4.589   -2.901  1.00 17.85 ? 8   DT  B O2     1 
ATOM   223 N  N3     . DT  A 1 8  ? -0.770  4.825   -0.987  1.00 18.45 ? 8   DT  B N3     1 
ATOM   224 C  C4     . DT  A 1 8  ? -0.991  5.298   0.290   1.00 17.52 ? 8   DT  B C4     1 
ATOM   225 O  O4     . DT  A 1 8  ? -1.995  5.039   0.925   1.00 19.21 ? 8   DT  B O4     1 
ATOM   226 C  C5     . DT  A 1 8  ? 0.039   6.128   0.830   1.00 21.10 ? 8   DT  B C5     1 
ATOM   227 C  C7     . DT  A 1 8  ? -0.111  6.698   2.208   1.00 22.01 ? 8   DT  B C7     1 
ATOM   228 C  C6     . DT  A 1 8  ? 1.114   6.378   0.070   1.00 18.77 ? 8   DT  B C6     1 
ATOM   229 H  "H5'"  . DT  A 1 8  ? 5.823   5.772   0.072   1.00 29.19 ? 8   DT  B "H5'"  1 
ATOM   230 H  "H5''" . DT  A 1 8  ? 6.518   6.977   -0.675  1.00 29.19 ? 8   DT  B "H5''" 1 
ATOM   231 H  "H4'"  . DT  A 1 8  ? 5.268   5.795   -2.222  1.00 28.47 ? 8   DT  B "H4'"  1 
ATOM   232 H  "H3'"  . DT  A 1 8  ? 4.636   8.425   -1.832  1.00 26.07 ? 8   DT  B "H3'"  1 
ATOM   233 H  "H2'"  . DT  A 1 8  ? 2.487   8.185   -1.548  1.00 24.96 ? 8   DT  B "H2'"  1 
ATOM   234 H  "H2''" . DT  A 1 8  ? 2.431   7.878   -3.096  1.00 24.96 ? 8   DT  B "H2''" 1 
ATOM   235 H  "H1'"  . DT  A 1 8  ? 2.487   5.674   -2.793  1.00 27.13 ? 8   DT  B "H1'"  1 
ATOM   236 H  H3     . DT  A 1 8  ? -1.390  4.335   -1.326  1.00 22.08 ? 8   DT  B H3     1 
ATOM   237 H  H71    . DT  A 1 8  ? 0.654   6.437   2.743   1.00 26.35 ? 8   DT  B H71    1 
ATOM   238 H  H72    . DT  A 1 8  ? -0.157  7.665   2.146   1.00 26.35 ? 8   DT  B H72    1 
ATOM   239 H  H73    . DT  A 1 8  ? -0.926  6.354   2.605   1.00 26.35 ? 8   DT  B H73    1 
ATOM   240 H  H6     . DT  A 1 8  ? 1.787   6.915   0.422   1.00 22.46 ? 8   DT  B H6     1 
ATOM   241 P  P      . DT  A 1 9  ? 4.557   8.771   -4.646  1.00 28.48 ? 9   DT  B P      1 
ATOM   242 O  OP1    . DT  A 1 9  ? 5.745   8.739   -5.529  1.00 29.93 ? 9   DT  B OP1    1 
ATOM   243 O  OP2    . DT  A 1 9  ? 4.073   9.963   -3.953  1.00 28.81 ? 9   DT  B OP2    1 
ATOM   244 O  "O5'"  . DT  A 1 9  ? 3.336   8.209   -5.514  1.00 26.06 ? 9   DT  B "O5'"  1 
ATOM   245 C  "C5'"  . DT  A 1 9  ? 3.470   6.990   -6.193  1.00 18.23 ? 9   DT  B "C5'"  1 
ATOM   246 C  "C4'"  . DT  A 1 9  ? 2.162   6.646   -6.871  1.00 23.87 ? 9   DT  B "C4'"  1 
ATOM   247 O  "O4'"  . DT  A 1 9  ? 1.147   6.422   -5.881  1.00 22.78 ? 9   DT  B "O4'"  1 
ATOM   248 C  "C3'"  . DT  A 1 9  ? 1.616   7.714   -7.809  1.00 19.31 ? 9   DT  B "C3'"  1 
ATOM   249 O  "O3'"  . DT  A 1 9  ? 1.511   7.127   -9.078  1.00 22.25 ? 9   DT  B "O3'"  1 
ATOM   250 C  "C2'"  . DT  A 1 9  ? 0.240   8.103   -7.199  1.00 18.61 ? 9   DT  B "C2'"  1 
ATOM   251 C  "C1'"  . DT  A 1 9  ? -0.101  6.899   -6.339  1.00 18.65 ? 9   DT  B "C1'"  1 
ATOM   252 N  N1     . DT  A 1 9  ? -0.867  7.172   -5.100  1.00 15.42 ? 9   DT  B N1     1 
ATOM   253 C  C2     . DT  A 1 9  ? -2.036  6.463   -4.852  1.00 13.55 ? 9   DT  B C2     1 
ATOM   254 O  O2     . DT  A 1 9  ? -2.496  5.667   -5.637  1.00 17.80 ? 9   DT  B O2     1 
ATOM   255 N  N3     . DT  A 1 9  ? -2.611  6.699   -3.645  1.00 16.11 ? 9   DT  B N3     1 
ATOM   256 C  C4     . DT  A 1 9  ? -2.174  7.566   -2.666  1.00 16.89 ? 9   DT  B C4     1 
ATOM   257 O  O4     . DT  A 1 9  ? -2.774  7.706   -1.607  1.00 19.37 ? 9   DT  B O4     1 
ATOM   258 C  C5     . DT  A 1 9  ? -0.950  8.293   -2.988  1.00 18.06 ? 9   DT  B C5     1 
ATOM   259 C  C7     . DT  A 1 9  ? -0.367  9.291   -2.032  1.00 19.97 ? 9   DT  B C7     1 
ATOM   260 C  C6     . DT  A 1 9  ? -0.361  8.041   -4.162  1.00 16.95 ? 9   DT  B C6     1 
ATOM   261 P  P      . DG  A 1 10 ? 1.253   7.996   -10.398 1.00 24.12 ? 10  DG  B P      1 
ATOM   262 O  OP1    . DG  A 1 10 ? 1.735   7.156   -11.535 1.00 28.86 ? 10  DG  B OP1    1 
ATOM   263 O  OP2    . DG  A 1 10 ? 1.701   9.386   -10.195 1.00 23.29 ? 10  DG  B OP2    1 
ATOM   264 O  "O5'"  . DG  A 1 10 ? -0.347  8.068   -10.481 1.00 24.28 ? 10  DG  B "O5'"  1 
ATOM   265 C  "C5'"  . DG  A 1 10 ? -1.094  6.896   -10.642 1.00 20.13 ? 10  DG  B "C5'"  1 
ATOM   266 C  "C4'"  . DG  A 1 10 ? -2.537  7.193   -10.391 1.00 20.11 ? 10  DG  B "C4'"  1 
ATOM   267 O  "O4'"  . DG  A 1 10 ? -2.720  7.470   -8.984  1.00 19.35 ? 10  DG  B "O4'"  1 
ATOM   268 C  "C3'"  . DG  A 1 10 ? -3.076  8.429   -11.101 1.00 20.71 ? 10  DG  B "C3'"  1 
ATOM   269 O  "O3'"  . DG  A 1 10 ? -4.378  8.162   -11.472 1.00 24.03 ? 10  DG  B "O3'"  1 
ATOM   270 C  "C2'"  . DG  A 1 10 ? -3.010  9.489   -10.011 1.00 19.88 ? 10  DG  B "C2'"  1 
ATOM   271 C  "C1'"  . DG  A 1 10 ? -3.499  8.642   -8.869  1.00 17.47 ? 10  DG  B "C1'"  1 
ATOM   272 N  N9     . DG  A 1 10 ? -3.379  9.196   -7.533  1.00 17.23 ? 10  DG  B N9     1 
ATOM   273 C  C8     . DG  A 1 10 ? -2.465  10.097  -7.031  1.00 16.42 ? 10  DG  B C8     1 
ATOM   274 N  N7     . DG  A 1 10 ? -2.650  10.367  -5.768  1.00 18.23 ? 10  DG  B N7     1 
ATOM   275 C  C5     . DG  A 1 10 ? -3.768  9.599   -5.417  1.00 16.04 ? 10  DG  B C5     1 
ATOM   276 C  C6     . DG  A 1 10 ? -4.463  9.459   -4.183  1.00 16.48 ? 10  DG  B C6     1 
ATOM   277 O  O6     . DG  A 1 10 ? -4.246  10.014  -3.088  1.00 18.53 ? 10  DG  B O6     1 
ATOM   278 N  N1     . DG  A 1 10 ? -5.527  8.571   -4.302  1.00 17.09 ? 10  DG  B N1     1 
ATOM   279 C  C2     . DG  A 1 10 ? -5.872  7.897   -5.434  1.00 14.33 ? 10  DG  B C2     1 
ATOM   280 N  N2     . DG  A 1 10 ? -6.945  7.087   -5.348  1.00 16.53 ? 10  DG  B N2     1 
ATOM   281 N  N3     . DG  A 1 10 ? -5.247  8.013   -6.581  1.00 17.31 ? 10  DG  B N3     1 
ATOM   282 C  C4     . DG  A 1 10 ? -4.207  8.874   -6.498  1.00 13.29 ? 10  DG  B C4     1 
ATOM   283 H  "H5'"  . DG  A 1 10 ? -0.785  6.223   -10.015 1.00 24.09 ? 10  DG  B "H5'"  1 
ATOM   284 H  "H5''" . DG  A 1 10 ? -0.983  6.560   -11.545 1.00 24.09 ? 10  DG  B "H5''" 1 
ATOM   285 H  "H4'"  . DG  A 1 10 ? -3.066  6.421   -10.646 1.00 24.07 ? 10  DG  B "H4'"  1 
ATOM   286 H  "H3'"  . DG  A 1 10 ? -2.525  8.693   -11.855 1.00 24.78 ? 10  DG  B "H3'"  1 
ATOM   287 H  "H2'"  . DG  A 1 10 ? -2.110  9.819   -9.868  1.00 23.79 ? 10  DG  B "H2'"  1 
ATOM   288 H  "H2''" . DG  A 1 10 ? -3.597  10.242  -10.191 1.00 23.79 ? 10  DG  B "H2''" 1 
ATOM   289 H  "H1'"  . DG  A 1 10 ? -4.445  8.459   -8.977  1.00 20.90 ? 10  DG  B "H1'"  1 
ATOM   290 H  H8     . DG  A 1 10 ? -1.785  10.473  -7.540  1.00 19.64 ? 10  DG  B H8     1 
ATOM   291 H  H1     . DG  A 1 10 ? -6.007  8.436   -3.601  1.00 20.45 ? 10  DG  B H1     1 
ATOM   292 H  H21    . DG  A 1 10 ? -7.211  6.652   -6.040  1.00 19.77 ? 10  DG  B H21    1 
ATOM   293 H  H22    . DG  A 1 10 ? -7.363  7.005   -4.600  1.00 19.77 ? 10  DG  B H22    1 
ATOM   294 P  P      . DC  A 1 11 ? -4.760  8.030   -13.014 1.00 35.20 ? 11  DC  B P      1 
ATOM   295 O  OP1    . DC  A 1 11 ? -3.789  7.118   -13.671 1.00 36.95 ? 11  DC  B OP1    1 
ATOM   296 O  OP2    . DC  A 1 11 ? -4.928  9.456   -13.367 1.00 30.93 ? 11  DC  B OP2    1 
ATOM   297 O  "O5'"  . DC  A 1 11 ? -6.162  7.245   -13.010 1.00 32.65 ? 11  DC  B "O5'"  1 
ATOM   298 C  "C5'"  . DC  A 1 11 ? -6.246  5.957   -12.400 1.00 27.63 ? 11  DC  B "C5'"  1 
ATOM   299 C  "C4'"  . DC  A 1 11 ? -7.446  5.864   -11.482 1.00 26.90 ? 11  DC  B "C4'"  1 
ATOM   300 O  "O4'"  . DC  A 1 11 ? -7.208  6.622   -10.298 1.00 25.16 ? 11  DC  B "O4'"  1 
ATOM   301 C  "C3'"  . DC  A 1 11 ? -8.751  6.368   -12.054 1.00 28.05 ? 11  DC  B "C3'"  1 
ATOM   302 O  "O3'"  . DC  A 1 11 ? -9.668  5.346   -11.945 1.00 32.11 ? 11  DC  B "O3'"  1 
ATOM   303 C  "C2'"  . DC  A 1 11 ? -9.132  7.579   -11.204 1.00 26.30 ? 11  DC  B "C2'"  1 
ATOM   304 C  "C1'"  . DC  A 1 11 ? -8.370  7.342   -9.930  1.00 23.88 ? 11  DC  B "C1'"  1 
ATOM   305 N  N1     . DC  A 1 11 ? -7.902  8.529   -9.219  1.00 20.16 ? 11  DC  B N1     1 
ATOM   306 C  C2     . DC  A 1 11 ? -8.337  8.765   -7.914  1.00 17.39 ? 11  DC  B C2     1 
ATOM   307 O  O2     . DC  A 1 11 ? -9.139  7.986   -7.407  1.00 18.92 ? 11  DC  B O2     1 
ATOM   308 N  N3     . DC  A 1 11 ? -7.854  9.819   -7.247  1.00 16.20 ? 11  DC  B N3     1 
ATOM   309 C  C4     . DC  A 1 11 ? -6.957  10.624  -7.826  1.00 16.97 ? 11  DC  B C4     1 
ATOM   310 N  N4     . DC  A 1 11 ? -6.470  11.646  -7.111  1.00 17.56 ? 11  DC  B N4     1 
ATOM   311 C  C5     . DC  A 1 11 ? -6.519  10.409  -9.160  1.00 21.56 ? 11  DC  B C5     1 
ATOM   312 C  C6     . DC  A 1 11 ? -7.001  9.347   -9.800  1.00 19.27 ? 11  DC  B C6     1 
ATOM   313 H  "H5'"  . DC  A 1 11 ? -5.440  5.795   -11.886 1.00 33.09 ? 11  DC  B "H5'"  1 
ATOM   314 H  "H5''" . DC  A 1 11 ? -6.321  5.281   -13.091 1.00 33.09 ? 11  DC  B "H5''" 1 
ATOM   315 H  "H4'"  . DC  A 1 11 ? -7.569  4.936   -11.231 1.00 32.22 ? 11  DC  B "H4'"  1 
ATOM   316 H  "H3'"  . DC  A 1 11 ? -8.632  6.676   -12.966 1.00 33.60 ? 11  DC  B "H3'"  1 
ATOM   317 H  "H2'"  . DC  A 1 11 ? -8.858  8.407   -11.628 1.00 31.49 ? 11  DC  B "H2'"  1 
ATOM   318 H  "H2''" . DC  A 1 11 ? -10.087 7.609   -11.041 1.00 31.49 ? 11  DC  B "H2''" 1 
ATOM   319 H  "H1'"  . DC  A 1 11 ? -8.951  6.832   -9.343  1.00 28.59 ? 11  DC  B "H1'"  1 
ATOM   320 H  H41    . DC  A 1 11 ? -5.893  12.178  -7.461  1.00 21.00 ? 11  DC  B H41    1 
ATOM   321 H  H42    . DC  A 1 11 ? -6.737  11.771  -6.303  1.00 21.00 ? 11  DC  B H42    1 
ATOM   322 H  H5     . DC  A 1 11 ? -5.918  10.989  -9.570  1.00 25.81 ? 11  DC  B H5     1 
ATOM   323 H  H6     . DC  A 1 11 ? -6.711  9.166   -10.666 1.00 23.06 ? 11  DC  B H6     1 
ATOM   324 P  P      . DG  A 1 12 ? -11.067 5.467   -12.693 1.00 33.39 ? 12  DG  B P      1 
ATOM   325 O  OP1    . DG  A 1 12 ? -11.517 4.058   -12.830 1.00 35.94 ? 12  DG  B OP1    1 
ATOM   326 O  OP2    . DG  A 1 12 ? -10.935 6.442   -13.815 1.00 27.02 ? 12  DG  B OP2    1 
ATOM   327 O  "O5'"  . DG  A 1 12 ? -12.039 6.170   -11.667 1.00 34.14 ? 12  DG  B "O5'"  1 
ATOM   328 C  "C5'"  . DG  A 1 12 ? -12.521 5.474   -10.540 1.00 36.56 ? 12  DG  B "C5'"  1 
ATOM   329 C  "C4'"  . DG  A 1 12 ? -13.477 6.375   -9.792  1.00 26.71 ? 12  DG  B "C4'"  1 
ATOM   330 O  "O4'"  . DG  A 1 12 ? -12.756 7.344   -9.045  1.00 25.65 ? 12  DG  B "O4'"  1 
ATOM   331 C  "C3'"  . DG  A 1 12 ? -14.444 7.146   -10.686 1.00 28.68 ? 12  DG  B "C3'"  1 
ATOM   332 O  "O3'"  . DG  A 1 12 ? -15.727 6.560   -10.615 1.00 33.75 ? 12  DG  B "O3'"  1 
ATOM   333 C  "C2'"  . DG  A 1 12 ? -14.444 8.572   -10.158 1.00 27.44 ? 12  DG  B "C2'"  1 
ATOM   334 C  "C1'"  . DG  A 1 12 ? -13.415 8.584   -9.050  1.00 20.68 ? 12  DG  B "C1'"  1 
ATOM   335 N  N9     . DG  A 1 12 ? -12.399 9.592   -9.138  1.00 20.18 ? 12  DG  B N9     1 
ATOM   336 C  C8     . DG  A 1 12 ? -11.454 9.761   -10.108 1.00 20.29 ? 12  DG  B C8     1 
ATOM   337 N  N7     . DG  A 1 12 ? -10.587 10.709  -9.826  1.00 21.82 ? 12  DG  B N7     1 
ATOM   338 C  C5     . DG  A 1 12 ? -10.945 11.105  -8.546  1.00 17.83 ? 12  DG  B C5     1 
ATOM   339 C  C6     . DG  A 1 12 ? -10.377 12.063  -7.690  1.00 14.85 ? 12  DG  B C6     1 
ATOM   340 O  O6     . DG  A 1 12 ? -9.409  12.795  -7.901  1.00 22.24 ? 12  DG  B O6     1 
ATOM   341 N  N1     . DG  A 1 12 ? -11.064 12.144  -6.493  1.00 17.32 ? 12  DG  B N1     1 
ATOM   342 C  C2     . DG  A 1 12 ? -12.152 11.385  -6.154  1.00 18.54 ? 12  DG  B C2     1 
ATOM   343 N  N2     . DG  A 1 12 ? -12.692 11.597  -4.954  1.00 18.35 ? 12  DG  B N2     1 
ATOM   344 N  N3     . DG  A 1 12 ? -12.683 10.473  -6.946  1.00 17.98 ? 12  DG  B N3     1 
ATOM   345 C  C4     . DG  A 1 12 ? -12.037 10.397  -8.111  1.00 17.33 ? 12  DG  B C4     1 
ATOM   346 H  "H5'"  . DG  A 1 12 ? -11.780 5.231   -9.963  1.00 43.80 ? 12  DG  B "H5'"  1 
ATOM   347 H  "H5''" . DG  A 1 12 ? -12.980 4.669   -10.822 1.00 43.80 ? 12  DG  B "H5''" 1 
ATOM   348 H  "H4'"  . DG  A 1 12 ? -13.989 5.845   -9.162  1.00 31.99 ? 12  DG  B "H4'"  1 
ATOM   349 H  "H3'"  . DG  A 1 12 ? -14.097 7.153   -11.592 1.00 34.35 ? 12  DG  B "H3'"  1 
ATOM   350 H  "HO3'" . DG  A 1 12 ? -16.147 6.382   -11.321 1.00 40.43 ? 12  DG  B "HO3'" 1 
ATOM   351 H  "H2'"  . DG  A 1 12 ? -14.199 9.196   -10.860 1.00 32.86 ? 12  DG  B "H2'"  1 
ATOM   352 H  "H2''" . DG  A 1 12 ? -15.319 8.810   -9.815  1.00 32.86 ? 12  DG  B "H2''" 1 
ATOM   353 H  "H1'"  . DG  A 1 12 ? -13.916 8.702   -8.227  1.00 24.75 ? 12  DG  B "H1'"  1 
ATOM   354 H  H8     . DG  A 1 12 ? -11.427 9.256   -10.889 1.00 24.28 ? 12  DG  B H8     1 
ATOM   355 H  H1     . DG  A 1 12 ? -10.786 12.716  -5.914  1.00 20.72 ? 12  DG  B H1     1 
ATOM   356 H  H21    . DG  A 1 12 ? -13.378 11.142  -4.705  1.00 21.95 ? 12  DG  B H21    1 
ATOM   357 H  H22    . DG  A 1 12 ? -12.355 12.189  -4.430  1.00 21.95 ? 12  DG  B H22    1 
ATOM   358 O  "O5'"  . DC  B 1 1  ? -9.389  18.371  -0.563  1.00 45.06 ? 13  DC  C "O5'"  1 
ATOM   359 C  "C5'"  . DC  B 1 1  ? -10.687 18.578  -0.065  1.00 32.27 ? 13  DC  C "C5'"  1 
ATOM   360 C  "C4'"  . DC  B 1 1  ? -11.445 17.269  0.005   1.00 22.89 ? 13  DC  C "C4'"  1 
ATOM   361 O  "O4'"  . DC  B 1 1  ? -11.372 16.630  -1.301  1.00 24.23 ? 13  DC  C "O4'"  1 
ATOM   362 C  "C3'"  . DC  B 1 1  ? -10.892 16.257  1.013   1.00 26.54 ? 13  DC  C "C3'"  1 
ATOM   363 O  "O3'"  . DC  B 1 1  ? -11.963 15.698  1.785   1.00 28.37 ? 13  DC  C "O3'"  1 
ATOM   364 C  "C2'"  . DC  B 1 1  ? -10.173 15.219  0.136   1.00 24.88 ? 13  DC  C "C2'"  1 
ATOM   365 C  "C1'"  . DC  B 1 1  ? -10.913 15.307  -1.196  1.00 22.49 ? 13  DC  C "C1'"  1 
ATOM   366 N  N1     . DC  B 1 1  ? -10.074 15.003  -2.447  1.00 25.66 ? 13  DC  C N1     1 
ATOM   367 C  C2     . DC  B 1 1  ? -10.579 14.131  -3.425  1.00 24.61 ? 13  DC  C C2     1 
ATOM   368 O  O2     . DC  B 1 1  ? -11.688 13.628  -3.268  1.00 24.48 ? 13  DC  C O2     1 
ATOM   369 N  N3     . DC  B 1 1  ? -9.854  13.891  -4.531  1.00 20.38 ? 13  DC  C N3     1 
ATOM   370 C  C4     . DC  B 1 1  ? -8.668  14.458  -4.680  1.00 22.70 ? 13  DC  C C4     1 
ATOM   371 N  N4     . DC  B 1 1  ? -7.991  14.172  -5.784  1.00 19.54 ? 13  DC  C N4     1 
ATOM   372 C  C5     . DC  B 1 1  ? -8.122  15.343  -3.700  1.00 24.84 ? 13  DC  C C5     1 
ATOM   373 C  C6     . DC  B 1 1  ? -8.855  15.586  -2.613  1.00 21.03 ? 13  DC  C C6     1 
ATOM   374 H  "H5'"  . DC  B 1 1  ? -11.161 19.192  -0.647  1.00 38.66 ? 13  DC  C "H5'"  1 
ATOM   375 H  "H5''" . DC  B 1 1  ? -10.632 18.963  0.823   1.00 38.66 ? 13  DC  C "H5''" 1 
ATOM   376 H  "H4'"  . DC  B 1 1  ? -12.375 17.434  0.226   1.00 27.40 ? 13  DC  C "H4'"  1 
ATOM   377 H  "H3'"  . DC  B 1 1  ? -10.242 16.680  1.595   1.00 31.78 ? 13  DC  C "H3'"  1 
ATOM   378 H  "H2'"  . DC  B 1 1  ? -9.235  15.441  0.030   1.00 29.79 ? 13  DC  C "H2'"  1 
ATOM   379 H  "H2''" . DC  B 1 1  ? -10.246 14.330  0.518   1.00 29.79 ? 13  DC  C "H2''" 1 
ATOM   380 H  "H1'"  . DC  B 1 1  ? -11.655 14.683  -1.166  1.00 26.92 ? 13  DC  C "H1'"  1 
ATOM   381 H  H41    . DC  B 1 1  ? -7.216  14.522  -5.916  1.00 23.38 ? 13  DC  C H41    1 
ATOM   382 H  H42    . DC  B 1 1  ? -8.326  13.638  -6.370  1.00 23.38 ? 13  DC  C H42    1 
ATOM   383 H  H5     . DC  B 1 1  ? -7.288  15.736  -3.818  1.00 29.74 ? 13  DC  C H5     1 
ATOM   384 H  H6     . DC  B 1 1  ? -8.528  16.161  -1.959  1.00 25.17 ? 13  DC  C H6     1 
ATOM   385 H  "HO5'" . DC  B 1 1  ? -9.180  18.662  -1.324  1.00 54.01 ? 13  DC  C "HO5'" 1 
ATOM   386 P  P      . DG  B 1 2  ? -11.690 14.885  3.148   1.00 28.48 ? 14  DG  C P      1 
ATOM   387 O  OP1    . DG  B 1 2  ? -12.811 15.220  4.053   1.00 34.94 ? 14  DG  C OP1    1 
ATOM   388 O  OP2    . DG  B 1 2  ? -10.296 14.992  3.599   1.00 31.38 ? 14  DG  C OP2    1 
ATOM   389 O  "O5'"  . DG  B 1 2  ? -11.883 13.375  2.694   1.00 28.64 ? 14  DG  C "O5'"  1 
ATOM   390 C  "C5'"  . DG  B 1 2  ? -13.031 13.010  1.967   1.00 25.49 ? 14  DG  C "C5'"  1 
ATOM   391 C  "C4'"  . DG  B 1 2  ? -12.783 11.719  1.236   1.00 20.72 ? 14  DG  C "C4'"  1 
ATOM   392 O  "O4'"  . DG  B 1 2  ? -11.924 11.980  0.083   1.00 27.91 ? 14  DG  C "O4'"  1 
ATOM   393 C  "C3'"  . DG  B 1 2  ? -12.051 10.673  2.078   1.00 34.63 ? 14  DG  C "C3'"  1 
ATOM   394 O  "O3'"  . DG  B 1 2  ? -12.913 9.576   2.431   1.00 28.68 ? 14  DG  C "O3'"  1 
ATOM   395 C  "C2'"  . DG  B 1 2  ? -10.869 10.221  1.188   1.00 27.02 ? 14  DG  C "C2'"  1 
ATOM   396 C  "C1'"  . DG  B 1 2  ? -11.179 10.825  -0.180  1.00 23.55 ? 14  DG  C "C1'"  1 
ATOM   397 N  N9     . DG  B 1 2  ? -10.006 11.190  -0.980  1.00 22.41 ? 14  DG  C N9     1 
ATOM   398 C  C8     . DG  B 1 2  ? -8.987  12.036  -0.621  1.00 27.08 ? 14  DG  C C8     1 
ATOM   399 N  N7     . DG  B 1 2  ? -8.085  12.181  -1.550  1.00 22.71 ? 14  DG  C N7     1 
ATOM   400 C  C5     . DG  B 1 2  ? -8.527  11.373  -2.581  1.00 17.37 ? 14  DG  C C5     1 
ATOM   401 C  C6     . DG  B 1 2  ? -7.958  11.129  -3.846  1.00 18.34 ? 14  DG  C C6     1 
ATOM   402 O  O6     . DG  B 1 2  ? -6.902  11.591  -4.321  1.00 18.84 ? 14  DG  C O6     1 
ATOM   403 N  N1     . DG  B 1 2  ? -8.726  10.245  -4.590  1.00 15.20 ? 14  DG  C N1     1 
ATOM   404 C  C2     . DG  B 1 2  ? -9.906  9.672   -4.164  1.00 14.50 ? 14  DG  C C2     1 
ATOM   405 N  N2     . DG  B 1 2  ? -10.501 8.824   -5.013  1.00 14.72 ? 14  DG  C N2     1 
ATOM   406 N  N3     . DG  B 1 2  ? -10.443 9.900   -2.984  1.00 16.24 ? 14  DG  C N3     1 
ATOM   407 C  C4     . DG  B 1 2  ? -9.707  10.756  -2.248  1.00 18.73 ? 14  DG  C C4     1 
ATOM   408 H  "H5'"  . DG  B 1 2  ? -13.246 13.708  1.327   1.00 30.52 ? 14  DG  C "H5'"  1 
ATOM   409 H  "H5''" . DG  B 1 2  ? -13.779 12.900  2.575   1.00 30.52 ? 14  DG  C "H5''" 1 
ATOM   410 H  "H4'"  . DG  B 1 2  ? -13.621 11.349  0.916   1.00 24.79 ? 14  DG  C "H4'"  1 
ATOM   411 H  "H3'"  . DG  B 1 2  ? -11.712 11.103  2.879   1.00 41.49 ? 14  DG  C "H3'"  1 
ATOM   412 H  "H2'"  . DG  B 1 2  ? -10.027 10.559  1.532   1.00 32.36 ? 14  DG  C "H2'"  1 
ATOM   413 H  "H2''" . DG  B 1 2  ? -10.824 9.254   1.137   1.00 32.36 ? 14  DG  C "H2''" 1 
ATOM   414 H  "H1'"  . DG  B 1 2  ? -11.704 10.192  -0.695  1.00 28.19 ? 14  DG  C "H1'"  1 
ATOM   415 H  H8     . DG  B 1 2  ? -8.944  12.464  0.203   1.00 32.43 ? 14  DG  C H8     1 
ATOM   416 H  H1     . DG  B 1 2  ? -8.446  10.040  -5.377  1.00 18.18 ? 14  DG  C H1     1 
ATOM   417 H  H21    . DG  B 1 2  ? -11.231 8.431   -4.787  1.00 17.60 ? 14  DG  C H21    1 
ATOM   418 H  H22    . DG  B 1 2  ? -10.151 8.674   -5.784  1.00 17.60 ? 14  DG  C H22    1 
ATOM   419 P  P      . DC  B 1 3  ? -12.347 8.387   3.350   1.00 31.76 ? 15  DC  C P      1 
ATOM   420 O  OP1    . DC  B 1 3  ? -13.436 7.980   4.263   1.00 40.96 ? 15  DC  C OP1    1 
ATOM   421 O  OP2    . DC  B 1 3  ? -11.012 8.724   3.867   1.00 38.47 ? 15  DC  C OP2    1 
ATOM   422 O  "O5'"  . DC  B 1 3  ? -12.087 7.233   2.277   1.00 25.44 ? 15  DC  C "O5'"  1 
ATOM   423 C  "C5'"  . DC  B 1 3  ? -13.041 6.960   1.306   1.00 22.89 ? 15  DC  C "C5'"  1 
ATOM   424 C  "C4'"  . DC  B 1 3  ? -12.382 6.317   0.135   1.00 24.19 ? 15  DC  C "C4'"  1 
ATOM   425 O  "O4'"  . DC  B 1 3  ? -11.459 7.253   -0.460  1.00 18.65 ? 15  DC  C "O4'"  1 
ATOM   426 C  "C3'"  . DC  B 1 3  ? -11.538 5.117   0.501   1.00 19.92 ? 15  DC  C "C3'"  1 
ATOM   427 O  "O3'"  . DC  B 1 3  ? -12.344 3.973   0.498   1.00 21.03 ? 15  DC  C "O3'"  1 
ATOM   428 C  "C2'"  . DC  B 1 3  ? -10.441 5.107   -0.579  1.00 22.98 ? 15  DC  C "C2'"  1 
ATOM   429 C  "C1'"  . DC  B 1 3  ? -10.468 6.520   -1.158  1.00 19.51 ? 15  DC  C "C1'"  1 
ATOM   430 N  N1     . DC  B 1 3  ? -9.188  7.250   -1.009  1.00 19.86 ? 15  DC  C N1     1 
ATOM   431 C  C2     . DC  B 1 3  ? -8.360  7.423   -2.112  1.00 16.91 ? 15  DC  C C2     1 
ATOM   432 O  O2     . DC  B 1 3  ? -8.663  6.873   -3.154  1.00 16.09 ? 15  DC  C O2     1 
ATOM   433 N  N3     . DC  B 1 3  ? -7.212  8.106   -1.965  1.00 16.12 ? 15  DC  C N3     1 
ATOM   434 C  C4     . DC  B 1 3  ? -6.903  8.651   -0.802  1.00 23.30 ? 15  DC  C C4     1 
ATOM   435 N  N4     . DC  B 1 3  ? -5.769  9.327   -0.710  1.00 22.08 ? 15  DC  C N4     1 
ATOM   436 C  C5     . DC  B 1 3  ? -7.755  8.520   0.335   1.00 24.36 ? 15  DC  C C5     1 
ATOM   437 C  C6     . DC  B 1 3  ? -8.878  7.820   0.177   1.00 21.81 ? 15  DC  C C6     1 
ATOM   438 H  "H5'"  . DC  B 1 3  ? -13.467 7.786   1.026   1.00 27.41 ? 15  DC  C "H5'"  1 
ATOM   439 H  "H5''" . DC  B 1 3  ? -13.714 6.364   1.668   1.00 27.41 ? 15  DC  C "H5''" 1 
ATOM   440 H  "H4'"  . DC  B 1 3  ? -13.049 6.067   -0.523  1.00 28.96 ? 15  DC  C "H4'"  1 
ATOM   441 H  "H3'"  . DC  B 1 3  ? -11.115 5.230   1.366   1.00 23.84 ? 15  DC  C "H3'"  1 
ATOM   442 H  "H2'"  . DC  B 1 3  ? -9.576  4.908   -0.190  1.00 27.51 ? 15  DC  C "H2'"  1 
ATOM   443 H  "H2''" . DC  B 1 3  ? -10.637 4.449   -1.265  1.00 27.51 ? 15  DC  C "H2''" 1 
ATOM   444 H  "H1'"  . DC  B 1 3  ? -10.714 6.458   -2.094  1.00 23.34 ? 15  DC  C "H1'"  1 
ATOM   445 H  H41    . DC  B 1 3  ? -5.545  9.691   0.037   1.00 26.43 ? 15  DC  C H41    1 
ATOM   446 H  H42    . DC  B 1 3  ? -5.256  9.403   -1.396  1.00 26.43 ? 15  DC  C H42    1 
ATOM   447 H  H5     . DC  B 1 3  ? -7.536  8.908   1.151   1.00 29.17 ? 15  DC  C H5     1 
ATOM   448 H  H6     . DC  B 1 3  ? -9.459  7.721   0.897   1.00 26.11 ? 15  DC  C H6     1 
ATOM   449 P  P      . DA  B 1 4  ? -11.777 2.554   0.953   1.00 24.33 ? 16  DA  C P      1 
ATOM   450 O  OP1    . DA  B 1 4  ? -12.973 1.756   1.330   1.00 28.19 ? 16  DA  C OP1    1 
ATOM   451 O  OP2    . DA  B 1 4  ? -10.637 2.694   1.865   1.00 23.33 ? 16  DA  C OP2    1 
ATOM   452 O  "O5'"  . DA  B 1 4  ? -11.172 1.950   -0.385  1.00 20.28 ? 16  DA  C "O5'"  1 
ATOM   453 C  "C5'"  . DA  B 1 4  ? -12.009 1.670   -1.503  1.00 19.72 ? 16  DA  C "C5'"  1 
ATOM   454 C  "C4'"  . DA  B 1 4  ? -11.135 1.233   -2.651  1.00 22.84 ? 16  DA  C "C4'"  1 
ATOM   455 O  "O4'"  . DA  B 1 4  ? -10.115 2.230   -2.854  1.00 22.04 ? 16  DA  C "O4'"  1 
ATOM   456 C  "C3'"  . DA  B 1 4  ? -10.399 -0.086  -2.440  1.00 20.47 ? 16  DA  C "C3'"  1 
ATOM   457 O  "O3'"  . DA  B 1 4  ? -10.393 -0.800  -3.653  1.00 24.80 ? 16  DA  C "O3'"  1 
ATOM   458 C  "C2'"  . DA  B 1 4  ? -8.986  0.338   -2.001  1.00 17.90 ? 16  DA  C "C2'"  1 
ATOM   459 C  "C1'"  . DA  B 1 4  ? -8.825  1.683   -2.698  1.00 22.51 ? 16  DA  C "C1'"  1 
ATOM   460 N  N9     . DA  B 1 4  ? -8.005  2.647   -1.968  1.00 19.70 ? 16  DA  C N9     1 
ATOM   461 C  C8     . DA  B 1 4  ? -8.008  2.909   -0.626  1.00 21.30 ? 16  DA  C C8     1 
ATOM   462 N  N7     . DA  B 1 4  ? -7.153  3.840   -0.259  1.00 20.98 ? 16  DA  C N7     1 
ATOM   463 C  C5     . DA  B 1 4  ? -6.574  4.240   -1.449  1.00 17.78 ? 16  DA  C C5     1 
ATOM   464 C  C6     . DA  B 1 4  ? -5.575  5.188   -1.745  1.00 17.78 ? 16  DA  C C6     1 
ATOM   465 N  N6     . DA  B 1 4  ? -4.982  5.956   -0.820  1.00 20.31 ? 16  DA  C N6     1 
ATOM   466 N  N1     . DA  B 1 4  ? -5.202  5.308   -3.041  1.00 16.84 ? 16  DA  C N1     1 
ATOM   467 C  C2     . DA  B 1 4  ? -5.799  4.548   -3.952  1.00 15.75 ? 16  DA  C C2     1 
ATOM   468 N  N3     . DA  B 1 4  ? -6.736  3.613   -3.794  1.00 17.71 ? 16  DA  C N3     1 
ATOM   469 C  C4     . DA  B 1 4  ? -7.080  3.515   -2.505  1.00 16.19 ? 16  DA  C C4     1 
ATOM   470 P  P      . DA  B 1 5  ? -9.373  -2.011  -3.889  1.00 25.58 ? 17  DA  C P      1 
ATOM   471 O  OP1    . DA  B 1 5  ? -10.047 -2.966  -4.797  1.00 34.75 ? 17  DA  C OP1    1 
ATOM   472 O  OP2    . DA  B 1 5  ? -8.805  -2.481  -2.630  1.00 23.56 ? 17  DA  C OP2    1 
ATOM   473 O  "O5'"  . DA  B 1 5  ? -8.202  -1.330  -4.692  1.00 23.93 ? 17  DA  C "O5'"  1 
ATOM   474 C  "C5'"  . DA  B 1 5  ? -8.521  -0.582  -5.800  1.00 20.74 ? 17  DA  C "C5'"  1 
ATOM   475 C  "C4'"  . DA  B 1 5  ? -7.267  -0.188  -6.528  1.00 19.70 ? 17  DA  C "C4'"  1 
ATOM   476 O  "O4'"  . DA  B 1 5  ? -6.492  0.720   -5.710  1.00 20.76 ? 17  DA  C "O4'"  1 
ATOM   477 C  "C3'"  . DA  B 1 5  ? -6.320  -1.342  -6.839  1.00 18.71 ? 17  DA  C "C3'"  1 
ATOM   478 O  "O3'"  . DA  B 1 5  ? -5.631  -1.059  -8.022  1.00 21.67 ? 17  DA  C "O3'"  1 
ATOM   479 C  "C2'"  . DA  B 1 5  ? -5.396  -1.368  -5.614  1.00 20.03 ? 17  DA  C "C2'"  1 
ATOM   480 C  "C1'"  . DA  B 1 5  ? -5.260  0.119   -5.325  1.00 18.38 ? 17  DA  C "C1'"  1 
ATOM   481 N  N9     . DA  B 1 5  ? -5.041  0.502   -3.948  1.00 18.82 ? 17  DA  C N9     1 
ATOM   482 C  C8     . DA  B 1 5  ? -5.701  0.036   -2.852  1.00 18.84 ? 17  DA  C C8     1 
ATOM   483 N  N7     . DA  B 1 5  ? -5.337  0.612   -1.740  1.00 18.56 ? 17  DA  C N7     1 
ATOM   484 C  C5     . DA  B 1 5  ? -4.396  1.554   -2.148  1.00 15.57 ? 17  DA  C C5     1 
ATOM   485 C  C6     . DA  B 1 5  ? -3.616  2.484   -1.433  1.00 16.01 ? 17  DA  C C6     1 
ATOM   486 N  N6     . DA  B 1 5  ? -3.696  2.643   -0.121  1.00 20.45 ? 17  DA  C N6     1 
ATOM   487 N  N1     . DA  B 1 5  ? -2.736  3.237   -2.133  1.00 16.89 ? 17  DA  C N1     1 
ATOM   488 C  C2     . DA  B 1 5  ? -2.669  3.070   -3.445  1.00 14.48 ? 17  DA  C C2     1 
ATOM   489 N  N3     . DA  B 1 5  ? -3.353  2.226   -4.222  1.00 16.39 ? 17  DA  C N3     1 
ATOM   490 C  C4     . DA  B 1 5  ? -4.205  1.496   -3.497  1.00 16.99 ? 17  DA  C C4     1 
ATOM   491 H  "H5'"  . DA  B 1 5  ? -8.999  0.217   -5.525  1.00 24.83 ? 17  DA  C "H5'"  1 
ATOM   492 H  "H5''" . DA  B 1 5  ? -9.088  -1.102  -6.391  1.00 24.83 ? 17  DA  C "H5''" 1 
ATOM   493 H  "H4'"  . DA  B 1 5  ? -7.512  0.260   -7.353  1.00 23.57 ? 17  DA  C "H4'"  1 
ATOM   494 H  "H3'"  . DA  B 1 5  ? -6.795  -2.185  -6.907  1.00 22.38 ? 17  DA  C "H3'"  1 
ATOM   495 H  "H2'"  . DA  B 1 5  ? -5.800  -1.842  -4.871  1.00 23.96 ? 17  DA  C "H2'"  1 
ATOM   496 H  "H2''" . DA  B 1 5  ? -4.540  -1.773  -5.819  1.00 23.96 ? 17  DA  C "H2''" 1 
ATOM   497 H  "H1'"  . DA  B 1 5  ? -4.514  0.434   -5.860  1.00 21.99 ? 17  DA  C "H1'"  1 
ATOM   498 H  H8     . DA  B 1 5  ? -6.350  -0.629  -2.893  1.00 22.54 ? 17  DA  C H8     1 
ATOM   499 H  H61    . DA  B 1 5  ? -3.194  3.219   0.273   1.00 24.47 ? 17  DA  C H61    1 
ATOM   500 H  H62    . DA  B 1 5  ? -4.251  2.171   0.336   1.00 24.47 ? 17  DA  C H62    1 
ATOM   501 H  H2     . DA  B 1 5  ? -2.061  3.616   -3.887  1.00 17.31 ? 17  DA  C H2     1 
ATOM   502 P  P      . DA  B 1 6  ? -4.595  -2.097  -8.653  1.00 24.82 ? 18  DA  C P      1 
ATOM   503 O  OP1    . DA  B 1 6  ? -4.646  -1.899  -10.126 1.00 25.04 ? 18  DA  C OP1    1 
ATOM   504 O  OP2    . DA  B 1 6  ? -4.845  -3.418  -8.072  1.00 23.84 ? 18  DA  C OP2    1 
ATOM   505 O  "O5'"  . DA  B 1 6  ? -3.176  -1.603  -8.145  1.00 23.56 ? 18  DA  C "O5'"  1 
ATOM   506 C  "C5'"  . DA  B 1 6  ? -2.677  -0.394  -8.623  1.00 24.14 ? 18  DA  C "C5'"  1 
ATOM   507 C  "C4'"  . DA  B 1 6  ? -1.328  -0.107  -8.024  1.00 23.37 ? 18  DA  C "C4'"  1 
ATOM   508 O  "O4'"  . DA  B 1 6  ? -1.483  0.217   -6.629  1.00 20.11 ? 18  DA  C "O4'"  1 
ATOM   509 C  "C3'"  . DA  B 1 6  ? -0.324  -1.270  -8.089  1.00 19.18 ? 18  DA  C "C3'"  1 
ATOM   510 O  "O3'"  . DA  B 1 6  ? 0.848   -0.806  -8.694  1.00 18.45 ? 18  DA  C "O3'"  1 
ATOM   511 C  "C2'"  . DA  B 1 6  ? -0.127  -1.704  -6.626  1.00 22.37 ? 18  DA  C "C2'"  1 
ATOM   512 C  "C1'"  . DA  B 1 6  ? -0.473  -0.431  -5.862  1.00 17.99 ? 18  DA  C "C1'"  1 
ATOM   513 N  N9     . DA  B 1 6  ? -1.029  -0.604  -4.539  1.00 17.63 ? 18  DA  C N9     1 
ATOM   514 C  C8     . DA  B 1 6  ? -2.068  -1.416  -4.210  1.00 14.92 ? 18  DA  C C8     1 
ATOM   515 N  N7     . DA  B 1 6  ? -2.414  -1.350  -2.955  1.00 17.36 ? 18  DA  C N7     1 
ATOM   516 C  C5     . DA  B 1 6  ? -1.542  -0.423  -2.410  1.00 16.41 ? 18  DA  C C5     1 
ATOM   517 C  C6     . DA  B 1 6  ? -1.393  0.103   -1.107  1.00 15.76 ? 18  DA  C C6     1 
ATOM   518 N  N6     . DA  B 1 6  ? -2.156  -0.260  -0.082  1.00 18.97 ? 18  DA  C N6     1 
ATOM   519 N  N1     . DA  B 1 6  ? -0.419  1.005   -0.897  1.00 16.27 ? 18  DA  C N1     1 
ATOM   520 C  C2     . DA  B 1 6  ? 0.355   1.366   -1.930  1.00 15.86 ? 18  DA  C C2     1 
ATOM   521 N  N3     . DA  B 1 6  ? 0.300   0.962   -3.204  1.00 16.58 ? 18  DA  C N3     1 
ATOM   522 C  C4     . DA  B 1 6  ? -0.686  0.063   -3.382  1.00 16.39 ? 18  DA  C C4     1 
ATOM   523 H  "H5'"  . DA  B 1 6  ? -3.291  0.320   -8.390  1.00 28.91 ? 18  DA  C "H5'"  1 
ATOM   524 H  "H5''" . DA  B 1 6  ? -2.597  -0.440  -9.588  1.00 28.91 ? 18  DA  C "H5''" 1 
ATOM   525 H  "H4'"  . DA  B 1 6  ? -0.934  0.657   -8.474  1.00 27.98 ? 18  DA  C "H4'"  1 
ATOM   526 H  "H3'"  . DA  B 1 6  ? -0.697  -2.027  -8.569  1.00 22.95 ? 18  DA  C "H3'"  1 
ATOM   527 H  "H2'"  . DA  B 1 6  ? -0.724  -2.431  -6.389  1.00 26.77 ? 18  DA  C "H2'"  1 
ATOM   528 H  "H2''" . DA  B 1 6  ? 0.788   -1.978  -6.459  1.00 26.77 ? 18  DA  C "H2''" 1 
ATOM   529 H  "H1'"  . DA  B 1 6  ? 0.340   0.093   -5.795  1.00 21.53 ? 18  DA  C "H1'"  1 
ATOM   530 H  H8     . DA  B 1 6  ? -2.494  -1.968  -4.825  1.00 17.84 ? 18  DA  C H8     1 
ATOM   531 H  H61    . DA  B 1 6  ? -2.023  0.082   0.696   1.00 22.70 ? 18  DA  C H61    1 
ATOM   532 H  H62    . DA  B 1 6  ? -2.784  -0.836  -0.197  1.00 22.70 ? 18  DA  C H62    1 
ATOM   533 H  H2     . DA  B 1 6  ? 1.023   1.983   -1.734  1.00 18.96 ? 18  DA  C H2     1 
ATOM   534 P  P      . DT  B 1 7  ? 2.099   -1.753  -8.977  1.00 21.77 ? 19  DT  C P      1 
ATOM   535 O  OP1    . DT  B 1 7  ? 2.751   -1.175  -10.183 1.00 23.70 ? 19  DT  C OP1    1 
ATOM   536 O  OP2    . DT  B 1 7  ? 1.643   -3.151  -8.965  1.00 22.66 ? 19  DT  C OP2    1 
ATOM   537 O  "O5'"  . DT  B 1 7  ? 3.063   -1.456  -7.738  1.00 18.95 ? 19  DT  C "O5'"  1 
ATOM   538 C  "C5'"  . DT  B 1 7  ? 3.409   -0.132  -7.458  1.00 19.50 ? 19  DT  C "C5'"  1 
ATOM   539 C  "C4'"  . DT  B 1 7  ? 4.066   -0.040  -6.108  1.00 19.19 ? 19  DT  C "C4'"  1 
ATOM   540 O  "O4'"  . DT  B 1 7  ? 3.118   -0.360  -5.098  1.00 19.56 ? 19  DT  C "O4'"  1 
ATOM   541 C  "C3'"  . DT  B 1 7  ? 5.238   -0.999  -5.892  1.00 23.57 ? 19  DT  C "C3'"  1 
ATOM   542 O  "O3'"  . DT  B 1 7  ? 6.426   -0.260  -5.854  1.00 24.90 ? 19  DT  C "O3'"  1 
ATOM   543 C  "C2'"  . DT  B 1 7  ? 4.925   -1.717  -4.562  1.00 23.29 ? 19  DT  C "C2'"  1 
ATOM   544 C  "C1'"  . DT  B 1 7  ? 3.831   -0.841  -3.983  1.00 18.86 ? 19  DT  C "C1'"  1 
ATOM   545 N  N1     . DT  B 1 7  ? 2.842   -1.494  -3.091  1.00 17.11 ? 19  DT  C N1     1 
ATOM   546 C  C2     . DT  B 1 7  ? 2.739   -1.082  -1.770  1.00 16.96 ? 19  DT  C C2     1 
ATOM   547 O  O2     . DT  B 1 7  ? 3.474   -0.248  -1.276  1.00 23.42 ? 19  DT  C O2     1 
ATOM   548 N  N3     . DT  B 1 7  ? 1.745   -1.692  -1.048  1.00 16.53 ? 19  DT  C N3     1 
ATOM   549 C  C4     . DT  B 1 7  ? 0.858   -2.648  -1.493  1.00 16.86 ? 19  DT  C C4     1 
ATOM   550 O  O4     . DT  B 1 7  ? -0.007  -3.140  -0.772  1.00 21.05 ? 19  DT  C O4     1 
ATOM   551 C  C5     . DT  B 1 7  ? 1.011   -3.028  -2.880  1.00 16.46 ? 19  DT  C C5     1 
ATOM   552 C  C7     . DT  B 1 7  ? 0.091   -4.057  -3.488  1.00 19.33 ? 19  DT  C C7     1 
ATOM   553 C  C6     . DT  B 1 7  ? 1.972   -2.436  -3.602  1.00 15.71 ? 19  DT  C C6     1 
ATOM   554 H  "H5'"  . DT  B 1 7  ? 2.610   0.419   -7.466  1.00 23.34 ? 19  DT  C "H5'"  1 
ATOM   555 H  "H5''" . DT  B 1 7  ? 4.021   0.191   -8.137  1.00 23.34 ? 19  DT  C "H5''" 1 
ATOM   556 H  "H4'"  . DT  B 1 7  ? 4.376   0.869   -5.969  1.00 22.97 ? 19  DT  C "H4'"  1 
ATOM   557 H  "H3'"  . DT  B 1 7  ? 5.264   -1.671  -6.592  1.00 28.22 ? 19  DT  C "H3'"  1 
ATOM   558 H  "H2'"  . DT  B 1 7  ? 4.611   -2.622  -4.712  1.00 27.88 ? 19  DT  C "H2'"  1 
ATOM   559 H  "H2''" . DT  B 1 7  ? 5.701   -1.744  -3.981  1.00 27.88 ? 19  DT  C "H2''" 1 
ATOM   560 H  "H1'"  . DT  B 1 7  ? 4.264   -0.135  -3.477  1.00 22.57 ? 19  DT  C "H1'"  1 
ATOM   561 H  H3     . DT  B 1 7  ? 1.665   -1.451  -0.226  1.00 19.77 ? 19  DT  C H3     1 
ATOM   562 H  H71    . DT  B 1 7  ? -0.327  -3.679  -4.277  1.00 23.13 ? 19  DT  C H71    1 
ATOM   563 H  H72    . DT  B 1 7  ? 0.609   -4.840  -3.730  1.00 23.13 ? 19  DT  C H72    1 
ATOM   564 H  H73    . DT  B 1 7  ? -0.588  -4.297  -2.837  1.00 23.13 ? 19  DT  C H73    1 
ATOM   565 H  H6     . DT  B 1 7  ? 2.058   -2.672  -4.498  1.00 18.79 ? 19  DT  C H6     1 
ATOM   566 P  P      . DT  B 1 8  ? 7.840   -1.001  -5.716  1.00 27.39 ? 20  DT  C P      1 
ATOM   567 O  OP1    . DT  B 1 8  ? 8.814   -0.030  -6.245  1.00 33.74 ? 20  DT  C OP1    1 
ATOM   568 O  OP2    . DT  B 1 8  ? 7.789   -2.382  -6.187  1.00 27.39 ? 20  DT  C OP2    1 
ATOM   569 O  "O5'"  . DT  B 1 8  ? 8.110   -1.007  -4.155  1.00 25.15 ? 20  DT  C "O5'"  1 
ATOM   570 C  "C5'"  . DT  B 1 8  ? 8.132   0.224   -3.507  1.00 21.78 ? 20  DT  C "C5'"  1 
ATOM   571 C  "C4'"  . DT  B 1 8  ? 8.259   0.041   -2.032  1.00 21.35 ? 20  DT  C "C4'"  1 
ATOM   572 O  "O4'"  . DT  B 1 8  ? 7.080   -0.616  -1.539  1.00 23.95 ? 20  DT  C "O4'"  1 
ATOM   573 C  "C3'"  . DT  B 1 8  ? 9.443   -0.806  -1.589  1.00 28.50 ? 20  DT  C "C3'"  1 
ATOM   574 O  "O3'"  . DT  B 1 8  ? 10.241  -0.031  -0.726  1.00 24.43 ? 20  DT  C "O3'"  1 
ATOM   575 C  "C2'"  . DT  B 1 8  ? 8.811   -2.042  -0.907  1.00 23.36 ? 20  DT  C "C2'"  1 
ATOM   576 C  "C1'"  . DT  B 1 8  ? 7.443   -1.516  -0.508  1.00 22.40 ? 20  DT  C "C1'"  1 
ATOM   577 N  N1     . DT  B 1 8  ? 6.322   -2.487  -0.417  1.00 18.62 ? 20  DT  C N1     1 
ATOM   578 C  C2     . DT  B 1 8  ? 5.576   -2.516  0.723   1.00 19.80 ? 20  DT  C C2     1 
ATOM   579 O  O2     . DT  B 1 8  ? 5.838   -1.854  1.702   1.00 22.52 ? 20  DT  C O2     1 
ATOM   580 N  N3     . DT  B 1 8  ? 4.501   -3.367  0.686   1.00 16.95 ? 20  DT  C N3     1 
ATOM   581 C  C4     . DT  B 1 8  ? 4.101   -4.158  -0.380  1.00 16.13 ? 20  DT  C C4     1 
ATOM   582 O  O4     . DT  B 1 8  ? 3.113   -4.870  -0.336  1.00 18.41 ? 20  DT  C O4     1 
ATOM   583 C  C5     . DT  B 1 8  ? 4.916   -4.060  -1.557  1.00 16.35 ? 20  DT  C C5     1 
ATOM   584 C  C7     . DT  B 1 8  ? 4.579   -4.889  -2.769  1.00 18.84 ? 20  DT  C C7     1 
ATOM   585 C  C6     . DT  B 1 8  ? 5.967   -3.237  -1.533  1.00 18.41 ? 20  DT  C C6     1 
ATOM   586 H  "H5'"  . DT  B 1 8  ? 7.311   0.703   -3.699  1.00 26.07 ? 20  DT  C "H5'"  1 
ATOM   587 H  "H5''" . DT  B 1 8  ? 8.884   0.744   -3.830  1.00 26.07 ? 20  DT  C "H5''" 1 
ATOM   588 H  "H4'"  . DT  B 1 8  ? 8.332   0.907   -1.603  1.00 25.56 ? 20  DT  C "H4'"  1 
ATOM   589 H  "H3'"  . DT  B 1 8  ? 9.951   -1.127  -2.350  1.00 34.14 ? 20  DT  C "H3'"  1 
ATOM   590 H  "H2'"  . DT  B 1 8  ? 8.737   -2.789  -1.522  1.00 27.96 ? 20  DT  C "H2'"  1 
ATOM   591 H  "H2''" . DT  B 1 8  ? 9.323   -2.322  -0.132  1.00 27.96 ? 20  DT  C "H2''" 1 
ATOM   592 H  "H1'"  . DT  B 1 8  ? 7.553   -1.100  0.362   1.00 26.82 ? 20  DT  C "H1'"  1 
ATOM   593 H  H3     . DT  B 1 8  ? 4.025   -3.414  1.400   1.00 20.28 ? 20  DT  C H3     1 
ATOM   594 H  H71    . DT  B 1 8  ? 4.089   -4.341  -3.401  1.00 22.55 ? 20  DT  C H71    1 
ATOM   595 H  H72    . DT  B 1 8  ? 5.402   -5.205  -3.175  1.00 22.55 ? 20  DT  C H72    1 
ATOM   596 H  H73    . DT  B 1 8  ? 4.035   -5.644  -2.495  1.00 22.55 ? 20  DT  C H73    1 
ATOM   597 H  H6     . DT  B 1 8  ? 6.487   -3.163  -2.300  1.00 22.03 ? 20  DT  C H6     1 
ATOM   598 P  P      . DT  B 1 9  ? 11.592  -0.645  -0.120  1.00 27.61 ? 21  DT  C P      1 
ATOM   599 O  OP1    . DT  B 1 9  ? 12.415  0.560   0.123   1.00 37.37 ? 21  DT  C OP1    1 
ATOM   600 O  OP2    . DT  B 1 9  ? 12.127  -1.729  -0.936  1.00 32.40 ? 21  DT  C OP2    1 
ATOM   601 O  "O5'"  . DT  B 1 9  ? 11.129  -1.252  1.276   1.00 23.58 ? 21  DT  C "O5'"  1 
ATOM   602 C  "C5'"  . DT  B 1 9  ? 10.509  -0.396  2.188   1.00 23.96 ? 21  DT  C "C5'"  1 
ATOM   603 C  "C4'"  . DT  B 1 9  ? 9.987   -1.123  3.404   1.00 24.19 ? 21  DT  C "C4'"  1 
ATOM   604 O  "O4'"  . DT  B 1 9  ? 8.919   -1.998  3.006   1.00 24.43 ? 21  DT  C "O4'"  1 
ATOM   605 C  "C3'"  . DT  B 1 9  ? 11.001  -1.990  4.137   1.00 27.45 ? 21  DT  C "C3'"  1 
ATOM   606 O  "O3'"  . DT  B 1 9  ? 11.169  -1.445  5.441   1.00 29.22 ? 21  DT  C "O3'"  1 
ATOM   607 C  "C2'"  . DT  B 1 9  ? 10.361  -3.408  4.166   1.00 27.11 ? 21  DT  C "C2'"  1 
ATOM   608 C  "C1'"  . DT  B 1 9  ? 8.899   -3.125  3.840   1.00 26.39 ? 21  DT  C "C1'"  1 
ATOM   609 N  N1     . DT  B 1 9  ? 8.201   -4.167  3.056   1.00 24.32 ? 21  DT  C N1     1 
ATOM   610 C  C2     . DT  B 1 9  ? 7.028   -4.723  3.531   1.00 25.16 ? 21  DT  C C2     1 
ATOM   611 O  O2     . DT  B 1 9  ? 6.573   -4.488  4.638   1.00 25.03 ? 21  DT  C O2     1 
ATOM   612 N  N3     . DT  B 1 9  ? 6.438   -5.612  2.673   1.00 23.45 ? 21  DT  C N3     1 
ATOM   613 C  C4     . DT  B 1 9  ? 6.868   -5.952  1.408   1.00 17.59 ? 21  DT  C C4     1 
ATOM   614 O  O4     . DT  B 1 9  ? 6.274   -6.751  0.707   1.00 24.84 ? 21  DT  C O4     1 
ATOM   615 C  C5     . DT  B 1 9  ? 8.078   -5.306  0.961   1.00 23.29 ? 21  DT  C C5     1 
ATOM   616 C  C7     . DT  B 1 9  ? 8.642   -5.615  -0.393  1.00 22.84 ? 21  DT  C C7     1 
ATOM   617 C  C6     . DT  B 1 9  ? 8.664   -4.433  1.789   1.00 21.99 ? 21  DT  C C6     1 
ATOM   618 P  P      . DG  B 1 10 ? 12.417  -1.857  6.358   1.00 30.87 ? 22  DG  C P      1 
ATOM   619 O  OP1    . DG  B 1 10 ? 12.717  -0.643  7.169   1.00 30.26 ? 22  DG  C OP1    1 
ATOM   620 O  OP2    . DG  B 1 10 ? 13.442  -2.519  5.521   1.00 29.52 ? 22  DG  C OP2    1 
ATOM   621 O  "O5'"  . DG  B 1 10 ? 11.839  -3.055  7.236   1.00 25.86 ? 22  DG  C "O5'"  1 
ATOM   622 C  "C5'"  . DG  B 1 10 ? 10.782  -2.823  8.073   1.00 31.67 ? 22  DG  C "C5'"  1 
ATOM   623 C  "C4'"  . DG  B 1 10 ? 10.208  -4.129  8.539   1.00 25.19 ? 22  DG  C "C4'"  1 
ATOM   624 O  "O4'"  . DG  B 1 10 ? 9.515   -4.788  7.430   1.00 27.70 ? 22  DG  C "O4'"  1 
ATOM   625 C  "C3'"  . DG  B 1 10 ? 11.245  -5.151  9.014   1.00 27.94 ? 22  DG  C "C3'"  1 
ATOM   626 O  "O3'"  . DG  B 1 10 ? 10.744  -5.882  10.084  1.00 33.71 ? 22  DG  C "O3'"  1 
ATOM   627 C  "C2'"  . DG  B 1 10 ? 11.403  -6.037  7.817   1.00 30.27 ? 22  DG  C "C2'"  1 
ATOM   628 C  "C1'"  . DG  B 1 10 ? 9.964   -6.127  7.401   1.00 26.40 ? 22  DG  C "C1'"  1 
ATOM   629 N  N9     . DG  B 1 10 ? 9.771   -6.696  6.101   1.00 25.78 ? 22  DG  C N9     1 
ATOM   630 C  C8     . DG  B 1 10 ? 10.647  -6.685  5.044   1.00 23.55 ? 22  DG  C C8     1 
ATOM   631 N  N7     . DG  B 1 10 ? 10.181  -7.281  3.985   1.00 24.62 ? 22  DG  C N7     1 
ATOM   632 C  C5     . DG  B 1 10 ? 8.917   -7.714  4.387   1.00 21.57 ? 22  DG  C C5     1 
ATOM   633 C  C6     . DG  B 1 10 ? 7.926   -8.414  3.674   1.00 22.19 ? 22  DG  C C6     1 
ATOM   634 O  O6     . DG  B 1 10 ? 7.966   -8.825  2.505   1.00 26.22 ? 22  DG  C O6     1 
ATOM   635 N  N1     . DG  B 1 10 ? 6.800   -8.639  4.458   1.00 20.34 ? 22  DG  C N1     1 
ATOM   636 C  C2     . DG  B 1 10 ? 6.650   -8.236  5.765   1.00 17.17 ? 22  DG  C C2     1 
ATOM   637 N  N2     . DG  B 1 10 ? 5.482   -8.550  6.362   1.00 20.99 ? 22  DG  C N2     1 
ATOM   638 N  N3     . DG  B 1 10 ? 7.576   -7.578  6.436   1.00 16.63 ? 22  DG  C N3     1 
ATOM   639 C  C4     . DG  B 1 10 ? 8.670   -7.356  5.686   1.00 20.18 ? 22  DG  C C4     1 
ATOM   640 H  "H5'"  . DG  B 1 10 ? 10.099  -2.319  7.603   1.00 37.93 ? 22  DG  C "H5'"  1 
ATOM   641 H  "H5''" . DG  B 1 10 ? 11.081  -2.309  8.840   1.00 37.93 ? 22  DG  C "H5''" 1 
ATOM   642 H  "H4'"  . DG  B 1 10 ? 9.572   -3.954  9.250   1.00 30.16 ? 22  DG  C "H4'"  1 
ATOM   643 H  "H3'"  . DG  B 1 10 ? 12.076  -4.704  9.242   1.00 33.47 ? 22  DG  C "H3'"  1 
ATOM   644 H  "H2'"  . DG  B 1 10 ? 11.956  -5.631  7.132   1.00 36.26 ? 22  DG  C "H2'"  1 
ATOM   645 H  "H2''" . DG  B 1 10 ? 11.771  -6.904  8.048   1.00 36.26 ? 22  DG  C "H2''" 1 
ATOM   646 H  "H1'"  . DG  B 1 10 ? 9.445   -6.659  8.026   1.00 31.61 ? 22  DG  C "H1'"  1 
ATOM   647 H  H8     . DG  B 1 10 ? 11.489  -6.291  5.082   1.00 28.20 ? 22  DG  C H8     1 
ATOM   648 H  H1     . DG  B 1 10 ? 6.145   -9.066  4.098   1.00 24.34 ? 22  DG  C H1     1 
ATOM   649 H  H21    . DG  B 1 10 ? 5.341   -8.323  7.179   1.00 25.12 ? 22  DG  C H21    1 
ATOM   650 H  H22    . DG  B 1 10 ? 4.877   -8.979  5.925   1.00 25.12 ? 22  DG  C H22    1 
ATOM   651 P  P      . DC  B 1 11 ? 11.456  -5.885  11.512  1.00 38.91 ? 23  DC  C P      1 
ATOM   652 O  OP1    . DC  B 1 11 ? 11.611  -4.464  11.895  1.00 35.08 ? 23  DC  C OP1    1 
ATOM   653 O  OP2    . DC  B 1 11 ? 12.590  -6.832  11.428  1.00 34.72 ? 23  DC  C OP2    1 
ATOM   654 O  "O5'"  . DC  B 1 11 ? 10.318  -6.486  12.467  1.00 32.17 ? 23  DC  C "O5'"  1 
ATOM   655 C  "C5'"  . DC  B 1 11 ? 9.076   -5.839  12.563  1.00 29.44 ? 23  DC  C "C5'"  1 
ATOM   656 C  "C4'"  . DC  B 1 11 ? 7.967   -6.839  12.395  1.00 22.64 ? 23  DC  C "C4'"  1 
ATOM   657 O  "O4'"  . DC  B 1 11 ? 7.936   -7.223  11.004  1.00 23.77 ? 23  DC  C "O4'"  1 
ATOM   658 C  "C3'"  . DC  B 1 11 ? 8.194   -8.119  13.193  1.00 22.50 ? 23  DC  C "C3'"  1 
ATOM   659 O  "O3'"  . DC  B 1 11 ? 7.306   -8.245  14.239  1.00 26.07 ? 23  DC  C "O3'"  1 
ATOM   660 C  "C2'"  . DC  B 1 11 ? 8.044   -9.257  12.200  1.00 40.38 ? 23  DC  C "C2'"  1 
ATOM   661 C  "C1'"  . DC  B 1 11 ? 7.621   -8.601  10.904  1.00 32.19 ? 23  DC  C "C1'"  1 
ATOM   662 N  N1     . DC  B 1 11 ? 8.363   -9.157  9.747   1.00 22.58 ? 23  DC  C N1     1 
ATOM   663 C  C2     . DC  B 1 11 ? 7.711   -9.925  8.784   1.00 21.58 ? 23  DC  C C2     1 
ATOM   664 O  O2     . DC  B 1 11 ? 6.511   -10.174 8.915   1.00 21.83 ? 23  DC  C O2     1 
ATOM   665 N  N3     . DC  B 1 11 ? 8.434   -10.420 7.751   1.00 19.68 ? 23  DC  C N3     1 
ATOM   666 C  C4     . DC  B 1 11 ? 9.737   -10.154 7.659   1.00 20.85 ? 23  DC  C C4     1 
ATOM   667 N  N4     . DC  B 1 11 ? 10.402  -10.634 6.610   1.00 27.72 ? 23  DC  C N4     1 
ATOM   668 C  C5     . DC  B 1 11 ? 10.410  -9.373  8.639   1.00 25.92 ? 23  DC  C C5     1 
ATOM   669 C  C6     . DC  B 1 11 ? 9.695   -8.903  9.644   1.00 21.66 ? 23  DC  C C6     1 
ATOM   670 H  "H5'"  . DC  B 1 11 ? 9.010   -5.161  11.872  1.00 35.26 ? 23  DC  C "H5'"  1 
ATOM   671 H  "H5''" . DC  B 1 11 ? 8.999   -5.412  13.431  1.00 35.26 ? 23  DC  C "H5''" 1 
ATOM   672 H  "H4'"  . DC  B 1 11 ? 7.106   -6.464  12.637  1.00 27.10 ? 23  DC  C "H4'"  1 
ATOM   673 H  "H3'"  . DC  B 1 11 ? 9.108   -8.092  13.520  1.00 26.93 ? 23  DC  C "H3'"  1 
ATOM   674 H  "H2'"  . DC  B 1 11 ? 8.886   -9.725  12.088  1.00 48.39 ? 23  DC  C "H2'"  1 
ATOM   675 H  "H2''" . DC  B 1 11 ? 7.371   -9.886  12.500  1.00 48.39 ? 23  DC  C "H2''" 1 
ATOM   676 H  "H1'"  . DC  B 1 11 ? 6.663   -8.688  10.784  1.00 38.56 ? 23  DC  C "H1'"  1 
ATOM   677 H  H41    . DC  B 1 11 ? 11.244  -10.477 6.526   1.00 33.20 ? 23  DC  C H41    1 
ATOM   678 H  H42    . DC  B 1 11 ? 9.991   -11.099 6.016   1.00 33.20 ? 23  DC  C H42    1 
ATOM   679 H  H5     . DC  B 1 11 ? 11.321  -9.201  8.575   1.00 31.04 ? 23  DC  C H5     1 
ATOM   680 H  H6     . DC  B 1 11 ? 10.110  -8.386  10.295  1.00 25.92 ? 23  DC  C H6     1 
ATOM   681 P  P      . DG  B 1 12 ? 7.600   -9.380  15.329  1.00 26.32 ? 24  DG  C P      1 
ATOM   682 O  OP1    . DG  B 1 12 ? 7.084   -8.873  16.639  1.00 26.08 ? 24  DG  C OP1    1 
ATOM   683 O  OP2    . DG  B 1 12 ? 9.004   -9.830  15.213  1.00 27.12 ? 24  DG  C OP2    1 
ATOM   684 O  "O5'"  . DG  B 1 12 ? 6.748   -10.605 14.746  1.00 24.27 ? 24  DG  C "O5'"  1 
ATOM   685 C  "C5'"  . DG  B 1 12 ? 5.328   -10.550 14.739  1.00 23.42 ? 24  DG  C "C5'"  1 
ATOM   686 C  "C4'"  . DG  B 1 12 ? 4.770   -11.791 14.095  1.00 18.57 ? 24  DG  C "C4'"  1 
ATOM   687 O  "O4'"  . DG  B 1 12 ? 5.129   -11.730 12.693  1.00 20.20 ? 24  DG  C "O4'"  1 
ATOM   688 C  "C3'"  . DG  B 1 12 ? 5.389   -13.087 14.598  1.00 20.86 ? 24  DG  C "C3'"  1 
ATOM   689 O  "O3'"  . DG  B 1 12 ? 4.643   -13.664 15.638  1.00 23.67 ? 24  DG  C "O3'"  1 
ATOM   690 C  "C2'"  . DG  B 1 12 ? 5.407   -13.991 13.383  1.00 24.02 ? 24  DG  C "C2'"  1 
ATOM   691 C  "C1'"  . DG  B 1 12 ? 5.423   -13.038 12.211  1.00 17.92 ? 24  DG  C "C1'"  1 
ATOM   692 N  N9     . DG  B 1 12 ? 6.737   -12.960 11.587  1.00 17.28 ? 24  DG  C N9     1 
ATOM   693 C  C8     . DG  B 1 12 ? 7.857   -12.362 12.113  1.00 21.10 ? 24  DG  C C8     1 
ATOM   694 N  N7     . DG  B 1 12 ? 8.891   -12.416 11.329  1.00 19.10 ? 24  DG  C N7     1 
ATOM   695 C  C5     . DG  B 1 12 ? 8.445   -13.137 10.229  1.00 18.13 ? 24  DG  C C5     1 
ATOM   696 C  C6     . DG  B 1 12 ? 9.127   -13.529 9.058   1.00 20.96 ? 24  DG  C C6     1 
ATOM   697 O  O6     . DG  B 1 12 ? 10.305  -13.316 8.735   1.00 22.79 ? 24  DG  C O6     1 
ATOM   698 N  N1     . DG  B 1 12 ? 8.305   -14.239 8.210   1.00 16.77 ? 24  DG  C N1     1 
ATOM   699 C  C2     . DG  B 1 12 ? 6.981   -14.545 8.459   1.00 17.38 ? 24  DG  C C2     1 
ATOM   700 N  N2     . DG  B 1 12 ? 6.359   -15.250 7.520   1.00 16.44 ? 24  DG  C N2     1 
ATOM   701 N  N3     . DG  B 1 12 ? 6.333   -14.191 9.563   1.00 15.94 ? 24  DG  C N3     1 
ATOM   702 C  C4     . DG  B 1 12 ? 7.115   -13.494 10.389  1.00 14.40 ? 24  DG  C C4     1 
ATOM   703 H  "H5'"  . DG  B 1 12 ? 5.035   -9.770  14.244  1.00 28.04 ? 24  DG  C "H5'"  1 
ATOM   704 H  "H5''" . DG  B 1 12 ? 5.002   -10.485 15.651  1.00 28.04 ? 24  DG  C "H5''" 1 
ATOM   705 H  "H4'"  . DG  B 1 12 ? 3.807   -11.837 14.209  1.00 22.22 ? 24  DG  C "H4'"  1 
ATOM   706 H  "H3'"  . DG  B 1 12 ? 6.292   -12.889 14.894  1.00 24.96 ? 24  DG  C "H3'"  1 
ATOM   707 H  "HO3'" . DG  B 1 12 ? 5.010   -13.838 16.372  1.00 28.34 ? 24  DG  C "HO3'" 1 
ATOM   708 H  "H2'"  . DG  B 1 12 ? 6.197   -14.554 13.382  1.00 28.76 ? 24  DG  C "H2'"  1 
ATOM   709 H  "H2''" . DG  B 1 12 ? 4.617   -14.555 13.359  1.00 28.76 ? 24  DG  C "H2''" 1 
ATOM   710 H  "H1'"  . DG  B 1 12 ? 4.734   -13.307 11.584  1.00 21.44 ? 24  DG  C "H1'"  1 
ATOM   711 H  H8     . DG  B 1 12 ? 7.874   -11.958 12.950  1.00 25.25 ? 24  DG  C H8     1 
ATOM   712 H  H1     . DG  B 1 12 ? 8.642   -14.513 7.468   1.00 20.06 ? 24  DG  C H1     1 
ATOM   713 H  H21    . DG  B 1 12 ? 5.537   -15.477 7.628   1.00 19.66 ? 24  DG  C H21    1 
ATOM   714 H  H22    . DG  B 1 12 ? 6.778   -15.479 6.805   1.00 19.66 ? 24  DG  C H22    1 
HETATM 715 C  C4     . WFB C 2 .  ? 5.518   2.058   0.085   1.00 30.26 ? 101 WFB B C4     1 
HETATM 716 C  C14    . WFB C 2 .  ? -0.873  3.382   -8.033  1.00 21.59 ? 101 WFB B C14    1 
HETATM 717 C  C5     . WFB C 2 .  ? 6.210   2.749   -0.913  1.00 27.10 ? 101 WFB B C5     1 
HETATM 718 C  C6     . WFB C 2 .  ? 5.644   2.941   -2.277  1.00 23.11 ? 101 WFB B C6     1 
HETATM 719 C  C11    . WFB C 2 .  ? 1.442   3.153   -6.494  1.00 25.11 ? 101 WFB B C11    1 
HETATM 720 C  C7     . WFB C 2 .  ? 6.458   3.332   -3.361  1.00 23.54 ? 101 WFB B C7     1 
HETATM 721 C  C8     . WFB C 2 .  ? 5.972   3.535   -4.633  1.00 28.67 ? 101 WFB B C8     1 
HETATM 722 C  C9     . WFB C 2 .  ? 4.619   3.329   -4.858  1.00 29.87 ? 101 WFB B C9     1 
HETATM 723 C  C10    . WFB C 2 .  ? 2.631   3.102   -5.648  1.00 24.07 ? 101 WFB B C10    1 
HETATM 724 C  C12    . WFB C 2 .  ? 0.190   3.248   -5.890  1.00 25.92 ? 101 WFB B C12    1 
HETATM 725 C  C13    . WFB C 2 .  ? -0.952  3.357   -6.647  1.00 25.04 ? 101 WFB B C13    1 
HETATM 726 N  N1     . WFB C 2 .  ? 7.519   1.253   3.798   1.00 42.81 ? 101 WFB B N1     1 
HETATM 727 N  N2     . WFB C 2 .  ? 8.843   3.051   3.429   1.00 45.69 ? 101 WFB B N2     1 
HETATM 728 C  C3     . WFB C 2 .  ? 6.051   1.891   1.354   1.00 33.58 ? 101 WFB B C3     1 
HETATM 729 N  N3     . WFB C 2 .  ? 3.856   3.450   -6.014  1.00 27.92 ? 101 WFB B N3     1 
HETATM 730 C  C1     . WFB C 2 .  ? 7.904   2.240   3.019   1.00 32.38 ? 101 WFB B C1     1 
HETATM 731 C  C15    . WFB C 2 .  ? -2.109  3.542   -8.839  1.00 29.11 ? 101 WFB B C15    1 
HETATM 732 C  C16    . WFB C 2 .  ? 0.371   3.318   -8.645  1.00 21.35 ? 101 WFB B C16    1 
HETATM 733 C  C17    . WFB C 2 .  ? 1.523   3.205   -7.883  1.00 30.93 ? 101 WFB B C17    1 
HETATM 734 C  C18    . WFB C 2 .  ? 3.803   2.929   -3.799  1.00 21.24 ? 101 WFB B C18    1 
HETATM 735 C  C19    . WFB C 2 .  ? 4.287   2.749   -2.521  1.00 23.42 ? 101 WFB B C19    1 
HETATM 736 C  C2     . WFB C 2 .  ? 7.296   2.426   1.671   1.00 36.81 ? 101 WFB B C2     1 
HETATM 737 C  C20    . WFB C 2 .  ? 7.457   3.274   -0.580  1.00 33.90 ? 101 WFB B C20    1 
HETATM 738 C  C21    . WFB C 2 .  ? 7.988   3.113   0.688   1.00 34.49 ? 101 WFB B C21    1 
HETATM 739 N  N4     . WFB C 2 .  ? -3.111  4.234   -8.353  1.00 33.77 ? 101 WFB B N4     1 
HETATM 740 N  N5     . WFB C 2 .  ? -2.194  3.023   -10.032 1.00 32.77 ? 101 WFB B N5     1 
HETATM 741 N  N6     . WFB C 2 .  ? 2.542   2.822   -4.325  1.00 21.99 ? 101 WFB B N6     1 
HETATM 742 H  H6     . WFB C 2 .  ? 4.669   1.697   -0.110  1.00 36.24 ? 101 WFB B H6     1 
HETATM 743 H  H7     . WFB C 2 .  ? 7.381   3.461   -3.209  1.00 28.18 ? 101 WFB B H7     1 
HETATM 744 H  H8     . WFB C 2 .  ? 6.541   3.805   -5.331  1.00 34.34 ? 101 WFB B H8     1 
HETATM 745 H  H9     . WFB C 2 .  ? 0.127   3.237   -4.952  1.00 31.04 ? 101 WFB B H9     1 
HETATM 746 H  H10    . WFB C 2 .  ? -1.788  3.415   -6.221  1.00 29.98 ? 101 WFB B H10    1 
HETATM 747 H  H1     . WFB C 2 .  ? 7.894   1.142   4.594   1.00 51.30 ? 101 WFB B H1     1 
HETATM 748 H  H2     . WFB C 2 .  ? 6.882   0.696   3.528   1.00 51.30 ? 101 WFB B H2     1 
HETATM 749 H  H4     . WFB C 2 .  ? 9.108   3.714   2.917   1.00 54.76 ? 101 WFB B H4     1 
HETATM 750 H  H5     . WFB C 2 .  ? 5.566   1.413   2.004   1.00 40.23 ? 101 WFB B H5     1 
HETATM 751 H  H15    . WFB C 2 .  ? 0.437   3.351   -9.583  1.00 25.55 ? 101 WFB B H15    1 
HETATM 752 H  H16    . WFB C 2 .  ? 2.363   3.162   -8.304  1.00 37.05 ? 101 WFB B H16    1 
HETATM 753 H  H18    . WFB C 2 .  ? 3.717   2.499   -1.821  1.00 28.04 ? 101 WFB B H18    1 
HETATM 754 H  H19    . WFB C 2 .  ? 7.948   3.751   -1.231  1.00 40.61 ? 101 WFB B H19    1 
HETATM 755 H  H20    . WFB C 2 .  ? 8.834   3.476   0.882   1.00 41.32 ? 101 WFB B H20    1 
HETATM 756 H  H11    . WFB C 2 .  ? -3.847  4.349   -8.835  1.00 40.46 ? 101 WFB B H11    1 
HETATM 757 H  H12    . WFB C 2 .  ? -3.056  4.589   -7.542  1.00 40.46 ? 101 WFB B H12    1 
HETATM 758 H  H13    . WFB C 2 .  ? -2.922  3.137   -10.511 1.00 39.26 ? 101 WFB B H13    1 
HETATM 759 H  H17    . WFB C 2 .  ? 1.815   2.610   -3.886  1.00 26.33 ? 101 WFB B H17    1 
HETATM 760 MG MG     . MG  D 3 .  ? -4.152  13.721  -1.945  1.00 25.94 ? 101 MG  C MG     1 
HETATM 761 O  O      . HOH E 4 .  ? 6.428   -15.491 -1.436  1.00 40.77 ? 201 HOH B O      1 
HETATM 762 O  O      . HOH E 4 .  ? -4.181  2.802   -7.091  1.00 36.78 ? 202 HOH B O      1 
HETATM 763 O  O      . HOH E 4 .  ? -16.934 7.609   -12.372 1.00 36.91 ? 203 HOH B O      1 
HETATM 764 O  O      . HOH E 4 .  ? -9.643  2.450   -12.916 1.00 45.27 ? 204 HOH B O      1 
HETATM 765 O  O      . HOH E 4 .  ? -1.935  6.512   -15.231 1.00 39.25 ? 205 HOH B O      1 
HETATM 766 O  O      . HOH E 4 .  ? -3.289  11.922  -1.748  1.00 29.62 ? 206 HOH B O      1 
HETATM 767 O  O      . HOH E 4 .  ? -1.348  12.343  -4.853  1.00 27.82 ? 207 HOH B O      1 
HETATM 768 O  O      . HOH E 4 .  ? 0.145   11.130  -9.032  1.00 26.59 ? 208 HOH B O      1 
HETATM 769 O  O      . HOH E 4 .  ? 10.564  -11.149 2.194   1.00 37.81 ? 209 HOH B O      1 
HETATM 770 O  O      . HOH E 4 .  ? -5.600  5.645   -8.313  1.00 25.95 ? 210 HOH B O      1 
HETATM 771 O  O      . HOH E 4 .  ? -3.715  5.965   2.851   1.00 38.09 ? 211 HOH B O      1 
HETATM 772 O  O      . HOH E 4 .  ? -3.363  -8.258  1.625   1.00 39.56 ? 212 HOH B O      1 
HETATM 773 O  O      . HOH E 4 .  ? -2.809  -0.813  4.839   1.00 33.38 ? 213 HOH B O      1 
HETATM 774 O  O      . HOH E 4 .  ? -0.992  1.718   8.236   1.00 36.05 ? 214 HOH B O      1 
HETATM 775 O  O      . HOH E 4 .  ? -2.651  9.780   0.335   1.00 34.35 ? 215 HOH B O      1 
HETATM 776 O  O      . HOH E 4 .  ? -9.015  11.971  -11.893 1.00 29.66 ? 216 HOH B O      1 
HETATM 777 O  O      . HOH E 4 .  ? -14.324 4.156   -13.590 1.00 35.56 ? 217 HOH B O      1 
HETATM 778 O  O      . HOH E 4 .  ? 8.315   7.850   4.326   1.00 43.58 ? 218 HOH B O      1 
HETATM 779 O  O      . HOH E 4 .  ? 4.902   4.266   -8.660  1.00 40.53 ? 219 HOH B O      1 
HETATM 780 O  O      . HOH E 4 .  ? 5.631   -11.197 -1.402  1.00 39.35 ? 220 HOH B O      1 
HETATM 781 O  O      . HOH E 4 .  ? -6.104  -9.793  7.082   1.00 44.33 ? 221 HOH B O      1 
HETATM 782 O  O      . HOH E 4 .  ? 2.441   9.436   0.881   1.00 30.55 ? 222 HOH B O      1 
HETATM 783 O  O      . HOH E 4 .  ? -4.376  13.206  -8.682  1.00 26.95 ? 223 HOH B O      1 
HETATM 784 O  O      . HOH E 4 .  ? -18.539 5.364   -10.558 1.00 43.86 ? 224 HOH B O      1 
HETATM 785 O  O      . HOH E 4 .  ? -2.285  -4.903  2.212   1.00 39.93 ? 225 HOH B O      1 
HETATM 786 O  O      . HOH E 4 .  ? 3.010   10.992  -1.201  1.00 33.56 ? 226 HOH B O      1 
HETATM 787 O  O      . HOH E 4 .  ? 7.309   -0.768  6.253   1.00 39.03 ? 227 HOH B O      1 
HETATM 788 O  O      . HOH E 4 .  ? -3.809  -1.738  2.580   1.00 37.19 ? 228 HOH B O      1 
HETATM 789 O  O      . HOH E 4 .  ? 12.740  -11.538 3.765   1.00 40.51 ? 229 HOH B O      1 
HETATM 790 O  O      . HOH E 4 .  ? -1.804  12.599  -11.549 1.00 33.51 ? 230 HOH B O      1 
HETATM 791 O  O      . HOH F 4 .  ? -14.221 16.928  3.289   1.00 36.85 ? 201 HOH C O      1 
HETATM 792 O  O      . HOH F 4 .  ? 14.009  1.342   6.589   1.00 32.90 ? 202 HOH C O      1 
HETATM 793 O  O      . HOH F 4 .  ? -1.736  -4.891  -0.429  1.00 42.78 ? 203 HOH C O      1 
HETATM 794 O  O      . HOH F 4 .  ? 11.441  2.774   -0.738  1.00 42.26 ? 204 HOH C O      1 
HETATM 795 O  O      . HOH F 4 .  ? -8.651  16.921  4.049   1.00 37.22 ? 205 HOH C O      1 
HETATM 796 O  O      . HOH F 4 .  ? -4.995  13.209  -3.702  1.00 24.32 ? 206 HOH C O      1 
HETATM 797 O  O      . HOH F 4 .  ? -11.708 -4.791  -4.051  1.00 39.49 ? 207 HOH C O      1 
HETATM 798 O  O      . HOH F 4 .  ? 2.112   -4.486  -6.763  1.00 29.83 ? 208 HOH C O      1 
HETATM 799 O  O      . HOH F 4 .  ? -6.026  13.642  -0.739  1.00 29.20 ? 209 HOH C O      1 
HETATM 800 O  O      . HOH F 4 .  ? -11.174 17.415  -3.849  1.00 36.90 ? 210 HOH C O      1 
HETATM 801 O  O      . HOH F 4 .  ? -2.235  -2.418  -11.208 1.00 28.27 ? 211 HOH C O      1 
HETATM 802 O  O      . HOH F 4 .  ? -3.519  -5.025  -9.787  1.00 28.16 ? 212 HOH C O      1 
HETATM 803 O  O      . HOH F 4 .  ? 6.833   -3.643  7.190   1.00 37.88 ? 213 HOH C O      1 
HETATM 804 O  O      . HOH F 4 .  ? 1.201   -1.960  -12.258 1.00 33.30 ? 214 HOH C O      1 
HETATM 805 O  O      . HOH F 4 .  ? 2.533   1.377   -11.077 1.00 38.23 ? 215 HOH C O      1 
HETATM 806 O  O      . HOH F 4 .  ? 2.711   -12.574 17.239  1.00 34.90 ? 216 HOH C O      1 
HETATM 807 O  O      . HOH F 4 .  ? 5.600   -0.839  4.242   1.00 50.18 ? 217 HOH C O      1 
HETATM 808 O  O      . HOH F 4 .  ? -5.761  0.379   0.962   1.00 32.84 ? 218 HOH C O      1 
HETATM 809 O  O      . HOH F 4 .  ? -12.656 -2.869  -5.652  1.00 41.15 ? 219 HOH C O      1 
HETATM 810 O  O      . HOH F 4 .  ? -0.742  -4.476  -9.398  1.00 29.86 ? 220 HOH C O      1 
HETATM 811 O  O      . HOH F 4 .  ? 1.927   -6.990  -1.706  1.00 28.42 ? 221 HOH C O      1 
HETATM 812 O  O      . HOH F 4 .  ? -4.174  -3.265  -1.758  1.00 33.94 ? 222 HOH C O      1 
HETATM 813 O  O      . HOH F 4 .  ? -2.763  -4.125  -6.236  1.00 26.56 ? 223 HOH C O      1 
HETATM 814 O  O      . HOH F 4 .  ? -6.347  4.661   2.383   1.00 34.89 ? 224 HOH C O      1 
HETATM 815 O  O      . HOH F 4 .  ? 8.255   -4.231  -4.026  1.00 29.71 ? 225 HOH C O      1 
HETATM 816 O  O      . HOH F 4 .  ? 13.258  -10.235 6.732   1.00 37.67 ? 226 HOH C O      1 
HETATM 817 O  O      . HOH F 4 .  ? 11.800  -8.030  1.698   1.00 37.75 ? 227 HOH C O      1 
HETATM 818 O  O      . HOH F 4 .  ? 10.963  -10.850 13.285  1.00 37.70 ? 228 HOH C O      1 
HETATM 819 O  O      . HOH F 4 .  ? -5.082  10.398  1.963   1.00 42.68 ? 229 HOH C O      1 
HETATM 820 O  O      . HOH F 4 .  ? 12.891  -14.043 10.072  1.00 35.94 ? 230 HOH C O      1 
HETATM 821 O  O      . HOH F 4 .  ? -9.564  19.959  -3.159  1.00 41.48 ? 231 HOH C O      1 
HETATM 822 O  O      . HOH F 4 .  ? -8.245  0.792   1.854   1.00 37.00 ? 232 HOH C O      1 
HETATM 823 O  O      . HOH F 4 .  ? -8.704  6.754   3.367   1.00 35.83 ? 233 HOH C O      1 
HETATM 824 O  O      . HOH F 4 .  ? -8.289  12.674  2.776   1.00 30.78 ? 234 HOH C O      1 
HETATM 825 O  O      . HOH F 4 .  ? -11.547 15.417  7.019   1.00 41.33 ? 235 HOH C O      1 
HETATM 826 O  O      . HOH F 4 .  ? -4.666  14.658  -5.912  1.00 36.90 ? 236 HOH C O      1 
HETATM 827 O  O      . HOH F 4 .  ? -9.087  -1.341  1.102   1.00 47.83 ? 237 HOH C O      1 
HETATM 828 O  O      . HOH F 4 .  ? 12.914  -12.168 11.462  1.00 36.81 ? 238 HOH C O      1 
HETATM 829 O  O      . HOH F 4 .  ? 10.610  3.369   -3.074  1.00 32.70 ? 239 HOH C O      1 
HETATM 830 O  O      . HOH F 4 .  ? -5.557  -1.431  -14.287 1.00 32.86 ? 240 HOH C O      1 
HETATM 831 O  O      . HOH F 4 .  ? -1.095  -1.173  -12.698 1.00 39.95 ? 241 HOH C O      1 
HETATM 832 O  O      . HOH F 4 .  ? -1.185  -5.942  -6.853  1.00 28.52 ? 242 HOH C O      1 
# 
loop_
_pdbx_poly_seq_scheme.asym_id 
_pdbx_poly_seq_scheme.entity_id 
_pdbx_poly_seq_scheme.seq_id 
_pdbx_poly_seq_scheme.mon_id 
_pdbx_poly_seq_scheme.ndb_seq_num 
_pdbx_poly_seq_scheme.pdb_seq_num 
_pdbx_poly_seq_scheme.auth_seq_num 
_pdbx_poly_seq_scheme.pdb_mon_id 
_pdbx_poly_seq_scheme.auth_mon_id 
_pdbx_poly_seq_scheme.pdb_strand_id 
_pdbx_poly_seq_scheme.pdb_ins_code 
_pdbx_poly_seq_scheme.hetero 
A 1 1  DC 1  1  1  DC DC B . n 
A 1 2  DG 2  2  2  DG DG B . n 
A 1 3  DC 3  3  3  DC DC B . n 
A 1 4  DA 4  4  4  DA DA B . n 
A 1 5  DA 5  5  5  DA DA B . n 
A 1 6  DA 6  6  6  DA DA B . n 
A 1 7  DT 7  7  7  DT DT B . n 
A 1 8  DT 8  8  8  DT DT B . n 
A 1 9  DT 9  9  9  DT DT B . n 
A 1 10 DG 10 10 10 DG DG B . n 
A 1 11 DC 11 11 11 DC DC B . n 
A 1 12 DG 12 12 12 DG DG B . n 
B 1 1  DC 1  13 13 DC DC C . n 
B 1 2  DG 2  14 14 DG DG C . n 
B 1 3  DC 3  15 15 DC DC C . n 
B 1 4  DA 4  16 16 DA DA C . n 
B 1 5  DA 5  17 17 DA DA C . n 
B 1 6  DA 6  18 18 DA DA C . n 
B 1 7  DT 7  19 19 DT DT C . n 
B 1 8  DT 8  20 20 DT DT C . n 
B 1 9  DT 9  21 21 DT DT C . n 
B 1 10 DG 10 22 22 DG DG C . n 
B 1 11 DC 11 23 23 DC DC C . n 
B 1 12 DG 12 24 24 DG DG C . n 
# 
_pdbx_contact_author.id                 2 
_pdbx_contact_author.email              wdw@gsu.edu 
_pdbx_contact_author.name_first         W 
_pdbx_contact_author.name_last          Wilson 
_pdbx_contact_author.name_mi            David 
_pdbx_contact_author.role               'principal investigator/group leader' 
_pdbx_contact_author.identifier_ORCID   0000-0001-5225-5089 
# 
loop_
_pdbx_nonpoly_scheme.asym_id 
_pdbx_nonpoly_scheme.entity_id 
_pdbx_nonpoly_scheme.mon_id 
_pdbx_nonpoly_scheme.ndb_seq_num 
_pdbx_nonpoly_scheme.pdb_seq_num 
_pdbx_nonpoly_scheme.auth_seq_num 
_pdbx_nonpoly_scheme.pdb_mon_id 
_pdbx_nonpoly_scheme.auth_mon_id 
_pdbx_nonpoly_scheme.pdb_strand_id 
_pdbx_nonpoly_scheme.pdb_ins_code 
C 2 WFB 1  101 101 WFB DRG B . 
D 3 MG  1  101 1   MG  MG  C . 
E 4 HOH 1  201 63  HOH HOH B . 
E 4 HOH 2  202 71  HOH HOH B . 
E 4 HOH 3  203 44  HOH HOH B . 
E 4 HOH 4  204 64  HOH HOH B . 
E 4 HOH 5  205 66  HOH HOH B . 
E 4 HOH 6  206 10  HOH HOH B . 
E 4 HOH 7  207 13  HOH HOH B . 
E 4 HOH 8  208 7   HOH HOH B . 
E 4 HOH 9  209 22  HOH HOH B . 
E 4 HOH 10 210 1   HOH HOH B . 
E 4 HOH 11 211 58  HOH HOH B . 
E 4 HOH 12 212 38  HOH HOH B . 
E 4 HOH 13 213 15  HOH HOH B . 
E 4 HOH 14 214 20  HOH HOH B . 
E 4 HOH 15 215 16  HOH HOH B . 
E 4 HOH 16 216 29  HOH HOH B . 
E 4 HOH 17 217 30  HOH HOH B . 
E 4 HOH 18 218 54  HOH HOH B . 
E 4 HOH 19 219 70  HOH HOH B . 
E 4 HOH 20 220 53  HOH HOH B . 
E 4 HOH 21 221 39  HOH HOH B . 
E 4 HOH 22 222 11  HOH HOH B . 
E 4 HOH 23 223 8   HOH HOH B . 
E 4 HOH 24 224 40  HOH HOH B . 
E 4 HOH 25 225 52  HOH HOH B . 
E 4 HOH 26 226 12  HOH HOH B . 
E 4 HOH 27 227 57  HOH HOH B . 
E 4 HOH 28 228 51  HOH HOH B . 
E 4 HOH 29 229 41  HOH HOH B . 
E 4 HOH 30 230 42  HOH HOH B . 
F 4 HOH 1  201 61  HOH HOH C . 
F 4 HOH 2  202 31  HOH HOH C . 
F 4 HOH 3  203 37  HOH HOH C . 
F 4 HOH 4  204 56  HOH HOH C . 
F 4 HOH 5  205 45  HOH HOH C . 
F 4 HOH 6  206 3   HOH HOH C . 
F 4 HOH 7  207 36  HOH HOH C . 
F 4 HOH 8  208 19  HOH HOH C . 
F 4 HOH 9  209 4   HOH HOH C . 
F 4 HOH 10 210 17  HOH HOH C . 
F 4 HOH 11 211 33  HOH HOH C . 
F 4 HOH 12 212 9   HOH HOH C . 
F 4 HOH 13 213 68  HOH HOH C . 
F 4 HOH 14 214 14  HOH HOH C . 
F 4 HOH 15 215 69  HOH HOH C . 
F 4 HOH 16 216 28  HOH HOH C . 
F 4 HOH 17 217 72  HOH HOH C . 
F 4 HOH 18 218 27  HOH HOH C . 
F 4 HOH 19 219 62  HOH HOH C . 
F 4 HOH 20 220 23  HOH HOH C . 
F 4 HOH 21 221 2   HOH HOH C . 
F 4 HOH 22 222 47  HOH HOH C . 
F 4 HOH 23 223 6   HOH HOH C . 
F 4 HOH 24 224 35  HOH HOH C . 
F 4 HOH 25 225 25  HOH HOH C . 
F 4 HOH 26 226 34  HOH HOH C . 
F 4 HOH 27 227 24  HOH HOH C . 
F 4 HOH 28 228 21  HOH HOH C . 
F 4 HOH 29 229 50  HOH HOH C . 
F 4 HOH 30 230 18  HOH HOH C . 
F 4 HOH 31 231 48  HOH HOH C . 
F 4 HOH 32 232 55  HOH HOH C . 
F 4 HOH 33 233 65  HOH HOH C . 
F 4 HOH 34 234 67  HOH HOH C . 
F 4 HOH 35 235 60  HOH HOH C . 
F 4 HOH 36 236 32  HOH HOH C . 
F 4 HOH 37 237 49  HOH HOH C . 
F 4 HOH 38 238 43  HOH HOH C . 
F 4 HOH 39 239 59  HOH HOH C . 
F 4 HOH 40 240 46  HOH HOH C . 
F 4 HOH 41 241 26  HOH HOH C . 
F 4 HOH 42 242 5   HOH HOH C . 
# 
_pdbx_struct_assembly.id                   1 
_pdbx_struct_assembly.details              author_defined_assembly 
_pdbx_struct_assembly.method_details       ? 
_pdbx_struct_assembly.oligomeric_details   dimeric 
_pdbx_struct_assembly.oligomeric_count     2 
# 
_pdbx_struct_assembly_gen.assembly_id       1 
_pdbx_struct_assembly_gen.oper_expression   1 
_pdbx_struct_assembly_gen.asym_id_list      A,B,C,D,E,F 
# 
_pdbx_struct_oper_list.id                   1 
_pdbx_struct_oper_list.type                 'identity operation' 
_pdbx_struct_oper_list.name                 1_555 
_pdbx_struct_oper_list.symmetry_operation   x,y,z 
_pdbx_struct_oper_list.matrix[1][1]         1.0000000000 
_pdbx_struct_oper_list.matrix[1][2]         0.0000000000 
_pdbx_struct_oper_list.matrix[1][3]         0.0000000000 
_pdbx_struct_oper_list.vector[1]            0.0000000000 
_pdbx_struct_oper_list.matrix[2][1]         0.0000000000 
_pdbx_struct_oper_list.matrix[2][2]         1.0000000000 
_pdbx_struct_oper_list.matrix[2][3]         0.0000000000 
_pdbx_struct_oper_list.vector[2]            0.0000000000 
_pdbx_struct_oper_list.matrix[3][1]         0.0000000000 
_pdbx_struct_oper_list.matrix[3][2]         0.0000000000 
_pdbx_struct_oper_list.matrix[3][3]         1.0000000000 
_pdbx_struct_oper_list.vector[3]            0.0000000000 
# 
loop_
_pdbx_struct_conn_angle.id 
_pdbx_struct_conn_angle.ptnr1_label_atom_id 
_pdbx_struct_conn_angle.ptnr1_label_alt_id 
_pdbx_struct_conn_angle.ptnr1_label_asym_id 
_pdbx_struct_conn_angle.ptnr1_label_comp_id 
_pdbx_struct_conn_angle.ptnr1_label_seq_id 
_pdbx_struct_conn_angle.ptnr1_auth_atom_id 
_pdbx_struct_conn_angle.ptnr1_auth_asym_id 
_pdbx_struct_conn_angle.ptnr1_auth_comp_id 
_pdbx_struct_conn_angle.ptnr1_auth_seq_id 
_pdbx_struct_conn_angle.ptnr1_PDB_ins_code 
_pdbx_struct_conn_angle.ptnr1_symmetry 
_pdbx_struct_conn_angle.ptnr2_label_atom_id 
_pdbx_struct_conn_angle.ptnr2_label_alt_id 
_pdbx_struct_conn_angle.ptnr2_label_asym_id 
_pdbx_struct_conn_angle.ptnr2_label_comp_id 
_pdbx_struct_conn_angle.ptnr2_label_seq_id 
_pdbx_struct_conn_angle.ptnr2_auth_atom_id 
_pdbx_struct_conn_angle.ptnr2_auth_asym_id 
_pdbx_struct_conn_angle.ptnr2_auth_comp_id 
_pdbx_struct_conn_angle.ptnr2_auth_seq_id 
_pdbx_struct_conn_angle.ptnr2_PDB_ins_code 
_pdbx_struct_conn_angle.ptnr2_symmetry 
_pdbx_struct_conn_angle.ptnr3_label_atom_id 
_pdbx_struct_conn_angle.ptnr3_label_alt_id 
_pdbx_struct_conn_angle.ptnr3_label_asym_id 
_pdbx_struct_conn_angle.ptnr3_label_comp_id 
_pdbx_struct_conn_angle.ptnr3_label_seq_id 
_pdbx_struct_conn_angle.ptnr3_auth_atom_id 
_pdbx_struct_conn_angle.ptnr3_auth_asym_id 
_pdbx_struct_conn_angle.ptnr3_auth_comp_id 
_pdbx_struct_conn_angle.ptnr3_auth_seq_id 
_pdbx_struct_conn_angle.ptnr3_PDB_ins_code 
_pdbx_struct_conn_angle.ptnr3_symmetry 
_pdbx_struct_conn_angle.value 
_pdbx_struct_conn_angle.value_esd 
1  O ? E HOH . ? B HOH 206 ? 1_555 MG ? D MG . ? C MG 101 ? 1_555 O ? F HOH . ? C HOH 206 ? 1_555 92.2  ? 
2  O ? E HOH . ? B HOH 206 ? 1_555 MG ? D MG . ? C MG 101 ? 1_555 O ? F HOH . ? C HOH 209 ? 1_555 106.1 ? 
3  O ? F HOH . ? C HOH 206 ? 1_555 MG ? D MG . ? C MG 101 ? 1_555 O ? F HOH . ? C HOH 209 ? 1_555 96.4  ? 
4  O ? E HOH . ? B HOH 206 ? 1_555 MG ? D MG . ? C MG 101 ? 1_555 O ? F HOH . ? C HOH 211 ? 3_545 83.7  ? 
5  O ? F HOH . ? C HOH 206 ? 1_555 MG ? D MG . ? C MG 101 ? 1_555 O ? F HOH . ? C HOH 211 ? 3_545 175.6 ? 
6  O ? F HOH . ? C HOH 209 ? 1_555 MG ? D MG . ? C MG 101 ? 1_555 O ? F HOH . ? C HOH 211 ? 3_545 83.5  ? 
7  O ? E HOH . ? B HOH 206 ? 1_555 MG ? D MG . ? C MG 101 ? 1_555 O ? F HOH . ? C HOH 212 ? 3_545 86.6  ? 
8  O ? F HOH . ? C HOH 206 ? 1_555 MG ? D MG . ? C MG 101 ? 1_555 O ? F HOH . ? C HOH 212 ? 3_545 85.1  ? 
9  O ? F HOH . ? C HOH 209 ? 1_555 MG ? D MG . ? C MG 101 ? 1_555 O ? F HOH . ? C HOH 212 ? 3_545 167.1 ? 
10 O ? F HOH . ? C HOH 211 ? 3_545 MG ? D MG . ? C MG 101 ? 1_555 O ? F HOH . ? C HOH 212 ? 3_545 96.0  ? 
11 O ? E HOH . ? B HOH 206 ? 1_555 MG ? D MG . ? C MG 101 ? 1_555 O ? F HOH . ? C HOH 220 ? 3_545 174.0 ? 
12 O ? F HOH . ? C HOH 206 ? 1_555 MG ? D MG . ? C MG 101 ? 1_555 O ? F HOH . ? C HOH 220 ? 3_545 89.2  ? 
13 O ? F HOH . ? C HOH 209 ? 1_555 MG ? D MG . ? C MG 101 ? 1_555 O ? F HOH . ? C HOH 220 ? 3_545 79.6  ? 
14 O ? F HOH . ? C HOH 211 ? 3_545 MG ? D MG . ? C MG 101 ? 1_555 O ? F HOH . ? C HOH 220 ? 3_545 95.1  ? 
15 O ? F HOH . ? C HOH 212 ? 3_545 MG ? D MG . ? C MG 101 ? 1_555 O ? F HOH . ? C HOH 220 ? 3_545 87.7  ? 
# 
loop_
_pdbx_audit_revision_history.ordinal 
_pdbx_audit_revision_history.data_content_type 
_pdbx_audit_revision_history.major_revision 
_pdbx_audit_revision_history.minor_revision 
_pdbx_audit_revision_history.revision_date 
1 'Structure model' 1 0 2023-02-22 
2 'Structure model' 1 1 2023-08-30 
# 
_pdbx_audit_revision_details.ordinal             1 
_pdbx_audit_revision_details.revision_ordinal    1 
_pdbx_audit_revision_details.data_content_type   'Structure model' 
_pdbx_audit_revision_details.provider            repository 
_pdbx_audit_revision_details.type                'Initial release' 
_pdbx_audit_revision_details.description         ? 
_pdbx_audit_revision_details.details             ? 
# 
loop_
_pdbx_audit_revision_group.ordinal 
_pdbx_audit_revision_group.revision_ordinal 
_pdbx_audit_revision_group.data_content_type 
_pdbx_audit_revision_group.group 
1 2 'Structure model' 'Data collection'        
2 2 'Structure model' 'Database references'    
3 2 'Structure model' 'Refinement description' 
# 
loop_
_pdbx_audit_revision_category.ordinal 
_pdbx_audit_revision_category.revision_ordinal 
_pdbx_audit_revision_category.data_content_type 
_pdbx_audit_revision_category.category 
1 2 'Structure model' chem_comp_atom     
2 2 'Structure model' chem_comp_bond     
3 2 'Structure model' citation           
4 2 'Structure model' citation_author    
5 2 'Structure model' struct_ncs_dom_lim 
# 
loop_
_pdbx_audit_revision_item.ordinal 
_pdbx_audit_revision_item.revision_ordinal 
_pdbx_audit_revision_item.data_content_type 
_pdbx_audit_revision_item.item 
1  2 'Structure model' '_citation.journal_volume'              
2  2 'Structure model' '_citation.page_first'                  
3  2 'Structure model' '_citation.page_last'                   
4  2 'Structure model' '_citation.pdbx_database_id_DOI'        
5  2 'Structure model' '_citation.pdbx_database_id_PubMed'     
6  2 'Structure model' '_citation.title'                       
7  2 'Structure model' '_struct_ncs_dom_lim.beg_auth_comp_id'  
8  2 'Structure model' '_struct_ncs_dom_lim.beg_label_asym_id' 
9  2 'Structure model' '_struct_ncs_dom_lim.beg_label_comp_id' 
10 2 'Structure model' '_struct_ncs_dom_lim.beg_label_seq_id'  
11 2 'Structure model' '_struct_ncs_dom_lim.end_auth_comp_id'  
12 2 'Structure model' '_struct_ncs_dom_lim.end_label_asym_id' 
13 2 'Structure model' '_struct_ncs_dom_lim.end_label_comp_id' 
14 2 'Structure model' '_struct_ncs_dom_lim.end_label_seq_id'  
# 
loop_
_software.citation_id 
_software.classification 
_software.compiler_name 
_software.compiler_version 
_software.contact_author 
_software.contact_author_email 
_software.date 
_software.description 
_software.dependencies 
_software.hardware 
_software.language 
_software.location 
_software.mods 
_software.name 
_software.os 
_software.os_version 
_software.type 
_software.version 
_software.pdbx_ordinal 
? refinement        ? ? ? ? ? ? ? ? ? ? ? PHENIX   ? ? ? 1.19.2_4158 1 
? 'data scaling'    ? ? ? ? ? ? ? ? ? ? ? XDS      ? ? ? .           2 
? 'data reduction'  ? ? ? ? ? ? ? ? ? ? ? XDS      ? ? ? .           3 
? 'data processing' ? ? ? ? ? ? ? ? ? ? ? autoPROC ? ? ? .           4 
? phasing           ? ? ? ? ? ? ? ? ? ? ? PHASER   ? ? ? .           5 
# 
_pdbx_entry_details.entry_id                 8FDQ 
_pdbx_entry_details.nonpolymer_details       ? 
_pdbx_entry_details.sequence_details         ? 
_pdbx_entry_details.compound_details         ? 
_pdbx_entry_details.source_details           ? 
_pdbx_entry_details.has_ligand_of_interest   Y 
# 
loop_
_pdbx_validate_close_contact.id 
_pdbx_validate_close_contact.PDB_model_num 
_pdbx_validate_close_contact.auth_atom_id_1 
_pdbx_validate_close_contact.auth_asym_id_1 
_pdbx_validate_close_contact.auth_comp_id_1 
_pdbx_validate_close_contact.auth_seq_id_1 
_pdbx_validate_close_contact.PDB_ins_code_1 
_pdbx_validate_close_contact.label_alt_id_1 
_pdbx_validate_close_contact.auth_atom_id_2 
_pdbx_validate_close_contact.auth_asym_id_2 
_pdbx_validate_close_contact.auth_comp_id_2 
_pdbx_validate_close_contact.auth_seq_id_2 
_pdbx_validate_close_contact.PDB_ins_code_2 
_pdbx_validate_close_contact.label_alt_id_2 
_pdbx_validate_close_contact.dist 
1 1 OP2 B DG  2   ? ? O B HOH 201 ? ? 1.99 
2 1 N4  B WFB 101 ? ? O B HOH 202 ? ? 2.19 
# 
loop_
_pdbx_validate_symm_contact.id 
_pdbx_validate_symm_contact.PDB_model_num 
_pdbx_validate_symm_contact.auth_atom_id_1 
_pdbx_validate_symm_contact.auth_asym_id_1 
_pdbx_validate_symm_contact.auth_comp_id_1 
_pdbx_validate_symm_contact.auth_seq_id_1 
_pdbx_validate_symm_contact.PDB_ins_code_1 
_pdbx_validate_symm_contact.label_alt_id_1 
_pdbx_validate_symm_contact.site_symmetry_1 
_pdbx_validate_symm_contact.auth_atom_id_2 
_pdbx_validate_symm_contact.auth_asym_id_2 
_pdbx_validate_symm_contact.auth_comp_id_2 
_pdbx_validate_symm_contact.auth_seq_id_2 
_pdbx_validate_symm_contact.PDB_ins_code_2 
_pdbx_validate_symm_contact.label_alt_id_2 
_pdbx_validate_symm_contact.site_symmetry_2 
_pdbx_validate_symm_contact.dist 
1 1 O B HOH 224 ? ? 1_555 O C HOH 213 ? ? 2_455 2.02 
2 1 O C HOH 205 ? ? 1_555 O C HOH 215 ? ? 3_545 2.16 
# 
loop_
_pdbx_validate_rmsd_bond.id 
_pdbx_validate_rmsd_bond.PDB_model_num 
_pdbx_validate_rmsd_bond.auth_atom_id_1 
_pdbx_validate_rmsd_bond.auth_asym_id_1 
_pdbx_validate_rmsd_bond.auth_comp_id_1 
_pdbx_validate_rmsd_bond.auth_seq_id_1 
_pdbx_validate_rmsd_bond.PDB_ins_code_1 
_pdbx_validate_rmsd_bond.label_alt_id_1 
_pdbx_validate_rmsd_bond.auth_atom_id_2 
_pdbx_validate_rmsd_bond.auth_asym_id_2 
_pdbx_validate_rmsd_bond.auth_comp_id_2 
_pdbx_validate_rmsd_bond.auth_seq_id_2 
_pdbx_validate_rmsd_bond.PDB_ins_code_2 
_pdbx_validate_rmsd_bond.label_alt_id_2 
_pdbx_validate_rmsd_bond.bond_value 
_pdbx_validate_rmsd_bond.bond_target_value 
_pdbx_validate_rmsd_bond.bond_deviation 
_pdbx_validate_rmsd_bond.bond_standard_deviation 
_pdbx_validate_rmsd_bond.linker_flag 
1 1 "O3'" B DT 8  ? ? "C3'" B DT 8  ? ? 1.378 1.419 -0.041 0.006 N 
2 1 "O3'" B DG 10 ? ? "C3'" B DG 10 ? ? 1.380 1.419 -0.039 0.006 N 
3 1 "O3'" B DC 11 ? ? "C3'" B DC 11 ? ? 1.376 1.419 -0.043 0.006 N 
4 1 "O3'" C DC 23 ? ? "C3'" C DC 23 ? ? 1.378 1.419 -0.041 0.006 N 
# 
loop_
_pdbx_validate_rmsd_angle.id 
_pdbx_validate_rmsd_angle.PDB_model_num 
_pdbx_validate_rmsd_angle.auth_atom_id_1 
_pdbx_validate_rmsd_angle.auth_asym_id_1 
_pdbx_validate_rmsd_angle.auth_comp_id_1 
_pdbx_validate_rmsd_angle.auth_seq_id_1 
_pdbx_validate_rmsd_angle.PDB_ins_code_1 
_pdbx_validate_rmsd_angle.label_alt_id_1 
_pdbx_validate_rmsd_angle.auth_atom_id_2 
_pdbx_validate_rmsd_angle.auth_asym_id_2 
_pdbx_validate_rmsd_angle.auth_comp_id_2 
_pdbx_validate_rmsd_angle.auth_seq_id_2 
_pdbx_validate_rmsd_angle.PDB_ins_code_2 
_pdbx_validate_rmsd_angle.label_alt_id_2 
_pdbx_validate_rmsd_angle.auth_atom_id_3 
_pdbx_validate_rmsd_angle.auth_asym_id_3 
_pdbx_validate_rmsd_angle.auth_comp_id_3 
_pdbx_validate_rmsd_angle.auth_seq_id_3 
_pdbx_validate_rmsd_angle.PDB_ins_code_3 
_pdbx_validate_rmsd_angle.label_alt_id_3 
_pdbx_validate_rmsd_angle.angle_value 
_pdbx_validate_rmsd_angle.angle_target_value 
_pdbx_validate_rmsd_angle.angle_deviation 
_pdbx_validate_rmsd_angle.angle_standard_deviation 
_pdbx_validate_rmsd_angle.linker_flag 
1 1 "O4'" B DG 10 ? ? "C1'" B DG 10 ? ? N9 B DG 10 ? ? 110.28 108.30 1.98 0.30 N 
2 1 "O4'" C DG 22 ? ? "C1'" C DG 22 ? ? N9 C DG 22 ? ? 110.64 108.30 2.34 0.30 N 
# 
loop_
_chem_comp_atom.comp_id 
_chem_comp_atom.atom_id 
_chem_comp_atom.type_symbol 
_chem_comp_atom.pdbx_aromatic_flag 
_chem_comp_atom.pdbx_stereo_config 
_chem_comp_atom.pdbx_ordinal 
DA  OP3    O  N N 1   
DA  P      P  N N 2   
DA  OP1    O  N N 3   
DA  OP2    O  N N 4   
DA  "O5'"  O  N N 5   
DA  "C5'"  C  N N 6   
DA  "C4'"  C  N R 7   
DA  "O4'"  O  N N 8   
DA  "C3'"  C  N S 9   
DA  "O3'"  O  N N 10  
DA  "C2'"  C  N N 11  
DA  "C1'"  C  N R 12  
DA  N9     N  Y N 13  
DA  C8     C  Y N 14  
DA  N7     N  Y N 15  
DA  C5     C  Y N 16  
DA  C6     C  Y N 17  
DA  N6     N  N N 18  
DA  N1     N  Y N 19  
DA  C2     C  Y N 20  
DA  N3     N  Y N 21  
DA  C4     C  Y N 22  
DA  HOP3   H  N N 23  
DA  HOP2   H  N N 24  
DA  "H5'"  H  N N 25  
DA  "H5''" H  N N 26  
DA  "H4'"  H  N N 27  
DA  "H3'"  H  N N 28  
DA  "HO3'" H  N N 29  
DA  "H2'"  H  N N 30  
DA  "H2''" H  N N 31  
DA  "H1'"  H  N N 32  
DA  H8     H  N N 33  
DA  H61    H  N N 34  
DA  H62    H  N N 35  
DA  H2     H  N N 36  
DC  OP3    O  N N 37  
DC  P      P  N N 38  
DC  OP1    O  N N 39  
DC  OP2    O  N N 40  
DC  "O5'"  O  N N 41  
DC  "C5'"  C  N N 42  
DC  "C4'"  C  N R 43  
DC  "O4'"  O  N N 44  
DC  "C3'"  C  N S 45  
DC  "O3'"  O  N N 46  
DC  "C2'"  C  N N 47  
DC  "C1'"  C  N R 48  
DC  N1     N  N N 49  
DC  C2     C  N N 50  
DC  O2     O  N N 51  
DC  N3     N  N N 52  
DC  C4     C  N N 53  
DC  N4     N  N N 54  
DC  C5     C  N N 55  
DC  C6     C  N N 56  
DC  HOP3   H  N N 57  
DC  HOP2   H  N N 58  
DC  "H5'"  H  N N 59  
DC  "H5''" H  N N 60  
DC  "H4'"  H  N N 61  
DC  "H3'"  H  N N 62  
DC  "HO3'" H  N N 63  
DC  "H2'"  H  N N 64  
DC  "H2''" H  N N 65  
DC  "H1'"  H  N N 66  
DC  H41    H  N N 67  
DC  H42    H  N N 68  
DC  H5     H  N N 69  
DC  H6     H  N N 70  
DG  OP3    O  N N 71  
DG  P      P  N N 72  
DG  OP1    O  N N 73  
DG  OP2    O  N N 74  
DG  "O5'"  O  N N 75  
DG  "C5'"  C  N N 76  
DG  "C4'"  C  N R 77  
DG  "O4'"  O  N N 78  
DG  "C3'"  C  N S 79  
DG  "O3'"  O  N N 80  
DG  "C2'"  C  N N 81  
DG  "C1'"  C  N R 82  
DG  N9     N  Y N 83  
DG  C8     C  Y N 84  
DG  N7     N  Y N 85  
DG  C5     C  Y N 86  
DG  C6     C  N N 87  
DG  O6     O  N N 88  
DG  N1     N  N N 89  
DG  C2     C  N N 90  
DG  N2     N  N N 91  
DG  N3     N  N N 92  
DG  C4     C  Y N 93  
DG  HOP3   H  N N 94  
DG  HOP2   H  N N 95  
DG  "H5'"  H  N N 96  
DG  "H5''" H  N N 97  
DG  "H4'"  H  N N 98  
DG  "H3'"  H  N N 99  
DG  "HO3'" H  N N 100 
DG  "H2'"  H  N N 101 
DG  "H2''" H  N N 102 
DG  "H1'"  H  N N 103 
DG  H8     H  N N 104 
DG  H1     H  N N 105 
DG  H21    H  N N 106 
DG  H22    H  N N 107 
DT  OP3    O  N N 108 
DT  P      P  N N 109 
DT  OP1    O  N N 110 
DT  OP2    O  N N 111 
DT  "O5'"  O  N N 112 
DT  "C5'"  C  N N 113 
DT  "C4'"  C  N R 114 
DT  "O4'"  O  N N 115 
DT  "C3'"  C  N S 116 
DT  "O3'"  O  N N 117 
DT  "C2'"  C  N N 118 
DT  "C1'"  C  N R 119 
DT  N1     N  N N 120 
DT  C2     C  N N 121 
DT  O2     O  N N 122 
DT  N3     N  N N 123 
DT  C4     C  N N 124 
DT  O4     O  N N 125 
DT  C5     C  N N 126 
DT  C7     C  N N 127 
DT  C6     C  N N 128 
DT  HOP3   H  N N 129 
DT  HOP2   H  N N 130 
DT  "H5'"  H  N N 131 
DT  "H5''" H  N N 132 
DT  "H4'"  H  N N 133 
DT  "H3'"  H  N N 134 
DT  "HO3'" H  N N 135 
DT  "H2'"  H  N N 136 
DT  "H2''" H  N N 137 
DT  "H1'"  H  N N 138 
DT  H3     H  N N 139 
DT  H71    H  N N 140 
DT  H72    H  N N 141 
DT  H73    H  N N 142 
DT  H6     H  N N 143 
HOH O      O  N N 144 
HOH H1     H  N N 145 
HOH H2     H  N N 146 
MG  MG     MG N N 147 
WFB C4     C  Y N 148 
WFB C14    C  Y N 149 
WFB C5     C  Y N 150 
WFB C6     C  Y N 151 
WFB C11    C  Y N 152 
WFB C7     C  Y N 153 
WFB C8     C  Y N 154 
WFB C9     C  Y N 155 
WFB C10    C  Y N 156 
WFB C12    C  Y N 157 
WFB C13    C  Y N 158 
WFB N1     N  N N 159 
WFB N2     N  N N 160 
WFB C3     C  Y N 161 
WFB N3     N  Y N 162 
WFB C1     C  N N 163 
WFB C15    C  N N 164 
WFB C16    C  Y N 165 
WFB C17    C  Y N 166 
WFB C18    C  Y N 167 
WFB C19    C  Y N 168 
WFB C2     C  Y N 169 
WFB C20    C  Y N 170 
WFB C21    C  Y N 171 
WFB N4     N  N N 172 
WFB N5     N  N N 173 
WFB N6     N  Y N 174 
WFB H6     H  N N 175 
WFB H7     H  N N 176 
WFB H8     H  N N 177 
WFB H9     H  N N 178 
WFB H10    H  N N 179 
WFB H1     H  N N 180 
WFB H2     H  N N 181 
WFB H4     H  N N 182 
WFB H5     H  N N 183 
WFB H15    H  N N 184 
WFB H16    H  N N 185 
WFB H18    H  N N 186 
WFB H19    H  N N 187 
WFB H20    H  N N 188 
WFB H11    H  N N 189 
WFB H12    H  N N 190 
WFB H13    H  N N 191 
WFB H17    H  N N 192 
# 
loop_
_chem_comp_bond.comp_id 
_chem_comp_bond.atom_id_1 
_chem_comp_bond.atom_id_2 
_chem_comp_bond.value_order 
_chem_comp_bond.pdbx_aromatic_flag 
_chem_comp_bond.pdbx_stereo_config 
_chem_comp_bond.pdbx_ordinal 
DA  OP3   P      sing N N 1   
DA  OP3   HOP3   sing N N 2   
DA  P     OP1    doub N N 3   
DA  P     OP2    sing N N 4   
DA  P     "O5'"  sing N N 5   
DA  OP2   HOP2   sing N N 6   
DA  "O5'" "C5'"  sing N N 7   
DA  "C5'" "C4'"  sing N N 8   
DA  "C5'" "H5'"  sing N N 9   
DA  "C5'" "H5''" sing N N 10  
DA  "C4'" "O4'"  sing N N 11  
DA  "C4'" "C3'"  sing N N 12  
DA  "C4'" "H4'"  sing N N 13  
DA  "O4'" "C1'"  sing N N 14  
DA  "C3'" "O3'"  sing N N 15  
DA  "C3'" "C2'"  sing N N 16  
DA  "C3'" "H3'"  sing N N 17  
DA  "O3'" "HO3'" sing N N 18  
DA  "C2'" "C1'"  sing N N 19  
DA  "C2'" "H2'"  sing N N 20  
DA  "C2'" "H2''" sing N N 21  
DA  "C1'" N9     sing N N 22  
DA  "C1'" "H1'"  sing N N 23  
DA  N9    C8     sing Y N 24  
DA  N9    C4     sing Y N 25  
DA  C8    N7     doub Y N 26  
DA  C8    H8     sing N N 27  
DA  N7    C5     sing Y N 28  
DA  C5    C6     sing Y N 29  
DA  C5    C4     doub Y N 30  
DA  C6    N6     sing N N 31  
DA  C6    N1     doub Y N 32  
DA  N6    H61    sing N N 33  
DA  N6    H62    sing N N 34  
DA  N1    C2     sing Y N 35  
DA  C2    N3     doub Y N 36  
DA  C2    H2     sing N N 37  
DA  N3    C4     sing Y N 38  
DC  OP3   P      sing N N 39  
DC  OP3   HOP3   sing N N 40  
DC  P     OP1    doub N N 41  
DC  P     OP2    sing N N 42  
DC  P     "O5'"  sing N N 43  
DC  OP2   HOP2   sing N N 44  
DC  "O5'" "C5'"  sing N N 45  
DC  "C5'" "C4'"  sing N N 46  
DC  "C5'" "H5'"  sing N N 47  
DC  "C5'" "H5''" sing N N 48  
DC  "C4'" "O4'"  sing N N 49  
DC  "C4'" "C3'"  sing N N 50  
DC  "C4'" "H4'"  sing N N 51  
DC  "O4'" "C1'"  sing N N 52  
DC  "C3'" "O3'"  sing N N 53  
DC  "C3'" "C2'"  sing N N 54  
DC  "C3'" "H3'"  sing N N 55  
DC  "O3'" "HO3'" sing N N 56  
DC  "C2'" "C1'"  sing N N 57  
DC  "C2'" "H2'"  sing N N 58  
DC  "C2'" "H2''" sing N N 59  
DC  "C1'" N1     sing N N 60  
DC  "C1'" "H1'"  sing N N 61  
DC  N1    C2     sing N N 62  
DC  N1    C6     sing N N 63  
DC  C2    O2     doub N N 64  
DC  C2    N3     sing N N 65  
DC  N3    C4     doub N N 66  
DC  C4    N4     sing N N 67  
DC  C4    C5     sing N N 68  
DC  N4    H41    sing N N 69  
DC  N4    H42    sing N N 70  
DC  C5    C6     doub N N 71  
DC  C5    H5     sing N N 72  
DC  C6    H6     sing N N 73  
DG  OP3   P      sing N N 74  
DG  OP3   HOP3   sing N N 75  
DG  P     OP1    doub N N 76  
DG  P     OP2    sing N N 77  
DG  P     "O5'"  sing N N 78  
DG  OP2   HOP2   sing N N 79  
DG  "O5'" "C5'"  sing N N 80  
DG  "C5'" "C4'"  sing N N 81  
DG  "C5'" "H5'"  sing N N 82  
DG  "C5'" "H5''" sing N N 83  
DG  "C4'" "O4'"  sing N N 84  
DG  "C4'" "C3'"  sing N N 85  
DG  "C4'" "H4'"  sing N N 86  
DG  "O4'" "C1'"  sing N N 87  
DG  "C3'" "O3'"  sing N N 88  
DG  "C3'" "C2'"  sing N N 89  
DG  "C3'" "H3'"  sing N N 90  
DG  "O3'" "HO3'" sing N N 91  
DG  "C2'" "C1'"  sing N N 92  
DG  "C2'" "H2'"  sing N N 93  
DG  "C2'" "H2''" sing N N 94  
DG  "C1'" N9     sing N N 95  
DG  "C1'" "H1'"  sing N N 96  
DG  N9    C8     sing Y N 97  
DG  N9    C4     sing Y N 98  
DG  C8    N7     doub Y N 99  
DG  C8    H8     sing N N 100 
DG  N7    C5     sing Y N 101 
DG  C5    C6     sing N N 102 
DG  C5    C4     doub Y N 103 
DG  C6    O6     doub N N 104 
DG  C6    N1     sing N N 105 
DG  N1    C2     sing N N 106 
DG  N1    H1     sing N N 107 
DG  C2    N2     sing N N 108 
DG  C2    N3     doub N N 109 
DG  N2    H21    sing N N 110 
DG  N2    H22    sing N N 111 
DG  N3    C4     sing N N 112 
DT  OP3   P      sing N N 113 
DT  OP3   HOP3   sing N N 114 
DT  P     OP1    doub N N 115 
DT  P     OP2    sing N N 116 
DT  P     "O5'"  sing N N 117 
DT  OP2   HOP2   sing N N 118 
DT  "O5'" "C5'"  sing N N 119 
DT  "C5'" "C4'"  sing N N 120 
DT  "C5'" "H5'"  sing N N 121 
DT  "C5'" "H5''" sing N N 122 
DT  "C4'" "O4'"  sing N N 123 
DT  "C4'" "C3'"  sing N N 124 
DT  "C4'" "H4'"  sing N N 125 
DT  "O4'" "C1'"  sing N N 126 
DT  "C3'" "O3'"  sing N N 127 
DT  "C3'" "C2'"  sing N N 128 
DT  "C3'" "H3'"  sing N N 129 
DT  "O3'" "HO3'" sing N N 130 
DT  "C2'" "C1'"  sing N N 131 
DT  "C2'" "H2'"  sing N N 132 
DT  "C2'" "H2''" sing N N 133 
DT  "C1'" N1     sing N N 134 
DT  "C1'" "H1'"  sing N N 135 
DT  N1    C2     sing N N 136 
DT  N1    C6     sing N N 137 
DT  C2    O2     doub N N 138 
DT  C2    N3     sing N N 139 
DT  N3    C4     sing N N 140 
DT  N3    H3     sing N N 141 
DT  C4    O4     doub N N 142 
DT  C4    C5     sing N N 143 
DT  C5    C7     sing N N 144 
DT  C5    C6     doub N N 145 
DT  C7    H71    sing N N 146 
DT  C7    H72    sing N N 147 
DT  C7    H73    sing N N 148 
DT  C6    H6     sing N N 149 
HOH O     H1     sing N N 150 
HOH O     H2     sing N N 151 
WFB N2    C1     doub N N 152 
WFB N1    C1     sing N N 153 
WFB C1    C2     sing N N 154 
WFB C2    C21    doub Y N 155 
WFB C2    C3     sing Y N 156 
WFB C21   C20    sing Y N 157 
WFB C3    C4     doub Y N 158 
WFB C20   C5     doub Y N 159 
WFB C4    C5     sing Y N 160 
WFB C5    C6     sing N N 161 
WFB C6    C7     doub Y N 162 
WFB C6    C19    sing Y N 163 
WFB C7    C8     sing Y N 164 
WFB C19   C18    doub Y N 165 
WFB C8    C9     doub Y N 166 
WFB C18   C9     sing Y N 167 
WFB C18   N6     sing Y N 168 
WFB C9    N3     sing Y N 169 
WFB N6    C10    sing Y N 170 
WFB N3    C10    doub Y N 171 
WFB C10   C11    sing N N 172 
WFB C11   C17    doub Y N 173 
WFB C11   C12    sing Y N 174 
WFB C17   C16    sing Y N 175 
WFB C12   C13    doub Y N 176 
WFB C16   C14    doub Y N 177 
WFB C13   C14    sing Y N 178 
WFB C14   C15    sing N N 179 
WFB C15   N5     doub N N 180 
WFB C15   N4     sing N N 181 
WFB C4    H6     sing N N 182 
WFB C7    H7     sing N N 183 
WFB C8    H8     sing N N 184 
WFB C12   H9     sing N N 185 
WFB C13   H10    sing N N 186 
WFB N1    H1     sing N N 187 
WFB N1    H2     sing N N 188 
WFB N2    H4     sing N N 189 
WFB C3    H5     sing N N 190 
WFB C16   H15    sing N N 191 
WFB C17   H16    sing N N 192 
WFB C19   H18    sing N N 193 
WFB C20   H19    sing N N 194 
WFB C21   H20    sing N N 195 
WFB N4    H11    sing N N 196 
WFB N4    H12    sing N N 197 
WFB N5    H13    sing N N 198 
WFB N6    H17    sing N N 199 
# 
_ndb_struct_conf_na.entry_id   8FDQ 
_ndb_struct_conf_na.feature    'b-form double helix' 
# 
loop_
_ndb_struct_na_base_pair.model_number 
_ndb_struct_na_base_pair.i_label_asym_id 
_ndb_struct_na_base_pair.i_label_comp_id 
_ndb_struct_na_base_pair.i_label_seq_id 
_ndb_struct_na_base_pair.i_symmetry 
_ndb_struct_na_base_pair.j_label_asym_id 
_ndb_struct_na_base_pair.j_label_comp_id 
_ndb_struct_na_base_pair.j_label_seq_id 
_ndb_struct_na_base_pair.j_symmetry 
_ndb_struct_na_base_pair.shear 
_ndb_struct_na_base_pair.stretch 
_ndb_struct_na_base_pair.stagger 
_ndb_struct_na_base_pair.buckle 
_ndb_struct_na_base_pair.propeller 
_ndb_struct_na_base_pair.opening 
_ndb_struct_na_base_pair.pair_number 
_ndb_struct_na_base_pair.pair_name 
_ndb_struct_na_base_pair.i_auth_asym_id 
_ndb_struct_na_base_pair.i_auth_seq_id 
_ndb_struct_na_base_pair.i_PDB_ins_code 
_ndb_struct_na_base_pair.j_auth_asym_id 
_ndb_struct_na_base_pair.j_auth_seq_id 
_ndb_struct_na_base_pair.j_PDB_ins_code 
_ndb_struct_na_base_pair.hbond_type_28 
_ndb_struct_na_base_pair.hbond_type_12 
1 A DC 1  1_555 B DG 12 1_555 0.098  -0.160 0.336  -2.157  -4.384  -2.018 1  B_DC1:DG24_C  B 1  ? C 24 ? 19 1 
1 A DG 2  1_555 B DC 11 1_555 -0.047 -0.274 0.375  2.037   -16.971 -3.959 2  B_DG2:DC23_C  B 2  ? C 23 ? 19 1 
1 A DC 3  1_555 B DG 10 1_555 0.006  -0.104 0.054  -2.191  -4.123  1.190  3  B_DC3:DG22_C  B 3  ? C 22 ? 19 1 
1 A DA 4  1_555 B DT 9  1_555 0.066  -0.006 0.114  18.705  -11.340 1.540  4  B_DA4:DT21_C  B 4  ? C 21 ? 20 1 
1 A DA 5  1_555 B DT 8  1_555 0.192  -0.132 0.077  10.139  -19.040 1.271  5  B_DA5:DT20_C  B 5  ? C 20 ? 20 1 
1 A DA 6  1_555 B DT 7  1_555 -0.006 -0.144 0.211  3.154   -21.898 7.375  6  B_DA6:DT19_C  B 6  ? C 19 ? 20 1 
1 A DT 7  1_555 B DA 6  1_555 -0.106 -0.155 0.232  -1.167  -18.541 7.555  7  B_DT7:DA18_C  B 7  ? C 18 ? 20 1 
1 A DT 8  1_555 B DA 5  1_555 -0.078 -0.149 0.067  -10.452 -19.267 3.399  8  B_DT8:DA17_C  B 8  ? C 17 ? 20 1 
1 A DT 9  1_555 B DA 4  1_555 -0.092 -0.002 -0.136 -14.735 -12.126 -3.672 9  B_DT9:DA16_C  B 9  ? C 16 ? 20 1 
1 A DG 10 1_555 B DC 3  1_555 -0.044 -0.099 0.187  5.716   -6.141  0.609  10 B_DG10:DC15_C B 10 ? C 15 ? 19 1 
1 A DC 11 1_555 B DG 2  1_555 0.148  -0.244 0.281  1.031   -17.978 -3.025 11 B_DC11:DG14_C B 11 ? C 14 ? 19 1 
1 A DG 12 1_555 B DC 1  1_555 -0.227 -0.178 0.244  -1.580  -11.188 -0.939 12 B_DG12:DC13_C B 12 ? C 13 ? 19 1 
# 
loop_
_ndb_struct_na_base_pair_step.model_number 
_ndb_struct_na_base_pair_step.i_label_asym_id_1 
_ndb_struct_na_base_pair_step.i_label_comp_id_1 
_ndb_struct_na_base_pair_step.i_label_seq_id_1 
_ndb_struct_na_base_pair_step.i_symmetry_1 
_ndb_struct_na_base_pair_step.j_label_asym_id_1 
_ndb_struct_na_base_pair_step.j_label_comp_id_1 
_ndb_struct_na_base_pair_step.j_label_seq_id_1 
_ndb_struct_na_base_pair_step.j_symmetry_1 
_ndb_struct_na_base_pair_step.i_label_asym_id_2 
_ndb_struct_na_base_pair_step.i_label_comp_id_2 
_ndb_struct_na_base_pair_step.i_label_seq_id_2 
_ndb_struct_na_base_pair_step.i_symmetry_2 
_ndb_struct_na_base_pair_step.j_label_asym_id_2 
_ndb_struct_na_base_pair_step.j_label_comp_id_2 
_ndb_struct_na_base_pair_step.j_label_seq_id_2 
_ndb_struct_na_base_pair_step.j_symmetry_2 
_ndb_struct_na_base_pair_step.shift 
_ndb_struct_na_base_pair_step.slide 
_ndb_struct_na_base_pair_step.rise 
_ndb_struct_na_base_pair_step.tilt 
_ndb_struct_na_base_pair_step.roll 
_ndb_struct_na_base_pair_step.twist 
_ndb_struct_na_base_pair_step.x_displacement 
_ndb_struct_na_base_pair_step.y_displacement 
_ndb_struct_na_base_pair_step.helical_rise 
_ndb_struct_na_base_pair_step.inclination 
_ndb_struct_na_base_pair_step.tip 
_ndb_struct_na_base_pair_step.helical_twist 
_ndb_struct_na_base_pair_step.step_number 
_ndb_struct_na_base_pair_step.step_name 
_ndb_struct_na_base_pair_step.i_auth_asym_id_1 
_ndb_struct_na_base_pair_step.i_auth_seq_id_1 
_ndb_struct_na_base_pair_step.i_PDB_ins_code_1 
_ndb_struct_na_base_pair_step.j_auth_asym_id_1 
_ndb_struct_na_base_pair_step.j_auth_seq_id_1 
_ndb_struct_na_base_pair_step.j_PDB_ins_code_1 
_ndb_struct_na_base_pair_step.i_auth_asym_id_2 
_ndb_struct_na_base_pair_step.i_auth_seq_id_2 
_ndb_struct_na_base_pair_step.i_PDB_ins_code_2 
_ndb_struct_na_base_pair_step.j_auth_asym_id_2 
_ndb_struct_na_base_pair_step.j_auth_seq_id_2 
_ndb_struct_na_base_pair_step.j_PDB_ins_code_2 
1 A DC 1  1_555 B DG 12 1_555 A DG 2  1_555 B DC 11 1_555 -0.073 0.392  3.307 0.609  -1.267  36.214 0.809  0.203  3.290 -2.037  
-0.979 36.240 1  BB_DC1DG2:DC23DG24_CC   B 1  ? C 24 ? B 2  ? C 23 ? 
1 A DG 2  1_555 B DC 11 1_555 A DC 3  1_555 B DG 10 1_555 0.632  0.810  3.476 3.211  -10.743 42.307 2.160  -0.528 3.224 -14.580 
-4.358 43.702 2  BB_DG2DC3:DG22DC23_CC   B 2  ? C 23 ? B 3  ? C 22 ? 
1 A DC 3  1_555 B DG 10 1_555 A DA 4  1_555 B DT 9  1_555 -0.245 1.041  2.941 1.233  2.736   28.583 1.536  0.746  3.013 5.522   
-2.488 28.737 3  BB_DC3DA4:DT21DG22_CC   B 3  ? C 22 ? B 4  ? C 21 ? 
1 A DA 4  1_555 B DT 9  1_555 A DA 5  1_555 B DT 8  1_555 -0.354 0.372  3.423 -1.576 -0.045  40.884 0.537  0.325  3.433 -0.065  
2.255  40.913 4  BB_DA4DA5:DT20DT21_CC   B 4  ? C 21 ? B 5  ? C 20 ? 
1 A DA 5  1_555 B DT 8  1_555 A DA 6  1_555 B DT 7  1_555 0.342  -0.008 3.264 -1.779 3.507   37.294 -0.470 -0.763 3.231 5.466   
2.773  37.493 5  BB_DA5DA6:DT19DT20_CC   B 5  ? C 20 ? B 6  ? C 19 ? 
1 A DA 6  1_555 B DT 7  1_555 A DT 7  1_555 B DA 6  1_555 0.250  -0.563 3.254 0.185  2.664   30.234 -1.605 -0.441 3.195 5.094   
-0.353 30.349 6  BB_DA6DT7:DA18DT19_CC   B 6  ? C 19 ? B 7  ? C 18 ? 
1 A DT 7  1_555 B DA 6  1_555 A DT 8  1_555 B DA 5  1_555 -0.140 -0.212 3.317 2.656  4.684   37.610 -0.928 0.557  3.252 7.219   
-4.094 37.980 7  BB_DT7DT8:DA17DA18_CC   B 7  ? C 18 ? B 8  ? C 17 ? 
1 A DT 8  1_555 B DA 5  1_555 A DT 9  1_555 B DA 4  1_555 -0.415 -0.045 3.294 2.826  -0.866  39.355 0.035  0.949  3.258 -1.284  
-4.189 39.461 8  BB_DT8DT9:DA16DA17_CC   B 8  ? C 17 ? B 9  ? C 16 ? 
1 A DT 9  1_555 B DA 4  1_555 A DG 10 1_555 B DC 3  1_555 0.738  0.907  2.917 -4.706 4.377   28.308 0.948  -2.401 2.865 8.807   
9.468  29.013 9  BB_DT9DG10:DC15DA16_CC  B 9  ? C 16 ? B 10 ? C 15 ? 
1 A DG 10 1_555 B DC 3  1_555 A DC 11 1_555 B DG 2  1_555 -1.076 0.379  3.440 -3.575 -10.199 41.756 1.575  1.094  3.339 -14.028 
4.917  43.071 10 BB_DG10DC11:DG14DC15_CC B 10 ? C 15 ? B 11 ? C 14 ? 
1 A DC 11 1_555 B DG 2  1_555 A DG 12 1_555 B DC 1  1_555 -0.340 0.096  3.250 -0.930 8.312   33.045 -1.159 0.432  3.188 14.330  
1.603  34.059 11 BB_DC11DG12:DC13DG14_CC B 11 ? C 14 ? B 12 ? C 13 ? 
# 
_pdbx_audit_support.funding_organization   
'National Institutes of Health/National Institute of General Medical Sciences (NIH/NIGMS)' 
_pdbx_audit_support.country                'United States' 
_pdbx_audit_support.grant_number           GM111749 
_pdbx_audit_support.ordinal                1 
# 
loop_
_pdbx_entity_nonpoly.entity_id 
_pdbx_entity_nonpoly.name 
_pdbx_entity_nonpoly.comp_id 
2 "4,4'-(1H-benzimidazole-2,6-diyl)di(benzene-1-carboximidamide)" WFB 
3 'MAGNESIUM ION'                                                 MG  
4 water                                                           HOH 
# 
_pdbx_initial_refinement_model.id               1 
_pdbx_initial_refinement_model.entity_id_list   ? 
_pdbx_initial_refinement_model.type             'experimental model' 
_pdbx_initial_refinement_model.source_name      PDB 
_pdbx_initial_refinement_model.accession_code   1BNA 
_pdbx_initial_refinement_model.details          ? 
# 
_pdbx_struct_assembly_auth_evidence.id                     1 
_pdbx_struct_assembly_auth_evidence.assembly_id            1 
_pdbx_struct_assembly_auth_evidence.experimental_support   'mass spectrometry' 
_pdbx_struct_assembly_auth_evidence.details                ? 
# 
